data_3PII
#
_entry.id   3PII
#
_cell.length_a   145.650
_cell.length_b   145.650
_cell.length_c   135.518
_cell.angle_alpha   90.00
_cell.angle_beta   90.00
_cell.angle_gamma   120.00
#
_symmetry.space_group_name_H-M   'P 63'
#
loop_
_entity.id
_entity.type
_entity.pdbx_description
1 polymer 'Alcohol dehydrogenase'
2 non-polymer 'ZINC ION'
3 non-polymer BUTYRAMIDE
4 non-polymer 'SULFATE ION'
5 water water
#
_entity_poly.entity_id   1
_entity_poly.type   'polypeptide(L)'
_entity_poly.pdbx_seq_one_letter_code
;MKAAVVEQFKEPLKIKEVEKPTISYGEVLVRIKACGVCHTDLHAAHGDWPVKPKLPLIPGHEGVGIVEEVGPGVTHLKVG
DRVGIPWLYSACGHCDYCLSGQETLCEHQKNAGYSVDGGYAEYCRAAADYVVKIPDNLSFEEAAPIFCAGVTTYKALKVT
GAKPGEWVAIYGIGGFGHVAVQYAKAMGLNVVAVDIGDEKLELAKELGADLVVNPLKEDAAKFMKEKVGGVHAAVVTAVS
KPAFQSAYNSIRRGGACVLVGLPPEEMPIPIFDTVLNGIKIIGSIVGTRKDLQEALQFAAEGKVKTIIEVQPLEKINEVF
DRMLKGQINGRVVLTLEDK
;
_entity_poly.pdbx_strand_id   A,C,B,D
#
loop_
_chem_comp.id
_chem_comp.type
_chem_comp.name
_chem_comp.formula
BMD non-polymer BUTYRAMIDE 'C4 H9 N O'
SO4 non-polymer 'SULFATE ION' 'O4 S -2'
ZN non-polymer 'ZINC ION' 'Zn 2'
#
# COMPACT_ATOMS: atom_id res chain seq x y z
N MET A 1 9.60 -48.45 -6.18
CA MET A 1 9.22 -47.67 -4.94
C MET A 1 7.79 -47.99 -4.50
N LYS A 2 7.47 -47.73 -3.23
CA LYS A 2 6.10 -47.90 -2.69
C LYS A 2 5.33 -46.59 -2.44
N ALA A 3 4.04 -46.60 -2.74
CA ALA A 3 3.20 -45.41 -2.63
C ALA A 3 1.87 -45.75 -2.03
N ALA A 4 1.09 -44.72 -1.69
CA ALA A 4 -0.25 -44.95 -1.21
C ALA A 4 -1.24 -44.48 -2.27
N VAL A 5 -1.67 -45.40 -3.13
CA VAL A 5 -2.40 -45.05 -4.35
C VAL A 5 -3.91 -44.96 -4.16
N VAL A 6 -4.51 -43.88 -4.64
CA VAL A 6 -5.95 -43.78 -4.68
C VAL A 6 -6.37 -44.39 -6.00
N GLU A 7 -6.80 -45.65 -5.95
CA GLU A 7 -7.22 -46.38 -7.16
C GLU A 7 -8.67 -46.08 -7.59
N GLN A 8 -9.61 -46.12 -6.63
CA GLN A 8 -11.01 -45.74 -6.87
C GLN A 8 -11.38 -44.77 -5.76
N PHE A 9 -12.27 -43.83 -6.04
CA PHE A 9 -12.73 -42.83 -5.06
C PHE A 9 -13.44 -43.48 -3.88
N LYS A 10 -13.26 -42.88 -2.70
CA LYS A 10 -13.85 -43.30 -1.42
C LYS A 10 -13.36 -44.66 -0.89
N GLU A 11 -12.85 -45.48 -1.82
CA GLU A 11 -12.26 -46.78 -1.51
C GLU A 11 -10.93 -46.58 -0.78
N PRO A 12 -10.71 -47.35 0.32
CA PRO A 12 -9.42 -47.47 1.01
C PRO A 12 -8.22 -47.46 0.06
N LEU A 13 -7.15 -46.77 0.44
CA LEU A 13 -5.97 -46.61 -0.41
C LEU A 13 -5.09 -47.83 -0.40
N LYS A 14 -4.55 -48.19 -1.55
CA LYS A 14 -3.68 -49.35 -1.65
C LYS A 14 -2.26 -48.89 -1.40
N ILE A 15 -1.64 -49.39 -0.34
CA ILE A 15 -0.18 -49.33 -0.19
C ILE A 15 0.38 -50.39 -1.16
N LYS A 16 0.98 -49.97 -2.28
CA LYS A 16 1.53 -50.93 -3.26
C LYS A 16 2.82 -50.48 -3.92
N GLU A 17 3.62 -51.44 -4.36
CA GLU A 17 4.89 -51.09 -4.99
C GLU A 17 4.63 -50.57 -6.39
N VAL A 18 5.09 -49.35 -6.66
CA VAL A 18 4.85 -48.72 -7.98
C VAL A 18 6.10 -48.19 -8.66
N GLU A 19 5.92 -47.81 -9.92
CA GLU A 19 7.04 -47.50 -10.79
C GLU A 19 7.70 -46.19 -10.37
N LYS A 20 8.99 -46.26 -10.08
CA LYS A 20 9.75 -45.07 -9.64
C LYS A 20 9.96 -44.09 -10.82
N PRO A 21 9.41 -42.85 -10.71
CA PRO A 21 9.29 -41.95 -11.86
C PRO A 21 10.59 -41.44 -12.40
N THR A 22 10.54 -41.04 -13.66
CA THR A 22 11.70 -40.58 -14.37
C THR A 22 11.61 -39.05 -14.46
N ILE A 23 12.74 -38.41 -14.72
CA ILE A 23 12.80 -36.94 -14.77
C ILE A 23 13.55 -36.39 -15.97
N SER A 24 12.96 -35.38 -16.61
CA SER A 24 13.56 -34.75 -17.79
C SER A 24 14.16 -33.43 -17.38
N TYR A 25 14.14 -32.49 -18.31
CA TYR A 25 14.62 -31.12 -18.10
C TYR A 25 13.80 -30.37 -17.08
N GLY A 26 14.48 -29.47 -16.35
CA GLY A 26 13.84 -28.53 -15.43
C GLY A 26 13.13 -29.17 -14.25
N GLU A 27 13.43 -30.45 -14.00
CA GLU A 27 12.75 -31.27 -12.99
C GLU A 27 13.72 -31.80 -11.97
N VAL A 28 13.21 -32.20 -10.81
CA VAL A 28 14.06 -32.87 -9.84
C VAL A 28 13.38 -34.11 -9.32
N LEU A 29 14.20 -35.14 -9.02
CA LEU A 29 13.72 -36.28 -8.26
C LEU A 29 14.10 -36.18 -6.80
N VAL A 30 13.11 -36.39 -5.95
CA VAL A 30 13.20 -36.14 -4.52
C VAL A 30 12.94 -37.45 -3.79
N ARG A 31 13.80 -37.82 -2.83
CA ARG A 31 13.45 -38.94 -1.95
C ARG A 31 12.74 -38.41 -0.74
N ILE A 32 11.45 -38.71 -0.67
CA ILE A 32 10.58 -38.28 0.40
C ILE A 32 10.96 -38.84 1.79
N LYS A 33 11.38 -37.95 2.70
CA LYS A 33 11.62 -38.27 4.12
C LYS A 33 10.33 -38.19 4.94
N ALA A 34 9.51 -37.16 4.71
CA ALA A 34 8.19 -37.06 5.37
C ALA A 34 7.14 -36.41 4.47
N CYS A 35 5.87 -36.52 4.88
CA CYS A 35 4.79 -35.88 4.15
C CYS A 35 3.57 -35.65 5.00
N GLY A 36 3.22 -34.38 5.19
CA GLY A 36 2.03 -34.01 5.94
C GLY A 36 0.74 -34.39 5.26
N VAL A 37 -0.22 -34.77 6.09
CA VAL A 37 -1.54 -35.13 5.66
C VAL A 37 -2.40 -33.97 6.14
N CYS A 38 -3.36 -33.56 5.31
CA CYS A 38 -4.43 -32.66 5.76
C CYS A 38 -5.75 -32.97 5.03
N HIS A 39 -6.82 -32.27 5.43
CA HIS A 39 -8.14 -32.37 4.78
C HIS A 39 -8.12 -32.41 3.24
N THR A 40 -7.23 -31.65 2.64
CA THR A 40 -7.19 -31.60 1.19
C THR A 40 -6.96 -32.99 0.62
N ASP A 41 -5.96 -33.69 1.15
CA ASP A 41 -5.63 -35.05 0.73
C ASP A 41 -6.88 -35.93 0.74
N LEU A 42 -7.62 -35.90 1.86
CA LEU A 42 -8.82 -36.71 2.04
C LEU A 42 -9.87 -36.43 0.96
N HIS A 43 -10.05 -35.15 0.60
CA HIS A 43 -10.96 -34.76 -0.48
C HIS A 43 -10.46 -35.22 -1.85
N ALA A 44 -9.19 -35.59 -1.94
CA ALA A 44 -8.66 -36.20 -3.16
C ALA A 44 -8.99 -37.71 -3.20
N ALA A 45 -9.07 -38.34 -2.03
CA ALA A 45 -9.51 -39.73 -1.94
C ALA A 45 -11.00 -39.77 -2.28
N HIS A 46 -11.81 -39.13 -1.44
CA HIS A 46 -13.27 -39.06 -1.60
C HIS A 46 -13.78 -38.58 -2.97
N GLY A 47 -12.94 -37.84 -3.71
CA GLY A 47 -13.27 -37.35 -5.06
C GLY A 47 -14.42 -36.36 -5.19
N ASP A 48 -14.68 -35.59 -4.14
CA ASP A 48 -15.91 -34.79 -4.02
C ASP A 48 -15.71 -33.28 -4.08
N TRP A 49 -14.94 -32.82 -5.04
CA TRP A 49 -14.75 -31.40 -5.26
C TRP A 49 -15.00 -31.11 -6.73
N PRO A 50 -15.58 -29.93 -7.03
CA PRO A 50 -15.83 -29.52 -8.41
C PRO A 50 -14.90 -30.23 -9.42
N VAL A 51 -13.63 -29.83 -9.48
CA VAL A 51 -12.63 -30.49 -10.34
C VAL A 51 -12.07 -31.66 -9.53
N LYS A 52 -12.37 -32.88 -9.95
CA LYS A 52 -11.79 -34.08 -9.30
C LYS A 52 -10.50 -34.53 -10.04
N PRO A 53 -9.56 -35.22 -9.31
CA PRO A 53 -8.27 -35.70 -9.84
C PRO A 53 -8.35 -36.81 -10.87
N LYS A 54 -7.26 -37.03 -11.60
CA LYS A 54 -7.10 -38.23 -12.44
C LYS A 54 -6.65 -39.39 -11.56
N LEU A 55 -7.33 -40.54 -11.71
CA LEU A 55 -7.00 -41.77 -10.99
C LEU A 55 -6.20 -42.74 -11.86
N PRO A 56 -5.22 -43.46 -11.29
CA PRO A 56 -4.70 -43.47 -9.93
C PRO A 56 -4.01 -42.16 -9.54
N LEU A 57 -3.89 -41.93 -8.23
CA LEU A 57 -3.23 -40.72 -7.70
C LEU A 57 -2.48 -40.99 -6.41
N ILE A 58 -1.31 -40.40 -6.26
CA ILE A 58 -0.57 -40.47 -5.02
C ILE A 58 -0.65 -39.10 -4.36
N PRO A 59 -1.44 -38.97 -3.28
CA PRO A 59 -1.63 -37.66 -2.66
C PRO A 59 -0.35 -37.08 -2.04
N GLY A 60 -0.47 -35.90 -1.44
CA GLY A 60 0.61 -35.29 -0.67
C GLY A 60 1.15 -34.07 -1.34
N HIS A 61 0.86 -32.91 -0.74
CA HIS A 61 1.34 -31.62 -1.21
C HIS A 61 2.05 -30.97 -0.02
N GLU A 62 2.57 -31.82 0.85
CA GLU A 62 3.34 -31.38 2.00
C GLU A 62 4.54 -32.33 2.08
N GLY A 63 4.90 -32.96 0.97
CA GLY A 63 6.05 -33.85 0.97
C GLY A 63 7.37 -33.08 1.01
N VAL A 64 8.25 -33.48 1.93
CA VAL A 64 9.62 -32.92 2.09
C VAL A 64 10.64 -34.06 2.13
N GLY A 65 11.86 -33.82 1.64
CA GLY A 65 12.90 -34.85 1.49
C GLY A 65 14.20 -34.34 0.88
N ILE A 66 14.87 -35.19 0.09
CA ILE A 66 16.20 -34.88 -0.47
C ILE A 66 16.32 -34.91 -2.01
N VAL A 67 17.02 -33.95 -2.57
CA VAL A 67 17.21 -33.94 -4.00
C VAL A 67 18.20 -35.03 -4.35
N GLU A 68 17.65 -36.16 -4.78
CA GLU A 68 18.44 -37.31 -5.26
C GLU A 68 19.05 -37.14 -6.65
N GLU A 69 18.29 -36.67 -7.64
CA GLU A 69 18.92 -36.26 -8.91
C GLU A 69 18.38 -34.97 -9.55
N VAL A 70 19.27 -34.22 -10.18
CA VAL A 70 18.88 -32.97 -10.83
C VAL A 70 18.80 -33.22 -12.33
N GLY A 71 17.62 -33.03 -12.92
CA GLY A 71 17.46 -33.09 -14.38
C GLY A 71 18.26 -32.06 -15.20
N PRO A 72 18.53 -32.36 -16.49
CA PRO A 72 19.31 -31.43 -17.33
C PRO A 72 18.87 -29.99 -17.16
N GLY A 73 19.85 -29.08 -17.03
CA GLY A 73 19.61 -27.63 -16.98
C GLY A 73 19.22 -26.91 -15.69
N VAL A 74 18.74 -27.63 -14.66
CA VAL A 74 18.46 -26.99 -13.37
C VAL A 74 19.81 -26.52 -12.77
N THR A 75 19.85 -25.34 -12.14
CA THR A 75 21.12 -24.90 -11.56
C THR A 75 21.07 -24.37 -10.13
N HIS A 76 19.89 -23.98 -9.63
CA HIS A 76 19.78 -23.47 -8.24
C HIS A 76 19.79 -24.60 -7.18
N LEU A 77 19.08 -25.69 -7.44
CA LEU A 77 19.12 -26.82 -6.52
C LEU A 77 20.30 -27.76 -6.82
N LYS A 78 20.93 -28.28 -5.78
CA LYS A 78 22.01 -29.21 -5.96
C LYS A 78 21.67 -30.54 -5.30
N VAL A 79 22.19 -31.63 -5.87
CA VAL A 79 21.97 -32.95 -5.31
C VAL A 79 22.21 -32.90 -3.82
N GLY A 80 21.28 -33.42 -3.03
CA GLY A 80 21.46 -33.49 -1.58
C GLY A 80 20.86 -32.35 -0.77
N ASP A 81 20.39 -31.31 -1.45
CA ASP A 81 19.68 -30.23 -0.79
C ASP A 81 18.42 -30.79 -0.13
N ARG A 82 18.05 -30.18 1.00
CA ARG A 82 16.82 -30.49 1.71
C ARG A 82 15.74 -29.60 1.12
N VAL A 83 14.55 -30.15 0.92
CA VAL A 83 13.62 -29.55 -0.05
C VAL A 83 12.16 -30.00 0.18
N GLY A 84 11.18 -29.20 -0.30
CA GLY A 84 9.76 -29.51 -0.17
C GLY A 84 8.94 -29.26 -1.44
N ILE A 85 7.86 -30.04 -1.63
CA ILE A 85 7.03 -29.97 -2.84
C ILE A 85 5.63 -29.62 -2.43
N PRO A 86 5.30 -28.31 -2.46
CA PRO A 86 4.08 -27.71 -1.94
C PRO A 86 2.92 -27.86 -2.92
N TRP A 87 1.73 -27.40 -2.53
CA TRP A 87 0.49 -27.51 -3.33
C TRP A 87 0.67 -27.07 -4.76
N LEU A 88 1.18 -25.84 -4.94
CA LEU A 88 1.53 -25.33 -6.27
C LEU A 88 2.73 -26.05 -6.85
N TYR A 89 2.46 -27.14 -7.54
CA TYR A 89 3.48 -27.97 -8.18
C TYR A 89 4.27 -27.22 -9.24
N SER A 90 3.54 -26.38 -9.98
CA SER A 90 4.06 -25.64 -11.14
C SER A 90 3.02 -24.59 -11.56
N ALA A 91 3.49 -23.49 -12.15
CA ALA A 91 2.62 -22.52 -12.79
C ALA A 91 3.36 -22.03 -14.01
N CYS A 92 2.68 -21.29 -14.89
CA CYS A 92 3.21 -20.97 -16.22
C CYS A 92 4.41 -19.99 -16.20
N GLY A 93 4.48 -19.14 -15.19
CA GLY A 93 5.59 -18.20 -15.07
C GLY A 93 5.52 -17.03 -16.03
N HIS A 94 4.44 -16.96 -16.82
CA HIS A 94 4.38 -15.98 -17.91
C HIS A 94 3.10 -15.21 -18.01
N CYS A 95 2.03 -15.71 -17.38
CA CYS A 95 0.73 -15.03 -17.34
C CYS A 95 0.82 -13.85 -16.40
N ASP A 96 -0.24 -13.04 -16.36
CA ASP A 96 -0.27 -11.87 -15.49
C ASP A 96 -0.11 -12.22 -14.00
N TYR A 97 -0.83 -13.26 -13.57
CA TYR A 97 -0.85 -13.68 -12.18
C TYR A 97 0.58 -13.94 -11.79
N CYS A 98 1.24 -14.82 -12.55
CA CYS A 98 2.64 -15.16 -12.30
C CYS A 98 3.53 -13.95 -12.19
N LEU A 99 3.24 -12.90 -12.96
CA LEU A 99 4.16 -11.75 -13.02
C LEU A 99 3.79 -10.63 -12.07
N SER A 100 2.59 -10.71 -11.47
CA SER A 100 2.24 -9.83 -10.35
C SER A 100 3.06 -10.26 -9.14
N GLY A 101 2.97 -11.56 -8.87
CA GLY A 101 3.37 -12.22 -7.63
C GLY A 101 2.11 -12.92 -7.13
N GLN A 102 1.39 -13.54 -8.06
CA GLN A 102 0.14 -14.25 -7.74
C GLN A 102 0.16 -15.58 -8.45
N GLU A 103 1.34 -16.20 -8.49
CA GLU A 103 1.49 -17.54 -9.05
C GLU A 103 0.51 -18.54 -8.41
N THR A 104 0.16 -18.29 -7.17
CA THR A 104 -0.80 -19.12 -6.49
C THR A 104 -2.08 -19.30 -7.32
N LEU A 105 -2.36 -18.35 -8.22
CA LEU A 105 -3.67 -18.25 -8.90
C LEU A 105 -3.63 -18.60 -10.39
N CYS A 106 -2.46 -18.97 -10.90
CA CYS A 106 -2.25 -19.24 -12.31
C CYS A 106 -3.16 -20.32 -12.90
N GLU A 107 -4.01 -19.94 -13.85
CA GLU A 107 -4.89 -20.89 -14.58
C GLU A 107 -4.22 -22.17 -15.11
N HIS A 108 -2.91 -22.14 -15.33
CA HIS A 108 -2.25 -23.31 -15.94
C HIS A 108 -1.48 -24.15 -14.93
N GLN A 109 -1.59 -23.78 -13.65
CA GLN A 109 -0.90 -24.45 -12.53
C GLN A 109 -1.25 -25.93 -12.40
N LYS A 110 -0.22 -26.79 -12.25
CA LYS A 110 -0.42 -28.16 -11.79
C LYS A 110 -0.37 -28.21 -10.26
N ASN A 111 -1.19 -29.05 -9.62
CA ASN A 111 -1.13 -29.23 -8.17
C ASN A 111 -0.55 -30.58 -7.72
N ALA A 112 0.41 -30.54 -6.79
CA ALA A 112 1.06 -31.74 -6.27
C ALA A 112 0.12 -32.56 -5.42
N GLY A 113 0.18 -33.89 -5.58
CA GLY A 113 -0.68 -34.77 -4.82
C GLY A 113 -2.16 -34.63 -5.12
N TYR A 114 -2.49 -34.10 -6.30
CA TYR A 114 -3.90 -33.96 -6.75
C TYR A 114 -4.00 -34.13 -8.27
N SER A 115 -3.40 -33.20 -9.03
CA SER A 115 -3.35 -33.33 -10.49
C SER A 115 -2.04 -33.97 -10.96
N VAL A 116 -1.08 -34.11 -10.07
CA VAL A 116 0.05 -35.03 -10.30
C VAL A 116 0.48 -35.65 -8.99
N ASP A 117 1.10 -36.83 -9.06
CA ASP A 117 1.61 -37.53 -7.87
C ASP A 117 2.49 -36.63 -7.04
N GLY A 118 2.21 -36.69 -5.74
CA GLY A 118 2.97 -35.97 -4.72
C GLY A 118 3.71 -36.83 -3.70
N GLY A 119 3.53 -36.50 -2.42
CA GLY A 119 4.40 -37.00 -1.35
C GLY A 119 4.14 -38.33 -0.64
N TYR A 120 2.98 -38.96 -0.88
CA TYR A 120 2.64 -40.26 -0.27
C TYR A 120 3.39 -41.47 -0.84
N ALA A 121 4.53 -41.20 -1.47
CA ALA A 121 5.36 -42.21 -2.04
C ALA A 121 6.76 -42.03 -1.46
N GLU A 122 7.67 -42.94 -1.84
CA GLU A 122 9.07 -42.89 -1.41
C GLU A 122 9.81 -41.89 -2.24
N TYR A 123 9.35 -41.72 -3.48
CA TYR A 123 9.94 -40.78 -4.42
C TYR A 123 8.90 -39.88 -5.06
N CYS A 124 9.38 -38.74 -5.56
CA CYS A 124 8.49 -37.76 -6.16
C CYS A 124 9.21 -36.90 -7.15
N ARG A 125 8.68 -36.85 -8.36
CA ARG A 125 9.20 -35.97 -9.41
C ARG A 125 8.64 -34.59 -9.14
N ALA A 126 9.44 -33.54 -9.39
CA ALA A 126 9.02 -32.17 -9.08
C ALA A 126 9.50 -31.14 -10.08
N ALA A 127 8.85 -29.98 -10.11
CA ALA A 127 9.31 -28.92 -10.99
C ALA A 127 10.41 -28.12 -10.30
N ALA A 128 11.65 -28.29 -10.73
CA ALA A 128 12.80 -27.60 -10.10
C ALA A 128 12.59 -26.14 -9.66
N ASP A 129 11.81 -25.38 -10.42
CA ASP A 129 11.76 -23.96 -10.14
C ASP A 129 10.71 -23.72 -9.06
N TYR A 130 10.03 -24.78 -8.65
CA TYR A 130 8.80 -24.66 -7.80
C TYR A 130 8.89 -25.35 -6.43
N VAL A 131 10.01 -26.02 -6.18
CA VAL A 131 10.28 -26.56 -4.87
C VAL A 131 10.93 -25.48 -4.03
N VAL A 132 10.88 -25.63 -2.72
CA VAL A 132 11.50 -24.66 -1.84
C VAL A 132 12.48 -25.37 -0.94
N LYS A 133 13.63 -24.72 -0.73
CA LYS A 133 14.58 -25.23 0.23
C LYS A 133 14.05 -25.12 1.67
N ILE A 134 14.19 -26.21 2.45
CA ILE A 134 13.92 -26.15 3.87
C ILE A 134 15.16 -25.58 4.52
N PRO A 135 14.99 -24.60 5.42
CA PRO A 135 16.17 -24.08 6.13
C PRO A 135 16.88 -25.21 6.91
N ASP A 136 18.20 -25.04 7.14
CA ASP A 136 19.02 -26.04 7.81
C ASP A 136 18.52 -26.39 9.22
N ASN A 137 18.06 -25.40 9.97
CA ASN A 137 17.82 -25.61 11.39
C ASN A 137 16.41 -26.12 11.72
N LEU A 138 15.85 -26.88 10.79
CA LEU A 138 14.45 -27.25 10.87
C LEU A 138 14.25 -28.66 10.37
N SER A 139 13.64 -29.49 11.19
CA SER A 139 13.60 -30.89 10.85
C SER A 139 12.60 -31.14 9.70
N PHE A 140 12.80 -32.23 8.97
CA PHE A 140 11.81 -32.65 8.01
C PHE A 140 10.45 -32.82 8.69
N GLU A 141 10.44 -33.44 9.86
CA GLU A 141 9.21 -33.55 10.66
C GLU A 141 8.47 -32.21 10.77
N GLU A 142 9.17 -31.19 11.24
CA GLU A 142 8.56 -29.91 11.57
C GLU A 142 8.16 -29.14 10.34
N ALA A 143 8.98 -29.21 9.30
CA ALA A 143 8.78 -28.44 8.09
C ALA A 143 7.53 -28.88 7.32
N ALA A 144 7.31 -30.19 7.21
CA ALA A 144 6.20 -30.69 6.38
C ALA A 144 4.91 -29.89 6.51
N PRO A 145 4.43 -29.66 7.75
CA PRO A 145 3.17 -28.92 7.87
C PRO A 145 3.30 -27.44 7.49
N ILE A 146 4.50 -26.88 7.61
CA ILE A 146 4.69 -25.46 7.30
C ILE A 146 4.35 -25.20 5.83
N PHE A 147 4.58 -26.21 5.00
CA PHE A 147 4.26 -26.19 3.56
C PHE A 147 2.79 -26.01 3.18
N CYS A 148 1.88 -26.21 4.11
CA CYS A 148 0.47 -25.99 3.81
C CYS A 148 -0.18 -25.19 4.93
N ALA A 149 -0.29 -25.80 6.11
CA ALA A 149 -0.85 -25.14 7.29
C ALA A 149 -0.14 -23.83 7.67
N GLY A 150 1.20 -23.89 7.73
CA GLY A 150 2.05 -22.72 7.93
C GLY A 150 1.74 -21.58 6.99
N VAL A 151 2.07 -21.71 5.69
CA VAL A 151 1.83 -20.61 4.73
C VAL A 151 0.38 -20.17 4.67
N THR A 152 -0.54 -21.13 4.56
CA THR A 152 -1.92 -20.76 4.36
C THR A 152 -2.26 -19.69 5.38
N THR A 153 -1.75 -19.93 6.56
CA THR A 153 -2.12 -19.21 7.73
C THR A 153 -1.29 -17.94 7.85
N TYR A 154 0.01 -18.05 7.58
CA TYR A 154 0.90 -16.92 7.62
C TYR A 154 0.40 -15.88 6.61
N LYS A 155 0.28 -16.33 5.35
CA LYS A 155 -0.26 -15.53 4.25
C LYS A 155 -1.59 -14.89 4.59
N ALA A 156 -2.49 -15.67 5.15
CA ALA A 156 -3.78 -15.16 5.57
C ALA A 156 -3.53 -13.97 6.41
N LEU A 157 -2.53 -14.06 7.30
CA LEU A 157 -2.28 -12.99 8.26
C LEU A 157 -1.76 -11.74 7.59
N LYS A 158 -0.83 -11.88 6.63
CA LYS A 158 -0.42 -10.72 5.81
C LYS A 158 -1.62 -10.07 5.10
N VAL A 159 -2.54 -10.90 4.61
CA VAL A 159 -3.70 -10.44 3.87
C VAL A 159 -4.65 -9.60 4.74
N THR A 160 -4.80 -9.96 6.01
CA THR A 160 -5.67 -9.17 6.89
C THR A 160 -5.18 -7.73 6.90
N GLY A 161 -3.90 -7.56 6.56
CA GLY A 161 -3.29 -6.25 6.55
C GLY A 161 -3.17 -5.61 7.91
N ALA A 162 -3.45 -6.36 8.97
CA ALA A 162 -3.27 -5.91 10.36
C ALA A 162 -1.79 -5.70 10.63
N LYS A 163 -1.47 -4.72 11.47
CA LYS A 163 -0.08 -4.30 11.68
C LYS A 163 0.33 -4.40 13.16
N PRO A 164 1.65 -4.51 13.43
CA PRO A 164 2.13 -4.60 14.80
C PRO A 164 1.38 -3.61 15.66
N GLY A 165 0.84 -4.10 16.76
CA GLY A 165 0.06 -3.27 17.65
C GLY A 165 -1.40 -3.62 17.61
N GLU A 166 -1.92 -3.97 16.43
CA GLU A 166 -3.35 -4.28 16.26
C GLU A 166 -3.76 -5.69 16.74
N TRP A 167 -5.05 -5.98 16.74
CA TRP A 167 -5.61 -7.25 17.30
C TRP A 167 -6.24 -8.14 16.25
N VAL A 168 -5.83 -9.42 16.15
CA VAL A 168 -6.58 -10.34 15.29
C VAL A 168 -7.24 -11.44 16.05
N ALA A 169 -8.39 -11.85 15.55
CA ALA A 169 -9.13 -12.93 16.17
C ALA A 169 -8.89 -14.15 15.35
N ILE A 170 -8.23 -15.17 15.90
CA ILE A 170 -8.13 -16.46 15.18
C ILE A 170 -9.28 -17.36 15.61
N TYR A 171 -10.05 -17.80 14.62
CA TYR A 171 -11.27 -18.59 14.80
C TYR A 171 -11.03 -20.07 14.48
N GLY A 172 -11.00 -20.88 15.53
CA GLY A 172 -10.74 -22.32 15.40
C GLY A 172 -9.28 -22.61 15.72
N ILE A 173 -8.99 -22.98 16.96
CA ILE A 173 -7.63 -23.32 17.32
C ILE A 173 -7.38 -24.81 17.07
N GLY A 174 -7.60 -25.24 15.82
CA GLY A 174 -7.25 -26.59 15.40
C GLY A 174 -5.91 -26.64 14.70
N GLY A 175 -5.89 -27.45 13.64
CA GLY A 175 -4.69 -27.65 12.82
C GLY A 175 -4.07 -26.37 12.31
N PHE A 176 -4.84 -25.56 11.59
CA PHE A 176 -4.41 -24.22 11.12
C PHE A 176 -4.32 -23.22 12.30
N GLY A 177 -5.40 -23.15 13.09
CA GLY A 177 -5.50 -22.14 14.14
C GLY A 177 -4.31 -22.08 15.10
N HIS A 178 -3.80 -23.26 15.45
CA HIS A 178 -2.79 -23.34 16.49
C HIS A 178 -1.48 -22.82 15.98
N VAL A 179 -1.25 -22.92 14.68
CA VAL A 179 -0.03 -22.31 14.16
C VAL A 179 -0.28 -20.84 13.81
N ALA A 180 -1.54 -20.47 13.55
CA ALA A 180 -1.88 -19.09 13.22
C ALA A 180 -1.52 -18.19 14.40
N VAL A 181 -1.96 -18.61 15.58
CA VAL A 181 -1.66 -17.89 16.81
C VAL A 181 -0.18 -17.59 16.90
N GLN A 182 0.67 -18.56 16.62
CA GLN A 182 2.09 -18.31 16.78
C GLN A 182 2.57 -17.30 15.74
N TYR A 183 2.05 -17.42 14.52
CA TYR A 183 2.43 -16.49 13.47
C TYR A 183 2.00 -15.08 13.79
N ALA A 184 0.76 -14.93 14.23
CA ALA A 184 0.26 -13.61 14.56
C ALA A 184 1.11 -13.01 15.69
N LYS A 185 1.54 -13.85 16.64
CA LYS A 185 2.36 -13.32 17.73
C LYS A 185 3.69 -12.84 17.13
N ALA A 186 4.30 -13.71 16.32
CA ALA A 186 5.57 -13.42 15.67
C ALA A 186 5.47 -12.19 14.78
N MET A 187 4.25 -11.88 14.29
CA MET A 187 4.04 -10.72 13.40
C MET A 187 3.69 -9.43 14.14
N GLY A 188 3.99 -9.38 15.43
CA GLY A 188 3.73 -8.19 16.22
C GLY A 188 2.32 -8.05 16.76
N LEU A 189 1.40 -8.91 16.31
CA LEU A 189 -0.01 -8.76 16.64
C LEU A 189 -0.36 -9.13 18.10
N ASN A 190 -1.57 -8.74 18.53
CA ASN A 190 -2.21 -9.28 19.74
C ASN A 190 -3.38 -10.20 19.35
N VAL A 191 -3.40 -11.42 19.87
CA VAL A 191 -4.36 -12.42 19.43
C VAL A 191 -5.58 -12.57 20.34
N VAL A 192 -6.79 -12.62 19.73
CA VAL A 192 -7.95 -13.30 20.36
C VAL A 192 -8.19 -14.72 19.80
N ALA A 193 -8.06 -15.74 20.63
CA ALA A 193 -8.46 -17.07 20.21
C ALA A 193 -9.94 -17.31 20.49
N VAL A 194 -10.64 -17.81 19.48
CA VAL A 194 -12.03 -18.17 19.63
C VAL A 194 -12.22 -19.65 19.32
N ASP A 195 -12.75 -20.41 20.28
CA ASP A 195 -13.04 -21.86 20.09
C ASP A 195 -14.10 -22.42 21.07
N ILE A 196 -14.88 -23.43 20.60
CA ILE A 196 -15.89 -24.11 21.46
C ILE A 196 -15.28 -24.92 22.59
N GLY A 197 -14.17 -25.60 22.33
CA GLY A 197 -13.43 -26.34 23.39
C GLY A 197 -12.38 -25.62 24.25
N ASP A 198 -12.64 -25.56 25.55
CA ASP A 198 -11.69 -25.06 26.56
C ASP A 198 -10.28 -25.69 26.46
N GLU A 199 -10.22 -26.99 26.15
CA GLU A 199 -9.05 -27.65 25.57
C GLU A 199 -8.18 -26.64 24.78
N LYS A 200 -8.71 -26.24 23.63
CA LYS A 200 -8.00 -25.45 22.65
C LYS A 200 -7.66 -24.06 23.19
N LEU A 201 -8.61 -23.47 23.92
CA LEU A 201 -8.39 -22.14 24.47
C LEU A 201 -7.28 -22.10 25.54
N GLU A 202 -7.03 -23.26 26.18
CA GLU A 202 -5.85 -23.43 27.03
C GLU A 202 -4.60 -23.52 26.19
N LEU A 203 -4.63 -24.38 25.15
CA LEU A 203 -3.49 -24.53 24.24
C LEU A 203 -3.07 -23.18 23.61
N ALA A 204 -4.08 -22.47 23.12
CA ALA A 204 -3.84 -21.23 22.44
C ALA A 204 -3.09 -20.29 23.38
N LYS A 205 -3.60 -20.15 24.60
CA LYS A 205 -2.95 -19.31 25.60
C LYS A 205 -1.46 -19.68 25.89
N GLU A 206 -1.11 -20.99 25.86
CA GLU A 206 0.29 -21.41 26.01
C GLU A 206 1.07 -20.97 24.81
N LEU A 207 0.39 -21.02 23.66
CA LEU A 207 0.98 -20.70 22.35
C LEU A 207 1.14 -19.20 22.07
N GLY A 208 0.62 -18.38 22.97
CA GLY A 208 0.96 -16.96 23.03
C GLY A 208 -0.25 -16.06 23.01
N ALA A 209 -1.43 -16.65 22.88
CA ALA A 209 -2.66 -15.90 22.66
C ALA A 209 -2.98 -14.98 23.83
N ASP A 210 -3.31 -13.73 23.53
CA ASP A 210 -3.59 -12.76 24.59
C ASP A 210 -4.92 -12.91 25.33
N LEU A 211 -6.00 -13.28 24.64
CA LEU A 211 -7.30 -13.48 25.26
C LEU A 211 -7.98 -14.65 24.60
N VAL A 212 -8.80 -15.35 25.37
CA VAL A 212 -9.67 -16.40 24.83
C VAL A 212 -11.13 -16.19 25.19
N VAL A 213 -12.01 -16.82 24.43
CA VAL A 213 -13.44 -16.74 24.65
C VAL A 213 -14.03 -17.95 23.93
N ASN A 214 -14.88 -18.67 24.66
CA ASN A 214 -15.69 -19.73 24.13
C ASN A 214 -17.00 -19.17 23.70
N PRO A 215 -17.34 -19.41 22.45
CA PRO A 215 -18.64 -18.99 21.95
C PRO A 215 -19.76 -19.80 22.55
N LEU A 216 -19.58 -20.30 23.77
CA LEU A 216 -20.75 -20.91 24.44
C LEU A 216 -21.86 -20.07 25.13
N LYS A 217 -21.70 -19.33 26.25
CA LYS A 217 -20.62 -19.28 27.24
C LYS A 217 -19.46 -18.31 26.97
N GLU A 218 -19.61 -17.14 26.32
CA GLU A 218 -20.78 -16.29 26.18
C GLU A 218 -20.76 -15.70 24.74
N ASP A 219 -21.18 -14.44 24.60
CA ASP A 219 -21.11 -13.72 23.31
C ASP A 219 -19.67 -13.30 22.96
N ALA A 220 -19.12 -13.98 21.95
CA ALA A 220 -17.75 -13.76 21.46
C ALA A 220 -17.53 -12.35 20.93
N ALA A 221 -18.47 -11.88 20.11
CA ALA A 221 -18.38 -10.54 19.53
C ALA A 221 -18.51 -9.47 20.58
N LYS A 222 -19.42 -9.67 21.53
CA LYS A 222 -19.60 -8.69 22.59
C LYS A 222 -18.43 -8.69 23.56
N PHE A 223 -17.76 -9.84 23.70
CA PHE A 223 -16.57 -9.97 24.56
C PHE A 223 -15.42 -9.23 23.93
N MET A 224 -15.26 -9.42 22.63
CA MET A 224 -14.25 -8.70 21.88
C MET A 224 -14.55 -7.22 21.78
N LYS A 225 -15.82 -6.84 21.86
CA LYS A 225 -16.18 -5.41 21.79
C LYS A 225 -15.33 -4.52 22.72
N GLU A 226 -14.91 -4.94 23.91
CA GLU A 226 -15.73 -4.97 25.09
C GLU A 226 -14.96 -4.21 26.19
N LYS A 227 -13.63 -4.27 26.40
CA LYS A 227 -12.57 -5.29 26.10
C LYS A 227 -11.36 -4.83 25.29
N VAL A 228 -11.31 -5.18 24.01
CA VAL A 228 -10.25 -4.70 23.12
C VAL A 228 -10.67 -3.58 22.16
N GLY A 229 -11.98 -3.38 21.98
CA GLY A 229 -12.51 -2.39 21.04
C GLY A 229 -13.09 -2.95 19.76
N GLY A 230 -13.20 -4.28 19.68
CA GLY A 230 -13.42 -4.99 18.41
C GLY A 230 -12.09 -5.24 17.66
N VAL A 231 -11.88 -6.49 17.25
CA VAL A 231 -10.65 -6.81 16.52
C VAL A 231 -10.53 -6.15 15.13
N HIS A 232 -9.29 -5.96 14.67
CA HIS A 232 -9.01 -5.33 13.38
C HIS A 232 -9.28 -6.28 12.22
N ALA A 233 -9.13 -7.57 12.51
CA ALA A 233 -9.32 -8.62 11.53
C ALA A 233 -9.51 -9.98 12.21
N ALA A 234 -10.07 -10.92 11.47
CA ALA A 234 -10.25 -12.26 11.96
C ALA A 234 -9.81 -13.23 10.87
N VAL A 235 -9.09 -14.27 11.25
CA VAL A 235 -8.85 -15.37 10.34
C VAL A 235 -9.81 -16.49 10.72
N VAL A 236 -10.61 -16.97 9.76
CA VAL A 236 -11.55 -18.06 10.04
C VAL A 236 -10.98 -19.39 9.50
N THR A 237 -10.66 -20.32 10.40
CA THR A 237 -9.95 -21.57 10.02
C THR A 237 -10.86 -22.77 9.81
N ALA A 238 -12.10 -22.64 10.26
CA ALA A 238 -13.09 -23.67 10.12
C ALA A 238 -14.32 -22.91 9.73
N VAL A 239 -14.51 -22.71 8.42
CA VAL A 239 -15.61 -21.85 7.96
C VAL A 239 -16.93 -22.59 8.02
N SER A 240 -17.84 -22.01 8.78
CA SER A 240 -19.12 -22.61 8.94
C SER A 240 -19.99 -21.42 9.11
N LYS A 241 -21.23 -21.60 8.71
CA LYS A 241 -22.26 -20.61 8.90
C LYS A 241 -22.06 -19.74 10.21
N PRO A 242 -22.03 -20.40 11.41
CA PRO A 242 -22.05 -19.60 12.65
C PRO A 242 -20.66 -19.10 13.07
N ALA A 243 -19.62 -19.84 12.68
CA ALA A 243 -18.28 -19.36 12.85
C ALA A 243 -18.19 -18.02 12.14
N PHE A 244 -18.26 -18.02 10.80
CA PHE A 244 -18.25 -16.77 10.04
C PHE A 244 -19.13 -15.64 10.62
N GLN A 245 -20.38 -15.90 10.96
CA GLN A 245 -21.18 -14.83 11.54
C GLN A 245 -20.47 -14.25 12.80
N SER A 246 -19.87 -15.12 13.61
CA SER A 246 -19.22 -14.60 14.81
C SER A 246 -18.04 -13.66 14.46
N ALA A 247 -17.15 -14.14 13.58
CA ALA A 247 -15.95 -13.38 13.21
C ALA A 247 -16.37 -12.01 12.67
N TYR A 248 -17.14 -12.05 11.57
CA TYR A 248 -17.88 -10.88 11.04
C TYR A 248 -18.32 -9.87 12.14
N ASN A 249 -19.05 -10.32 13.15
CA ASN A 249 -19.60 -9.37 14.12
C ASN A 249 -18.60 -8.76 15.09
N SER A 250 -17.44 -9.41 15.22
CA SER A 250 -16.47 -9.06 16.27
C SER A 250 -15.44 -8.10 15.74
N ILE A 251 -15.22 -8.16 14.43
CA ILE A 251 -14.41 -7.23 13.64
C ILE A 251 -14.89 -5.79 13.81
N ARG A 252 -13.97 -4.84 13.90
CA ARG A 252 -14.42 -3.46 14.00
C ARG A 252 -14.76 -2.94 12.63
N ARG A 253 -15.40 -1.77 12.56
CA ARG A 253 -15.75 -1.19 11.25
C ARG A 253 -14.45 -0.92 10.46
N GLY A 254 -14.45 -1.32 9.18
CA GLY A 254 -13.26 -1.24 8.34
C GLY A 254 -12.43 -2.52 8.33
N GLY A 255 -12.82 -3.48 9.18
CA GLY A 255 -12.01 -4.67 9.43
C GLY A 255 -12.05 -5.69 8.34
N ALA A 256 -11.21 -6.72 8.44
CA ALA A 256 -11.19 -7.73 7.40
C ALA A 256 -11.52 -9.12 7.94
N CYS A 257 -12.20 -9.89 7.11
CA CYS A 257 -12.50 -11.26 7.41
C CYS A 257 -11.77 -12.15 6.43
N VAL A 258 -10.66 -12.74 6.82
CA VAL A 258 -10.03 -13.60 5.87
C VAL A 258 -10.53 -15.02 6.08
N LEU A 259 -11.02 -15.64 5.01
CA LEU A 259 -11.57 -16.98 5.08
C LEU A 259 -10.50 -17.91 4.57
N VAL A 260 -10.22 -18.99 5.29
CA VAL A 260 -9.14 -19.87 4.89
C VAL A 260 -9.67 -21.30 4.68
N GLY A 261 -10.92 -21.51 5.06
CA GLY A 261 -11.59 -22.81 4.90
C GLY A 261 -11.99 -23.18 3.47
N LEU A 262 -12.33 -24.46 3.28
CA LEU A 262 -12.80 -24.98 2.00
C LEU A 262 -14.12 -25.78 2.11
N PRO A 263 -15.14 -25.21 2.78
CA PRO A 263 -16.41 -25.89 2.95
C PRO A 263 -17.28 -25.85 1.70
N PRO A 264 -18.06 -26.92 1.46
CA PRO A 264 -18.86 -27.05 0.22
C PRO A 264 -19.95 -25.98 0.03
N GLU A 265 -20.52 -25.47 1.13
CA GLU A 265 -21.71 -24.60 1.03
C GLU A 265 -21.46 -23.07 0.80
N GLU A 266 -22.43 -22.46 0.12
CA GLU A 266 -22.65 -21.02 0.05
C GLU A 266 -23.04 -20.45 1.41
N MET A 267 -22.85 -19.15 1.62
CA MET A 267 -22.88 -18.59 2.95
C MET A 267 -23.24 -17.11 2.93
N PRO A 268 -24.43 -16.78 3.44
CA PRO A 268 -24.94 -15.41 3.31
C PRO A 268 -24.05 -14.41 4.02
N ILE A 269 -23.94 -13.20 3.48
CA ILE A 269 -23.26 -12.10 4.17
C ILE A 269 -24.24 -10.95 4.17
N PRO A 270 -24.25 -10.15 5.26
CA PRO A 270 -25.16 -9.02 5.24
C PRO A 270 -24.62 -8.03 4.22
N ILE A 271 -25.48 -7.44 3.38
CA ILE A 271 -24.98 -6.47 2.40
C ILE A 271 -25.03 -5.05 2.99
N PHE A 272 -26.18 -4.70 3.57
CA PHE A 272 -26.39 -3.40 4.19
C PHE A 272 -25.23 -3.06 5.10
N ASP A 273 -25.00 -3.94 6.06
CA ASP A 273 -24.07 -3.63 7.13
C ASP A 273 -22.66 -3.60 6.59
N THR A 274 -22.35 -4.54 5.70
CA THR A 274 -21.07 -4.58 5.00
C THR A 274 -20.75 -3.26 4.29
N VAL A 275 -21.73 -2.67 3.61
CA VAL A 275 -21.53 -1.43 2.87
C VAL A 275 -21.33 -0.25 3.83
N LEU A 276 -22.25 -0.13 4.77
CA LEU A 276 -22.30 0.91 5.78
C LEU A 276 -21.06 0.96 6.66
N ASN A 277 -20.43 -0.20 6.90
CA ASN A 277 -19.21 -0.31 7.71
C ASN A 277 -17.95 -0.65 6.91
N GLY A 278 -18.01 -0.58 5.58
CA GLY A 278 -16.89 -0.95 4.72
C GLY A 278 -16.09 -2.15 5.23
N ILE A 279 -16.76 -3.30 5.33
CA ILE A 279 -16.18 -4.53 5.83
C ILE A 279 -15.52 -5.23 4.67
N LYS A 280 -14.51 -6.06 4.92
CA LYS A 280 -13.82 -6.72 3.82
C LYS A 280 -13.88 -8.20 4.06
N ILE A 281 -14.26 -8.96 3.04
CA ILE A 281 -14.27 -10.41 3.13
C ILE A 281 -13.37 -10.85 2.02
N ILE A 282 -12.47 -11.77 2.32
CA ILE A 282 -11.37 -12.10 1.42
C ILE A 282 -11.03 -13.57 1.58
N GLY A 283 -11.11 -14.33 0.51
CA GLY A 283 -10.57 -15.67 0.51
C GLY A 283 -9.05 -15.64 0.40
N SER A 284 -8.40 -16.63 1.03
CA SER A 284 -6.96 -16.79 0.90
C SER A 284 -6.56 -18.21 1.20
N ILE A 285 -5.66 -18.73 0.39
CA ILE A 285 -5.14 -20.05 0.67
C ILE A 285 -3.74 -20.21 0.14
N VAL A 286 -2.99 -21.10 0.80
CA VAL A 286 -1.58 -21.29 0.52
C VAL A 286 -0.86 -19.93 0.34
N GLY A 287 0.01 -19.83 -0.67
CA GLY A 287 0.73 -18.62 -0.97
C GLY A 287 1.98 -18.85 -1.77
N THR A 288 2.66 -17.77 -2.09
CA THR A 288 3.85 -17.74 -2.95
C THR A 288 5.03 -18.56 -2.45
N ARG A 289 5.92 -18.92 -3.36
CA ARG A 289 7.24 -19.39 -2.96
C ARG A 289 7.82 -18.48 -1.87
N LYS A 290 7.84 -17.17 -2.12
CA LYS A 290 8.37 -16.23 -1.17
C LYS A 290 7.58 -16.20 0.12
N ASP A 291 6.24 -16.32 0.01
CA ASP A 291 5.40 -16.45 1.21
C ASP A 291 5.84 -17.65 2.07
N LEU A 292 6.17 -18.74 1.38
CA LEU A 292 6.61 -19.98 2.00
C LEU A 292 8.05 -19.92 2.54
N GLN A 293 8.99 -19.38 1.80
CA GLN A 293 10.29 -19.16 2.39
C GLN A 293 10.18 -18.42 3.72
N GLU A 294 9.41 -17.33 3.74
CA GLU A 294 9.24 -16.49 4.92
C GLU A 294 8.61 -17.27 6.05
N ALA A 295 7.53 -18.01 5.74
CA ALA A 295 6.85 -18.83 6.74
C ALA A 295 7.76 -19.90 7.31
N LEU A 296 8.64 -20.47 6.48
CA LEU A 296 9.57 -21.51 6.92
C LEU A 296 10.59 -20.97 7.91
N GLN A 297 11.05 -19.73 7.64
CA GLN A 297 12.10 -19.08 8.44
C GLN A 297 11.59 -18.75 9.85
N PHE A 298 10.36 -18.27 9.96
CA PHE A 298 9.81 -18.07 11.29
C PHE A 298 9.96 -19.35 12.10
N ALA A 299 9.62 -20.51 11.52
CA ALA A 299 9.72 -21.78 12.25
C ALA A 299 11.19 -22.06 12.54
N ALA A 300 12.04 -21.94 11.54
CA ALA A 300 13.47 -22.08 11.77
C ALA A 300 14.02 -21.30 12.99
N GLU A 301 13.39 -20.19 13.38
CA GLU A 301 13.88 -19.36 14.46
C GLU A 301 13.16 -19.71 15.73
N GLY A 302 12.38 -20.78 15.67
CA GLY A 302 11.59 -21.23 16.80
C GLY A 302 10.46 -20.30 17.14
N LYS A 303 9.96 -19.53 16.19
CA LYS A 303 8.86 -18.66 16.52
C LYS A 303 7.49 -19.35 16.34
N VAL A 304 7.44 -20.36 15.49
CA VAL A 304 6.26 -21.23 15.38
C VAL A 304 6.69 -22.70 15.30
N LYS A 305 5.97 -23.54 16.04
CA LYS A 305 6.18 -24.97 16.11
C LYS A 305 4.82 -25.64 15.95
N THR A 306 4.78 -26.67 15.12
CA THR A 306 3.55 -27.36 14.78
C THR A 306 3.40 -28.55 15.72
N ILE A 307 2.19 -28.81 16.22
CA ILE A 307 1.92 -30.02 17.03
C ILE A 307 1.71 -31.24 16.08
N ILE A 308 2.76 -32.05 15.92
CA ILE A 308 2.73 -33.19 14.97
C ILE A 308 2.58 -34.55 15.71
N GLU A 309 1.82 -35.45 15.08
CA GLU A 309 1.82 -36.87 15.46
C GLU A 309 2.40 -37.59 14.25
N VAL A 310 3.58 -38.18 14.40
CA VAL A 310 4.19 -39.01 13.34
C VAL A 310 3.38 -40.32 13.12
N GLN A 311 3.39 -40.85 11.89
CA GLN A 311 2.74 -42.12 11.52
C GLN A 311 3.36 -42.63 10.23
N PRO A 312 3.56 -43.95 10.09
CA PRO A 312 4.06 -44.45 8.79
C PRO A 312 2.98 -44.60 7.70
N LEU A 313 3.47 -44.65 6.47
CA LEU A 313 2.64 -44.65 5.29
C LEU A 313 1.48 -45.64 5.35
N GLU A 314 1.68 -46.74 6.05
CA GLU A 314 0.71 -47.83 6.04
C GLU A 314 -0.56 -47.51 6.79
N LYS A 315 -0.44 -46.65 7.79
CA LYS A 315 -1.59 -46.32 8.61
C LYS A 315 -2.36 -45.13 8.02
N ILE A 316 -2.06 -44.79 6.76
CA ILE A 316 -2.68 -43.65 6.11
C ILE A 316 -4.19 -43.70 6.17
N ASN A 317 -4.73 -44.87 5.89
CA ASN A 317 -6.17 -45.10 5.92
C ASN A 317 -6.80 -45.03 7.31
N GLU A 318 -5.99 -45.40 8.31
CA GLU A 318 -6.36 -45.21 9.71
C GLU A 318 -6.45 -43.70 10.03
N VAL A 319 -5.55 -42.90 9.44
CA VAL A 319 -5.54 -41.45 9.65
C VAL A 319 -6.77 -40.73 9.05
N PHE A 320 -7.16 -41.09 7.82
CA PHE A 320 -8.38 -40.53 7.22
C PHE A 320 -9.64 -40.94 8.00
N ASP A 321 -9.64 -42.17 8.52
CA ASP A 321 -10.69 -42.64 9.43
C ASP A 321 -10.93 -41.66 10.59
N ARG A 322 -9.85 -41.33 11.29
CA ARG A 322 -9.88 -40.46 12.47
C ARG A 322 -10.21 -39.03 12.06
N MET A 323 -9.60 -38.60 10.96
CA MET A 323 -9.74 -37.24 10.41
C MET A 323 -11.18 -36.92 10.04
N LEU A 324 -11.83 -37.87 9.37
CA LEU A 324 -13.22 -37.73 8.94
C LEU A 324 -14.08 -37.67 10.18
N LYS A 325 -13.63 -38.37 11.23
CA LYS A 325 -14.27 -38.28 12.55
C LYS A 325 -13.87 -37.00 13.30
N GLY A 326 -12.72 -36.43 12.93
CA GLY A 326 -12.23 -35.20 13.53
C GLY A 326 -11.68 -35.44 14.92
N GLN A 327 -10.85 -36.46 15.04
CA GLN A 327 -10.18 -36.75 16.29
C GLN A 327 -8.66 -36.54 16.16
N ILE A 328 -8.26 -35.72 15.19
CA ILE A 328 -6.83 -35.40 15.03
C ILE A 328 -6.49 -34.05 15.66
N ASN A 329 -5.49 -34.04 16.54
CA ASN A 329 -5.05 -32.82 17.23
C ASN A 329 -3.80 -32.10 16.67
N GLY A 330 -4.04 -31.06 15.86
CA GLY A 330 -2.98 -30.46 15.06
C GLY A 330 -2.80 -31.27 13.77
N ARG A 331 -1.57 -31.67 13.47
CA ARG A 331 -1.34 -32.31 12.19
C ARG A 331 -0.65 -33.65 12.27
N VAL A 332 -0.97 -34.48 11.28
CA VAL A 332 -0.39 -35.82 11.12
C VAL A 332 0.65 -35.87 9.99
N VAL A 333 1.92 -36.00 10.36
CA VAL A 333 2.97 -36.18 9.38
C VAL A 333 3.16 -37.70 9.15
N LEU A 334 3.38 -38.12 7.89
CA LEU A 334 3.78 -39.51 7.56
C LEU A 334 5.28 -39.58 7.47
N THR A 335 5.87 -40.59 8.10
CA THR A 335 7.30 -40.87 7.99
C THR A 335 7.53 -41.79 6.80
N LEU A 336 8.66 -41.63 6.11
CA LEU A 336 9.05 -42.62 5.08
C LEU A 336 10.37 -43.43 5.27
N GLU A 337 11.38 -42.90 5.99
CA GLU A 337 12.56 -43.71 6.34
C GLU A 337 12.22 -44.80 7.39
N MET B 1 26.19 -12.99 -40.45
CA MET B 1 25.35 -11.79 -40.10
C MET B 1 26.17 -10.51 -39.83
N LYS B 2 25.57 -9.35 -40.10
CA LYS B 2 26.23 -8.06 -39.82
C LYS B 2 25.81 -7.35 -38.52
N ALA B 3 26.78 -6.70 -37.88
CA ALA B 3 26.60 -6.07 -36.57
C ALA B 3 27.43 -4.82 -36.44
N ALA B 4 27.24 -4.09 -35.34
CA ALA B 4 28.09 -2.95 -35.09
C ALA B 4 28.88 -3.16 -33.81
N VAL B 5 30.09 -3.68 -33.96
CA VAL B 5 30.94 -4.07 -32.84
C VAL B 5 31.68 -2.90 -32.21
N VAL B 6 31.68 -2.87 -30.89
CA VAL B 6 32.59 -2.00 -30.19
C VAL B 6 33.85 -2.80 -29.90
N GLU B 7 34.89 -2.62 -30.73
CA GLU B 7 36.16 -3.36 -30.58
C GLU B 7 37.04 -2.83 -29.46
N GLN B 8 37.16 -1.49 -29.41
CA GLN B 8 37.99 -0.82 -28.41
C GLN B 8 37.21 0.38 -27.92
N PHE B 9 37.34 0.70 -26.63
CA PHE B 9 36.58 1.80 -26.02
C PHE B 9 36.94 3.13 -26.66
N LYS B 10 35.92 3.99 -26.78
CA LYS B 10 36.01 5.35 -27.38
C LYS B 10 36.38 5.38 -28.88
N GLU B 11 36.79 4.24 -29.42
CA GLU B 11 37.05 4.09 -30.86
C GLU B 11 35.74 3.95 -31.62
N PRO B 12 35.64 4.60 -32.81
CA PRO B 12 34.58 4.36 -33.77
C PRO B 12 34.20 2.88 -33.93
N LEU B 13 32.92 2.63 -34.15
CA LEU B 13 32.39 1.27 -34.23
C LEU B 13 32.57 0.63 -35.60
N LYS B 14 32.94 -0.64 -35.60
CA LYS B 14 33.12 -1.40 -36.84
C LYS B 14 31.78 -1.98 -37.20
N ILE B 15 31.43 -1.89 -38.50
CA ILE B 15 30.17 -2.41 -39.04
C ILE B 15 30.47 -3.72 -39.80
N LYS B 16 31.25 -4.62 -39.18
CA LYS B 16 31.74 -5.82 -39.87
C LYS B 16 30.78 -7.00 -39.84
N GLU B 17 31.05 -8.02 -40.64
CA GLU B 17 30.31 -9.30 -40.52
C GLU B 17 30.79 -10.01 -39.29
N VAL B 18 29.85 -10.61 -38.58
CA VAL B 18 30.20 -11.42 -37.40
C VAL B 18 29.46 -12.73 -37.42
N GLU B 19 29.97 -13.66 -36.62
CA GLU B 19 29.41 -15.00 -36.54
C GLU B 19 27.96 -14.93 -36.01
N LYS B 20 27.03 -15.56 -36.71
CA LYS B 20 25.60 -15.54 -36.31
C LYS B 20 25.31 -16.55 -35.17
N PRO B 21 24.93 -16.04 -33.97
CA PRO B 21 24.90 -16.84 -32.74
C PRO B 21 24.04 -18.06 -32.80
N THR B 22 24.41 -19.05 -32.01
CA THR B 22 23.71 -20.30 -31.98
C THR B 22 22.88 -20.32 -30.69
N ILE B 23 21.85 -21.17 -30.64
CA ILE B 23 20.98 -21.21 -29.47
C ILE B 23 20.70 -22.62 -28.89
N SER B 24 21.06 -22.82 -27.62
CA SER B 24 20.74 -24.04 -26.89
C SER B 24 19.47 -23.81 -26.09
N TYR B 25 19.30 -24.57 -25.01
CA TYR B 25 18.01 -24.62 -24.27
C TYR B 25 17.54 -23.30 -23.70
N GLY B 26 16.21 -23.11 -23.66
CA GLY B 26 15.57 -21.98 -22.99
C GLY B 26 15.88 -20.62 -23.61
N GLU B 27 16.48 -20.62 -24.80
CA GLU B 27 16.83 -19.42 -25.54
C GLU B 27 15.95 -19.28 -26.79
N VAL B 28 15.97 -18.10 -27.40
CA VAL B 28 15.37 -17.90 -28.72
C VAL B 28 16.35 -17.11 -29.56
N LEU B 29 16.30 -17.34 -30.88
CA LEU B 29 17.02 -16.50 -31.83
C LEU B 29 16.04 -15.57 -32.53
N VAL B 30 16.41 -14.30 -32.61
CA VAL B 30 15.51 -13.24 -32.99
C VAL B 30 16.10 -12.54 -34.20
N ARG B 31 15.33 -12.37 -35.29
CA ARG B 31 15.80 -11.51 -36.38
C ARG B 31 15.36 -10.11 -36.09
N ILE B 32 16.36 -9.26 -35.89
CA ILE B 32 16.16 -7.88 -35.49
C ILE B 32 15.64 -6.99 -36.64
N LYS B 33 14.41 -6.47 -36.49
CA LYS B 33 13.82 -5.42 -37.37
C LYS B 33 14.25 -3.98 -37.03
N ALA B 34 14.18 -3.59 -35.75
CA ALA B 34 14.76 -2.31 -35.30
C ALA B 34 15.48 -2.41 -33.95
N CYS B 35 16.22 -1.35 -33.61
CA CYS B 35 16.81 -1.25 -32.29
C CYS B 35 17.07 0.19 -31.89
N GLY B 36 16.35 0.66 -30.89
CA GLY B 36 16.54 2.01 -30.36
C GLY B 36 17.90 2.24 -29.76
N VAL B 37 18.31 3.49 -29.79
CA VAL B 37 19.64 3.90 -29.31
C VAL B 37 19.40 4.91 -28.19
N CYS B 38 20.11 4.77 -27.09
CA CYS B 38 20.06 5.78 -26.05
C CYS B 38 21.43 5.99 -25.41
N HIS B 39 21.53 6.96 -24.49
CA HIS B 39 22.79 7.31 -23.85
C HIS B 39 23.50 6.11 -23.24
N THR B 40 22.73 5.12 -22.84
CA THR B 40 23.33 3.96 -22.23
C THR B 40 24.24 3.20 -23.17
N ASP B 41 23.80 3.04 -24.43
CA ASP B 41 24.61 2.40 -25.44
C ASP B 41 25.93 3.14 -25.53
N LEU B 42 25.85 4.46 -25.62
CA LEU B 42 27.01 5.31 -25.82
C LEU B 42 28.03 5.10 -24.71
N HIS B 43 27.57 5.09 -23.46
CA HIS B 43 28.43 4.84 -22.30
C HIS B 43 29.04 3.44 -22.31
N ALA B 44 28.40 2.52 -23.03
CA ALA B 44 28.93 1.16 -23.16
C ALA B 44 30.12 1.19 -24.11
N ALA B 45 29.98 1.94 -25.20
CA ALA B 45 31.05 2.10 -26.19
C ALA B 45 32.23 2.87 -25.60
N HIS B 46 31.96 3.99 -24.93
CA HIS B 46 32.98 4.81 -24.28
C HIS B 46 33.69 4.11 -23.10
N GLY B 47 33.08 3.03 -22.61
CA GLY B 47 33.62 2.26 -21.49
C GLY B 47 33.79 2.95 -20.15
N ASP B 48 33.06 4.03 -19.90
CA ASP B 48 33.30 4.88 -18.73
C ASP B 48 32.23 4.82 -17.65
N TRP B 49 32.00 3.63 -17.12
CA TRP B 49 31.09 3.37 -16.03
C TRP B 49 31.77 2.39 -15.09
N PRO B 50 31.50 2.51 -13.76
CA PRO B 50 32.16 1.63 -12.79
C PRO B 50 32.41 0.20 -13.33
N VAL B 51 31.36 -0.59 -13.48
CA VAL B 51 31.43 -1.89 -14.15
C VAL B 51 31.41 -1.59 -15.66
N LYS B 52 32.47 -1.92 -16.37
CA LYS B 52 32.51 -1.74 -17.84
C LYS B 52 32.31 -3.09 -18.57
N PRO B 53 31.86 -3.05 -19.86
CA PRO B 53 31.56 -4.26 -20.64
C PRO B 53 32.76 -5.08 -21.08
N LYS B 54 32.47 -6.27 -21.61
CA LYS B 54 33.46 -7.18 -22.16
C LYS B 54 33.55 -6.92 -23.65
N LEU B 55 34.72 -6.51 -24.13
CA LEU B 55 34.95 -6.29 -25.55
C LEU B 55 35.35 -7.57 -26.28
N PRO B 56 34.92 -7.75 -27.56
CA PRO B 56 34.02 -6.93 -28.35
C PRO B 56 32.57 -7.02 -27.85
N LEU B 57 31.71 -6.09 -28.27
CA LEU B 57 30.34 -6.02 -27.78
C LEU B 57 29.41 -5.41 -28.79
N ILE B 58 28.30 -6.08 -29.05
CA ILE B 58 27.23 -5.48 -29.86
C ILE B 58 26.22 -4.86 -28.93
N PRO B 59 26.07 -3.53 -28.97
CA PRO B 59 25.11 -2.86 -28.10
C PRO B 59 23.64 -3.17 -28.46
N GLY B 60 22.71 -2.62 -27.68
CA GLY B 60 21.30 -2.65 -28.01
C GLY B 60 20.41 -3.37 -27.00
N HIS B 61 19.88 -2.59 -26.09
CA HIS B 61 18.96 -3.12 -25.11
C HIS B 61 17.55 -2.62 -25.46
N GLU B 62 17.37 -2.28 -26.73
CA GLU B 62 16.06 -1.87 -27.25
C GLU B 62 15.79 -2.60 -28.56
N GLY B 63 16.43 -3.75 -28.78
CA GLY B 63 16.20 -4.49 -30.01
C GLY B 63 14.86 -5.23 -30.04
N VAL B 64 14.15 -5.08 -31.16
CA VAL B 64 12.82 -5.69 -31.40
C VAL B 64 12.79 -6.33 -32.78
N GLY B 65 12.06 -7.43 -32.94
CA GLY B 65 12.07 -8.18 -34.19
C GLY B 65 11.26 -9.46 -34.14
N ILE B 66 11.70 -10.48 -34.88
CA ILE B 66 10.94 -11.73 -35.04
C ILE B 66 11.62 -12.96 -34.45
N VAL B 67 10.87 -13.78 -33.73
CA VAL B 67 11.42 -15.03 -33.25
C VAL B 67 11.59 -15.95 -34.44
N GLU B 68 12.82 -16.03 -34.94
CA GLU B 68 13.18 -16.95 -36.03
C GLU B 68 13.30 -18.41 -35.63
N GLU B 69 14.03 -18.73 -34.56
CA GLU B 69 13.99 -20.11 -34.04
C GLU B 69 13.83 -20.17 -32.52
N VAL B 70 13.27 -21.28 -32.04
CA VAL B 70 13.04 -21.48 -30.61
C VAL B 70 13.77 -22.71 -30.11
N GLY B 71 14.80 -22.52 -29.30
CA GLY B 71 15.56 -23.65 -28.70
C GLY B 71 14.77 -24.68 -27.89
N PRO B 72 15.36 -25.88 -27.68
CA PRO B 72 14.72 -26.98 -26.91
C PRO B 72 13.89 -26.51 -25.71
N GLY B 73 12.67 -27.03 -25.58
CA GLY B 73 11.81 -26.78 -24.41
C GLY B 73 11.19 -25.41 -24.09
N VAL B 74 11.48 -24.37 -24.86
CA VAL B 74 10.70 -23.11 -24.71
C VAL B 74 9.26 -23.37 -25.22
N THR B 75 8.24 -23.10 -24.42
CA THR B 75 6.89 -23.36 -24.91
C THR B 75 6.01 -22.11 -25.07
N HIS B 76 6.26 -21.07 -24.26
CA HIS B 76 5.38 -19.89 -24.21
C HIS B 76 5.63 -18.83 -25.31
N LEU B 77 6.37 -19.17 -26.37
CA LEU B 77 6.58 -18.30 -27.53
C LEU B 77 6.75 -19.16 -28.78
N LYS B 78 6.12 -18.73 -29.86
CA LYS B 78 6.13 -19.50 -31.08
C LYS B 78 6.92 -18.76 -32.13
N VAL B 79 7.46 -19.50 -33.09
CA VAL B 79 8.16 -18.90 -34.21
C VAL B 79 7.30 -17.80 -34.84
N GLY B 80 7.90 -16.64 -35.11
CA GLY B 80 7.22 -15.58 -35.85
C GLY B 80 6.50 -14.55 -34.97
N ASP B 81 6.51 -14.82 -33.66
CA ASP B 81 5.96 -13.90 -32.69
C ASP B 81 6.78 -12.62 -32.80
N ARG B 82 6.10 -11.49 -32.60
CA ARG B 82 6.75 -10.20 -32.64
C ARG B 82 7.19 -9.97 -31.20
N VAL B 83 8.45 -9.59 -31.00
CA VAL B 83 9.09 -9.75 -29.69
C VAL B 83 10.20 -8.68 -29.51
N GLY B 84 10.56 -8.37 -28.25
CA GLY B 84 11.61 -7.39 -27.93
C GLY B 84 12.57 -7.87 -26.86
N ILE B 85 13.83 -7.46 -26.94
CA ILE B 85 14.88 -7.87 -25.98
C ILE B 85 15.36 -6.68 -25.19
N PRO B 86 14.77 -6.48 -24.00
CA PRO B 86 14.96 -5.34 -23.09
C PRO B 86 16.26 -5.44 -22.33
N TRP B 87 16.63 -4.35 -21.66
CA TRP B 87 17.87 -4.23 -20.89
C TRP B 87 18.12 -5.43 -19.98
N LEU B 88 17.13 -5.78 -19.17
CA LEU B 88 17.24 -6.99 -18.36
C LEU B 88 17.16 -8.23 -19.25
N TYR B 89 18.33 -8.66 -19.70
CA TYR B 89 18.46 -9.80 -20.59
C TYR B 89 18.03 -11.10 -19.94
N SER B 90 18.39 -11.23 -18.66
CA SER B 90 18.18 -12.44 -17.84
C SER B 90 18.41 -12.11 -16.37
N ALA B 91 17.74 -12.86 -15.51
CA ALA B 91 17.87 -12.74 -14.06
C ALA B 91 17.70 -14.16 -13.54
N CYS B 92 18.01 -14.40 -12.27
CA CYS B 92 18.07 -15.77 -11.74
C CYS B 92 16.68 -16.43 -11.58
N GLY B 93 15.66 -15.63 -11.29
CA GLY B 93 14.32 -16.17 -11.05
C GLY B 93 14.19 -16.85 -9.68
N HIS B 94 15.23 -16.74 -8.85
CA HIS B 94 15.30 -17.56 -7.62
C HIS B 94 15.67 -16.82 -6.33
N CYS B 95 16.37 -15.68 -6.47
CA CYS B 95 16.76 -14.86 -5.32
C CYS B 95 15.54 -14.16 -4.76
N ASP B 96 15.71 -13.43 -3.65
CA ASP B 96 14.61 -12.68 -3.07
C ASP B 96 14.04 -11.66 -4.05
N TYR B 97 14.92 -10.90 -4.70
CA TYR B 97 14.53 -9.81 -5.59
C TYR B 97 13.57 -10.34 -6.62
N CYS B 98 13.95 -11.45 -7.25
CA CYS B 98 13.15 -12.09 -8.28
C CYS B 98 11.81 -12.52 -7.74
N LEU B 99 11.74 -12.88 -6.45
CA LEU B 99 10.50 -13.45 -5.95
C LEU B 99 9.61 -12.40 -5.32
N SER B 100 10.14 -11.17 -5.15
CA SER B 100 9.33 -10.03 -4.73
C SER B 100 8.50 -9.53 -5.91
N GLY B 101 9.24 -9.05 -6.92
CA GLY B 101 8.70 -8.47 -8.14
C GLY B 101 9.71 -7.38 -8.44
N GLN B 102 10.98 -7.71 -8.20
CA GLN B 102 12.06 -6.77 -8.34
C GLN B 102 13.18 -7.46 -9.10
N GLU B 103 12.80 -8.26 -10.11
CA GLU B 103 13.78 -8.95 -10.92
C GLU B 103 14.74 -7.93 -11.55
N THR B 104 14.31 -6.69 -11.63
CA THR B 104 15.08 -5.63 -12.21
C THR B 104 16.40 -5.43 -11.45
N LEU B 105 16.45 -5.90 -10.20
CA LEU B 105 17.57 -5.64 -9.27
C LEU B 105 18.44 -6.85 -8.97
N CYS B 106 18.10 -7.99 -9.57
CA CYS B 106 18.76 -9.27 -9.35
C CYS B 106 20.28 -9.29 -9.53
N GLU B 107 21.00 -9.48 -8.43
CA GLU B 107 22.47 -9.58 -8.44
C GLU B 107 23.10 -10.38 -9.58
N HIS B 108 22.42 -11.41 -10.09
CA HIS B 108 23.02 -12.23 -11.17
C HIS B 108 22.42 -11.94 -12.55
N GLN B 109 21.83 -10.75 -12.71
CA GLN B 109 21.23 -10.34 -13.97
C GLN B 109 22.28 -10.13 -15.05
N LYS B 110 21.98 -10.58 -16.27
CA LYS B 110 22.78 -10.23 -17.44
C LYS B 110 22.07 -9.09 -18.17
N ASN B 111 22.82 -8.11 -18.67
CA ASN B 111 22.22 -6.99 -19.40
C ASN B 111 22.42 -7.02 -20.91
N ALA B 112 21.32 -6.91 -21.65
CA ALA B 112 21.35 -6.92 -23.12
C ALA B 112 22.16 -5.76 -23.66
N GLY B 113 23.00 -6.04 -24.65
CA GLY B 113 23.76 -5.00 -25.31
C GLY B 113 24.78 -4.31 -24.41
N TYR B 114 25.16 -4.97 -23.31
CA TYR B 114 26.20 -4.45 -22.39
C TYR B 114 27.10 -5.57 -21.87
N SER B 115 26.51 -6.58 -21.22
CA SER B 115 27.30 -7.71 -20.75
C SER B 115 27.09 -8.92 -21.64
N VAL B 116 26.13 -8.83 -22.56
CA VAL B 116 26.04 -9.76 -23.70
C VAL B 116 25.64 -8.97 -24.93
N ASP B 117 25.91 -9.53 -26.10
CA ASP B 117 25.47 -8.91 -27.36
C ASP B 117 23.96 -8.67 -27.36
N GLY B 118 23.61 -7.52 -27.91
CA GLY B 118 22.22 -7.10 -28.09
C GLY B 118 21.75 -6.76 -29.50
N GLY B 119 21.05 -5.64 -29.64
CA GLY B 119 20.28 -5.34 -30.85
C GLY B 119 20.92 -4.64 -32.06
N TYR B 120 22.19 -4.22 -31.94
CA TYR B 120 22.88 -3.59 -33.06
C TYR B 120 23.37 -4.57 -34.12
N ALA B 121 22.64 -5.68 -34.26
CA ALA B 121 23.01 -6.73 -35.17
C ALA B 121 21.77 -7.18 -35.93
N GLU B 122 21.95 -8.07 -36.91
CA GLU B 122 20.85 -8.61 -37.72
C GLU B 122 20.07 -9.60 -36.91
N TYR B 123 20.79 -10.34 -36.07
CA TYR B 123 20.25 -11.36 -35.19
C TYR B 123 20.67 -11.17 -33.74
N CYS B 124 19.94 -11.80 -32.83
CA CYS B 124 20.21 -11.67 -31.41
C CYS B 124 19.67 -12.85 -30.68
N ARG B 125 20.53 -13.46 -29.86
CA ARG B 125 20.16 -14.60 -29.03
C ARG B 125 19.59 -14.04 -27.77
N ALA B 126 18.49 -14.61 -27.30
CA ALA B 126 17.80 -14.06 -26.13
C ALA B 126 17.32 -15.12 -25.17
N ALA B 127 17.09 -14.71 -23.93
CA ALA B 127 16.63 -15.64 -22.92
C ALA B 127 15.11 -15.76 -23.02
N ALA B 128 14.61 -16.87 -23.53
CA ALA B 128 13.16 -17.01 -23.80
C ALA B 128 12.22 -16.48 -22.73
N ASP B 129 12.56 -16.68 -21.47
CA ASP B 129 11.66 -16.32 -20.38
C ASP B 129 11.64 -14.81 -20.21
N TYR B 130 12.59 -14.13 -20.85
CA TYR B 130 12.89 -12.72 -20.51
C TYR B 130 12.65 -11.72 -21.63
N VAL B 131 12.25 -12.22 -22.80
CA VAL B 131 11.81 -11.36 -23.89
C VAL B 131 10.34 -11.06 -23.71
N VAL B 132 9.85 -10.02 -24.37
CA VAL B 132 8.47 -9.57 -24.16
C VAL B 132 7.79 -9.46 -25.50
N LYS B 133 6.56 -9.98 -25.60
CA LYS B 133 5.81 -9.78 -26.85
C LYS B 133 5.42 -8.30 -27.06
N ILE B 134 5.65 -7.79 -28.27
CA ILE B 134 5.13 -6.50 -28.64
C ILE B 134 3.73 -6.80 -29.11
N PRO B 135 2.73 -6.03 -28.64
CA PRO B 135 1.38 -6.29 -29.19
C PRO B 135 1.26 -5.97 -30.70
N ASP B 136 0.32 -6.64 -31.38
CA ASP B 136 0.08 -6.46 -32.82
C ASP B 136 -0.06 -4.97 -33.22
N ASN B 137 -0.92 -4.24 -32.53
CA ASN B 137 -1.36 -2.94 -33.03
C ASN B 137 -0.30 -1.82 -32.97
N LEU B 138 0.97 -2.22 -32.87
CA LEU B 138 2.05 -1.31 -32.52
C LEU B 138 3.26 -1.69 -33.35
N SER B 139 3.81 -0.72 -34.05
CA SER B 139 4.80 -1.02 -35.03
C SER B 139 6.16 -1.28 -34.36
N PHE B 140 7.03 -2.00 -35.06
CA PHE B 140 8.38 -2.21 -34.58
C PHE B 140 9.11 -0.90 -34.37
N GLU B 141 8.95 0.04 -35.30
CA GLU B 141 9.60 1.35 -35.12
C GLU B 141 9.19 1.96 -33.76
N GLU B 142 7.89 1.93 -33.47
CA GLU B 142 7.35 2.63 -32.31
C GLU B 142 7.75 1.92 -31.03
N ALA B 143 7.66 0.60 -31.04
CA ALA B 143 7.88 -0.21 -29.83
C ALA B 143 9.29 -0.09 -29.27
N ALA B 144 10.30 -0.02 -30.15
CA ALA B 144 11.69 -0.08 -29.69
C ALA B 144 11.97 0.83 -28.48
N PRO B 145 11.61 2.12 -28.58
CA PRO B 145 11.94 2.98 -27.42
C PRO B 145 11.05 2.74 -26.17
N ILE B 146 9.88 2.11 -26.36
CA ILE B 146 9.04 1.77 -25.22
C ILE B 146 9.81 0.82 -24.29
N PHE B 147 10.75 0.06 -24.86
CA PHE B 147 11.66 -0.83 -24.12
C PHE B 147 12.71 -0.16 -23.20
N CYS B 148 13.07 1.10 -23.42
CA CYS B 148 13.90 1.79 -22.45
C CYS B 148 13.03 2.80 -21.74
N ALA B 149 12.62 3.81 -22.48
CA ALA B 149 12.45 5.13 -21.95
C ALA B 149 11.00 5.28 -21.68
N GLY B 150 10.22 4.58 -22.47
CA GLY B 150 8.87 4.22 -22.06
C GLY B 150 8.78 3.66 -20.65
N VAL B 151 9.22 2.40 -20.43
CA VAL B 151 9.10 1.79 -19.07
C VAL B 151 9.80 2.60 -18.01
N THR B 152 11.03 3.01 -18.30
CA THR B 152 11.81 3.70 -17.31
C THR B 152 10.91 4.77 -16.73
N THR B 153 10.25 5.44 -17.63
CA THR B 153 9.49 6.62 -17.34
C THR B 153 8.16 6.27 -16.70
N TYR B 154 7.49 5.27 -17.25
CA TYR B 154 6.21 4.80 -16.76
C TYR B 154 6.37 4.32 -15.32
N LYS B 155 7.31 3.39 -15.13
CA LYS B 155 7.62 2.83 -13.80
C LYS B 155 7.97 3.92 -12.79
N ALA B 156 8.75 4.89 -13.22
CA ALA B 156 9.05 6.02 -12.39
C ALA B 156 7.75 6.63 -11.91
N LEU B 157 6.79 6.75 -12.83
CA LEU B 157 5.51 7.39 -12.51
C LEU B 157 4.71 6.55 -11.50
N LYS B 158 4.66 5.23 -11.71
CA LYS B 158 4.10 4.37 -10.65
C LYS B 158 4.83 4.61 -9.33
N VAL B 159 6.17 4.69 -9.37
CA VAL B 159 6.98 4.87 -8.15
C VAL B 159 6.67 6.20 -7.42
N THR B 160 6.39 7.26 -8.15
CA THR B 160 6.04 8.51 -7.46
C THR B 160 4.85 8.26 -6.54
N GLY B 161 4.03 7.26 -6.90
CA GLY B 161 2.84 6.93 -6.15
C GLY B 161 1.77 7.99 -6.17
N ALA B 162 1.92 9.00 -7.04
CA ALA B 162 0.88 9.98 -7.32
C ALA B 162 -0.33 9.28 -7.91
N LYS B 163 -1.52 9.73 -7.53
CA LYS B 163 -2.79 9.11 -7.93
C LYS B 163 -3.63 10.06 -8.81
N PRO B 164 -4.58 9.50 -9.62
CA PRO B 164 -5.43 10.28 -10.49
C PRO B 164 -5.97 11.50 -9.76
N GLY B 165 -5.76 12.67 -10.36
CA GLY B 165 -6.18 13.92 -9.78
C GLY B 165 -5.00 14.71 -9.33
N GLU B 166 -3.93 14.04 -8.92
CA GLU B 166 -2.75 14.75 -8.38
C GLU B 166 -1.82 15.34 -9.47
N TRP B 167 -0.76 16.05 -9.05
CA TRP B 167 0.10 16.79 -9.99
C TRP B 167 1.54 16.30 -9.99
N VAL B 168 2.07 15.86 -11.14
CA VAL B 168 3.52 15.64 -11.19
C VAL B 168 4.25 16.67 -12.02
N ALA B 169 5.45 16.97 -11.59
CA ALA B 169 6.31 17.83 -12.36
C ALA B 169 7.29 16.94 -13.11
N ILE B 170 7.30 17.02 -14.45
CA ILE B 170 8.34 16.35 -15.25
C ILE B 170 9.43 17.35 -15.65
N TYR B 171 10.67 17.03 -15.28
CA TYR B 171 11.88 17.86 -15.46
C TYR B 171 12.74 17.31 -16.62
N GLY B 172 12.74 18.07 -17.70
CA GLY B 172 13.46 17.69 -18.93
C GLY B 172 12.48 17.06 -19.90
N ILE B 173 12.01 17.84 -20.87
CA ILE B 173 11.12 17.31 -21.90
C ILE B 173 11.92 16.81 -23.12
N GLY B 174 12.94 15.97 -22.90
CA GLY B 174 13.66 15.31 -23.99
C GLY B 174 13.09 13.94 -24.33
N GLY B 175 14.00 12.99 -24.54
CA GLY B 175 13.60 11.62 -24.86
C GLY B 175 12.87 10.87 -23.77
N PHE B 176 13.20 11.13 -22.51
CA PHE B 176 12.38 10.62 -21.39
C PHE B 176 11.16 11.51 -21.15
N GLY B 177 11.42 12.80 -20.95
CA GLY B 177 10.35 13.73 -20.55
C GLY B 177 9.18 13.70 -21.53
N HIS B 178 9.52 13.63 -22.81
CA HIS B 178 8.50 13.75 -23.82
C HIS B 178 7.57 12.56 -23.80
N VAL B 179 8.10 11.39 -23.44
CA VAL B 179 7.19 10.25 -23.29
C VAL B 179 6.59 10.18 -21.88
N ALA B 180 7.26 10.79 -20.89
CA ALA B 180 6.75 10.80 -19.52
C ALA B 180 5.40 11.51 -19.49
N VAL B 181 5.39 12.68 -20.13
CA VAL B 181 4.23 13.54 -20.12
C VAL B 181 3.02 12.74 -20.55
N GLN B 182 3.16 11.94 -21.59
CA GLN B 182 2.01 11.23 -22.12
C GLN B 182 1.54 10.13 -21.15
N TYR B 183 2.51 9.47 -20.51
CA TYR B 183 2.17 8.43 -19.55
C TYR B 183 1.44 9.00 -18.36
N ALA B 184 1.95 10.09 -17.82
CA ALA B 184 1.33 10.79 -16.70
C ALA B 184 -0.10 11.19 -17.04
N LYS B 185 -0.34 11.57 -18.29
CA LYS B 185 -1.69 11.97 -18.68
C LYS B 185 -2.57 10.71 -18.72
N ALA B 186 -2.09 9.70 -19.45
CA ALA B 186 -2.76 8.42 -19.55
C ALA B 186 -2.95 7.81 -18.15
N MET B 187 -2.08 8.16 -17.21
CA MET B 187 -2.23 7.74 -15.80
C MET B 187 -3.13 8.59 -14.90
N GLY B 188 -3.93 9.48 -15.47
CA GLY B 188 -4.86 10.28 -14.67
C GLY B 188 -4.28 11.55 -14.09
N LEU B 189 -2.97 11.77 -14.21
CA LEU B 189 -2.31 12.91 -13.58
C LEU B 189 -2.48 14.24 -14.34
N ASN B 190 -2.30 15.36 -13.63
CA ASN B 190 -2.06 16.68 -14.24
C ASN B 190 -0.56 16.96 -14.23
N VAL B 191 -0.03 17.43 -15.35
CA VAL B 191 1.41 17.54 -15.51
C VAL B 191 1.86 19.00 -15.45
N VAL B 192 2.99 19.26 -14.76
CA VAL B 192 3.79 20.47 -15.01
C VAL B 192 5.06 20.11 -15.76
N ALA B 193 5.19 20.54 -17.01
CA ALA B 193 6.45 20.37 -17.74
C ALA B 193 7.40 21.49 -17.33
N VAL B 194 8.65 21.13 -17.11
CA VAL B 194 9.67 22.11 -16.76
C VAL B 194 10.89 21.93 -17.64
N ASP B 195 11.29 22.97 -18.37
CA ASP B 195 12.45 22.89 -19.31
C ASP B 195 13.07 24.28 -19.63
N ILE B 196 14.39 24.34 -19.89
CA ILE B 196 15.00 25.63 -20.31
C ILE B 196 14.59 26.06 -21.72
N GLY B 197 14.34 25.08 -22.60
CA GLY B 197 13.91 25.33 -23.98
C GLY B 197 12.42 25.60 -24.24
N ASP B 198 12.11 26.83 -24.66
CA ASP B 198 10.75 27.32 -24.89
C ASP B 198 9.97 26.47 -25.92
N GLU B 199 10.69 25.86 -26.86
CA GLU B 199 10.11 24.96 -27.84
C GLU B 199 9.77 23.57 -27.25
N LYS B 200 10.50 23.12 -26.23
CA LYS B 200 10.21 21.83 -25.58
C LYS B 200 8.95 21.97 -24.74
N LEU B 201 8.79 23.13 -24.11
CA LEU B 201 7.56 23.43 -23.38
C LEU B 201 6.34 23.52 -24.32
N GLU B 202 6.60 24.03 -25.54
CA GLU B 202 5.61 23.96 -26.61
C GLU B 202 5.23 22.52 -26.93
N LEU B 203 6.23 21.64 -27.11
CA LEU B 203 5.97 20.23 -27.43
C LEU B 203 5.17 19.53 -26.32
N ALA B 204 5.63 19.74 -25.11
CA ALA B 204 5.02 19.11 -23.97
C ALA B 204 3.56 19.48 -23.93
N LYS B 205 3.26 20.75 -24.20
CA LYS B 205 1.89 21.21 -24.22
C LYS B 205 0.98 20.53 -25.27
N GLU B 206 1.46 20.29 -26.49
CA GLU B 206 0.67 19.52 -27.48
C GLU B 206 0.51 18.10 -27.00
N LEU B 207 1.54 17.64 -26.28
CA LEU B 207 1.60 16.29 -25.70
C LEU B 207 0.71 16.03 -24.47
N GLY B 208 0.11 17.08 -23.93
CA GLY B 208 -0.95 16.96 -22.94
C GLY B 208 -0.63 17.73 -21.69
N ALA B 209 0.60 18.23 -21.57
CA ALA B 209 1.03 18.91 -20.37
C ALA B 209 0.05 20.03 -20.04
N ASP B 210 -0.36 20.10 -18.77
CA ASP B 210 -1.30 21.12 -18.31
C ASP B 210 -0.70 22.50 -18.07
N LEU B 211 0.55 22.58 -17.61
CA LEU B 211 1.24 23.85 -17.34
C LEU B 211 2.71 23.70 -17.63
N VAL B 212 3.31 24.76 -18.16
CA VAL B 212 4.75 24.77 -18.46
C VAL B 212 5.42 25.94 -17.75
N VAL B 213 6.66 25.73 -17.35
CA VAL B 213 7.44 26.80 -16.74
C VAL B 213 8.87 26.60 -17.23
N ASN B 214 9.62 27.70 -17.28
CA ASN B 214 10.97 27.68 -17.87
C ASN B 214 12.12 28.35 -17.16
N PRO B 215 12.94 27.62 -16.39
CA PRO B 215 12.92 27.70 -14.94
C PRO B 215 13.93 28.87 -14.76
N LEU B 216 14.07 29.67 -15.83
CA LEU B 216 15.11 30.69 -16.04
C LEU B 216 15.06 32.03 -15.24
N LYS B 217 14.04 32.92 -15.35
CA LYS B 217 13.09 33.13 -16.44
C LYS B 217 11.57 33.14 -16.15
N GLU B 218 11.02 32.42 -15.15
CA GLU B 218 11.19 32.68 -13.72
C GLU B 218 11.49 31.48 -12.79
N ASP B 219 11.19 31.65 -11.50
CA ASP B 219 11.30 30.60 -10.47
C ASP B 219 10.23 29.50 -10.61
N ALA B 220 10.72 28.30 -10.97
CA ALA B 220 9.90 27.11 -11.26
C ALA B 220 9.11 26.62 -10.08
N ALA B 221 9.76 26.50 -8.92
CA ALA B 221 9.09 26.04 -7.72
C ALA B 221 8.11 27.08 -7.22
N LYS B 222 8.49 28.35 -7.33
CA LYS B 222 7.64 29.42 -6.81
C LYS B 222 6.39 29.54 -7.66
N PHE B 223 6.49 29.09 -8.91
CA PHE B 223 5.40 29.07 -9.88
C PHE B 223 4.49 27.90 -9.58
N MET B 224 5.10 26.73 -9.33
CA MET B 224 4.33 25.56 -8.98
C MET B 224 3.70 25.70 -7.62
N LYS B 225 4.28 26.52 -6.75
CA LYS B 225 3.63 26.84 -5.48
C LYS B 225 2.11 27.14 -5.66
N GLU B 226 1.65 27.86 -6.67
CA GLU B 226 1.56 29.29 -6.62
C GLU B 226 0.09 29.73 -6.83
N LYS B 227 -0.82 29.05 -7.57
CA LYS B 227 -0.71 28.12 -8.76
C LYS B 227 -1.32 26.72 -8.63
N VAL B 228 -0.57 25.75 -8.12
CA VAL B 228 -1.12 24.41 -7.89
C VAL B 228 -0.85 23.85 -6.48
N GLY B 229 -0.43 24.70 -5.54
CA GLY B 229 -0.10 24.23 -4.17
C GLY B 229 1.24 23.50 -4.00
N GLY B 230 2.06 23.50 -5.04
CA GLY B 230 3.24 22.63 -5.13
C GLY B 230 2.85 21.22 -5.61
N VAL B 231 3.69 20.63 -6.47
CA VAL B 231 3.36 19.31 -7.04
C VAL B 231 3.53 18.12 -6.06
N HIS B 232 2.75 17.06 -6.29
CA HIS B 232 2.82 15.87 -5.46
C HIS B 232 4.11 15.09 -5.62
N ALA B 233 4.70 15.22 -6.79
CA ALA B 233 5.90 14.48 -7.14
C ALA B 233 6.56 15.12 -8.36
N ALA B 234 7.83 14.77 -8.57
CA ALA B 234 8.59 15.23 -9.71
C ALA B 234 9.37 14.03 -10.29
N VAL B 235 9.47 13.97 -11.61
CA VAL B 235 10.34 13.02 -12.27
C VAL B 235 11.49 13.83 -12.89
N VAL B 236 12.74 13.51 -12.52
CA VAL B 236 13.90 14.20 -13.07
C VAL B 236 14.53 13.31 -14.15
N THR B 237 14.61 13.83 -15.38
CA THR B 237 15.03 13.03 -16.53
C THR B 237 16.43 13.38 -17.01
N ALA B 238 16.88 14.54 -16.57
CA ALA B 238 18.23 15.01 -16.81
C ALA B 238 18.69 15.46 -15.44
N VAL B 239 19.16 14.52 -14.63
CA VAL B 239 19.55 14.85 -13.24
C VAL B 239 20.84 15.63 -13.24
N SER B 240 20.77 16.82 -12.69
CA SER B 240 21.95 17.63 -12.55
C SER B 240 21.71 18.35 -11.26
N LYS B 241 22.76 18.94 -10.72
CA LYS B 241 22.66 19.73 -9.49
C LYS B 241 21.45 20.71 -9.48
N PRO B 242 21.27 21.54 -10.56
CA PRO B 242 20.21 22.57 -10.54
C PRO B 242 18.84 22.00 -10.91
N ALA B 243 18.82 21.03 -11.81
CA ALA B 243 17.60 20.30 -12.11
C ALA B 243 16.98 19.74 -10.82
N PHE B 244 17.76 18.96 -10.07
CA PHE B 244 17.33 18.43 -8.79
C PHE B 244 16.95 19.50 -7.77
N GLN B 245 17.81 20.48 -7.51
CA GLN B 245 17.40 21.51 -6.55
C GLN B 245 16.02 22.07 -6.92
N SER B 246 15.76 22.25 -8.21
CA SER B 246 14.45 22.79 -8.58
C SER B 246 13.33 21.82 -8.18
N ALA B 247 13.38 20.60 -8.75
CA ALA B 247 12.38 19.57 -8.49
C ALA B 247 12.13 19.51 -6.99
N TYR B 248 13.18 19.17 -6.23
CA TYR B 248 13.17 19.21 -4.76
C TYR B 248 12.31 20.35 -4.16
N ASN B 249 12.54 21.58 -4.57
CA ASN B 249 11.83 22.71 -3.94
C ASN B 249 10.38 22.87 -4.33
N SER B 250 10.00 22.20 -5.41
CA SER B 250 8.69 22.44 -6.05
C SER B 250 7.69 21.44 -5.56
N ILE B 251 8.17 20.25 -5.23
CA ILE B 251 7.48 19.16 -4.55
C ILE B 251 6.84 19.66 -3.26
N ARG B 252 5.61 19.23 -2.97
CA ARG B 252 4.99 19.68 -1.72
C ARG B 252 5.49 18.78 -0.61
N ARG B 253 5.26 19.17 0.64
CA ARG B 253 5.69 18.33 1.78
C ARG B 253 5.10 16.92 1.63
N GLY B 254 5.94 15.92 1.91
CA GLY B 254 5.53 14.52 1.85
C GLY B 254 5.69 13.94 0.46
N GLY B 255 6.11 14.78 -0.49
CA GLY B 255 6.17 14.44 -1.91
C GLY B 255 7.36 13.59 -2.28
N ALA B 256 7.34 13.03 -3.48
CA ALA B 256 8.43 12.18 -3.90
C ALA B 256 9.19 12.86 -5.00
N CYS B 257 10.49 12.65 -4.97
CA CYS B 257 11.33 13.11 -6.01
C CYS B 257 11.99 11.90 -6.67
N VAL B 258 11.57 11.54 -7.87
CA VAL B 258 12.07 10.33 -8.44
C VAL B 258 13.10 10.68 -9.49
N LEU B 259 14.26 10.01 -9.43
CA LEU B 259 15.43 10.38 -10.22
C LEU B 259 15.65 9.26 -11.21
N VAL B 260 15.67 9.56 -12.50
CA VAL B 260 15.71 8.52 -13.50
C VAL B 260 17.02 8.57 -14.32
N GLY B 261 17.71 9.72 -14.26
CA GLY B 261 19.00 9.90 -14.95
C GLY B 261 20.17 9.09 -14.39
N LEU B 262 21.29 9.10 -15.13
CA LEU B 262 22.49 8.34 -14.75
C LEU B 262 23.82 9.13 -14.78
N PRO B 263 23.87 10.28 -14.10
CA PRO B 263 25.08 11.08 -14.14
C PRO B 263 26.18 10.61 -13.18
N PRO B 264 27.44 10.78 -13.58
CA PRO B 264 28.62 10.38 -12.78
C PRO B 264 28.68 10.97 -11.35
N GLU B 265 28.28 12.24 -11.16
CA GLU B 265 28.51 12.95 -9.89
C GLU B 265 27.56 12.60 -8.72
N GLU B 266 28.06 12.80 -7.49
CA GLU B 266 27.28 12.76 -6.23
C GLU B 266 26.59 14.12 -6.00
N MET B 267 25.48 14.14 -5.25
CA MET B 267 24.51 15.28 -5.25
C MET B 267 24.96 16.67 -4.74
N PRO B 268 24.57 17.12 -3.52
CA PRO B 268 24.00 16.63 -2.27
C PRO B 268 22.54 16.98 -2.04
N ILE B 269 22.00 16.60 -0.89
CA ILE B 269 20.59 16.86 -0.54
C ILE B 269 20.49 17.51 0.83
N PRO B 270 19.53 18.42 1.04
CA PRO B 270 19.47 19.00 2.38
C PRO B 270 18.89 17.98 3.34
N ILE B 271 19.50 17.80 4.52
CA ILE B 271 19.01 16.77 5.44
C ILE B 271 17.90 17.31 6.32
N PHE B 272 18.13 18.50 6.88
CA PHE B 272 17.19 19.16 7.78
C PHE B 272 15.82 19.20 7.14
N ASP B 273 15.73 19.84 5.97
CA ASP B 273 14.44 20.10 5.35
C ASP B 273 13.79 18.80 4.94
N THR B 274 14.60 17.85 4.46
CA THR B 274 14.12 16.51 4.15
C THR B 274 13.47 15.82 5.34
N VAL B 275 14.00 15.99 6.55
CA VAL B 275 13.44 15.32 7.72
C VAL B 275 12.19 16.05 8.17
N LEU B 276 12.32 17.35 8.33
CA LEU B 276 11.25 18.23 8.73
C LEU B 276 10.01 18.15 7.81
N ASN B 277 10.21 17.91 6.51
CA ASN B 277 9.11 17.82 5.54
C ASN B 277 8.89 16.41 4.99
N GLY B 278 9.54 15.39 5.56
CA GLY B 278 9.40 14.01 5.10
C GLY B 278 9.36 13.83 3.58
N ILE B 279 10.41 14.27 2.93
CA ILE B 279 10.54 14.20 1.49
C ILE B 279 11.12 12.84 1.13
N LYS B 280 10.78 12.34 -0.04
CA LYS B 280 11.23 11.01 -0.43
C LYS B 280 12.04 11.21 -1.67
N ILE B 281 13.22 10.60 -1.71
CA ILE B 281 14.07 10.67 -2.88
C ILE B 281 14.25 9.24 -3.25
N ILE B 282 14.08 8.91 -4.52
CA ILE B 282 14.00 7.50 -4.94
C ILE B 282 14.61 7.36 -6.32
N GLY B 283 15.51 6.39 -6.46
CA GLY B 283 15.99 6.02 -7.77
C GLY B 283 15.04 5.03 -8.41
N SER B 284 14.97 5.08 -9.74
CA SER B 284 14.23 4.09 -10.50
C SER B 284 14.75 4.04 -11.91
N ILE B 285 14.92 2.84 -12.42
CA ILE B 285 15.28 2.70 -13.81
C ILE B 285 14.71 1.41 -14.40
N VAL B 286 14.48 1.46 -15.71
CA VAL B 286 13.74 0.43 -16.42
C VAL B 286 12.52 -0.04 -15.58
N GLY B 287 12.36 -1.36 -15.51
CA GLY B 287 11.25 -1.98 -14.83
C GLY B 287 11.01 -3.41 -15.26
N THR B 288 10.09 -4.03 -14.54
CA THR B 288 9.72 -5.43 -14.68
C THR B 288 9.20 -5.77 -16.07
N ARG B 289 9.27 -7.04 -16.42
CA ARG B 289 8.52 -7.53 -17.56
C ARG B 289 7.09 -6.98 -17.49
N LYS B 290 6.42 -7.11 -16.35
CA LYS B 290 5.05 -6.71 -16.23
C LYS B 290 4.93 -5.23 -16.43
N ASP B 291 5.88 -4.47 -15.89
CA ASP B 291 5.89 -3.03 -16.09
C ASP B 291 5.90 -2.72 -17.56
N LEU B 292 6.68 -3.49 -18.30
CA LEU B 292 6.86 -3.33 -19.74
C LEU B 292 5.62 -3.81 -20.51
N GLN B 293 5.11 -5.00 -20.21
CA GLN B 293 3.82 -5.36 -20.78
C GLN B 293 2.86 -4.17 -20.67
N GLU B 294 2.75 -3.59 -19.47
CA GLU B 294 1.82 -2.49 -19.19
C GLU B 294 2.16 -1.24 -19.98
N ALA B 295 3.45 -0.87 -20.01
CA ALA B 295 3.84 0.33 -20.73
C ALA B 295 3.62 0.18 -22.24
N LEU B 296 3.82 -1.02 -22.76
CA LEU B 296 3.65 -1.29 -24.18
C LEU B 296 2.21 -1.14 -24.61
N GLN B 297 1.28 -1.60 -23.76
CA GLN B 297 -0.16 -1.49 -24.03
C GLN B 297 -0.64 -0.02 -24.11
N PHE B 298 -0.15 0.84 -23.24
CA PHE B 298 -0.51 2.23 -23.34
C PHE B 298 -0.16 2.74 -24.74
N ALA B 299 1.03 2.40 -25.24
CA ALA B 299 1.43 2.84 -26.57
C ALA B 299 0.50 2.20 -27.59
N ALA B 300 0.29 0.91 -27.48
CA ALA B 300 -0.61 0.20 -28.36
C ALA B 300 -2.00 0.84 -28.53
N GLU B 301 -2.37 1.79 -27.67
CA GLU B 301 -3.72 2.35 -27.65
C GLU B 301 -3.70 3.81 -28.02
N GLY B 302 -2.55 4.27 -28.48
CA GLY B 302 -2.41 5.64 -28.93
C GLY B 302 -2.15 6.59 -27.79
N LYS B 303 -2.16 6.08 -26.58
CA LYS B 303 -2.05 6.96 -25.43
C LYS B 303 -0.67 7.58 -25.26
N VAL B 304 0.35 6.88 -25.76
CA VAL B 304 1.72 7.42 -25.86
C VAL B 304 2.37 7.06 -27.21
N LYS B 305 3.00 8.06 -27.86
CA LYS B 305 3.75 7.91 -29.10
C LYS B 305 5.10 8.58 -28.92
N THR B 306 6.14 7.88 -29.36
CA THR B 306 7.51 8.36 -29.24
C THR B 306 7.90 9.15 -30.49
N ILE B 307 8.70 10.20 -30.31
CA ILE B 307 9.21 10.99 -31.45
C ILE B 307 10.54 10.35 -31.99
N ILE B 308 10.39 9.50 -33.01
CA ILE B 308 11.52 8.75 -33.61
C ILE B 308 12.16 9.47 -34.82
N GLU B 309 13.41 9.12 -35.11
CA GLU B 309 14.07 9.43 -36.39
C GLU B 309 14.69 8.09 -36.74
N VAL B 310 14.29 7.49 -37.87
CA VAL B 310 14.90 6.22 -38.31
C VAL B 310 16.33 6.43 -38.86
N GLN B 311 17.23 5.47 -38.64
CA GLN B 311 18.59 5.52 -39.18
C GLN B 311 19.06 4.11 -39.44
N PRO B 312 19.95 3.89 -40.44
CA PRO B 312 20.44 2.52 -40.62
C PRO B 312 21.68 2.22 -39.79
N LEU B 313 21.88 0.93 -39.53
CA LEU B 313 22.99 0.45 -38.74
C LEU B 313 24.29 1.24 -38.97
N GLU B 314 24.57 1.56 -40.24
CA GLU B 314 25.89 2.08 -40.61
C GLU B 314 26.12 3.51 -40.16
N LYS B 315 25.03 4.24 -39.94
CA LYS B 315 25.15 5.64 -39.52
C LYS B 315 25.29 5.76 -38.00
N ILE B 316 25.38 4.62 -37.32
CA ILE B 316 25.44 4.60 -35.86
C ILE B 316 26.45 5.56 -35.23
N ASN B 317 27.68 5.57 -35.74
CA ASN B 317 28.77 6.42 -35.22
C ASN B 317 28.50 7.91 -35.35
N GLU B 318 27.82 8.26 -36.43
CA GLU B 318 27.35 9.62 -36.61
C GLU B 318 26.31 9.96 -35.54
N VAL B 319 25.43 8.99 -35.21
CA VAL B 319 24.36 9.19 -34.21
C VAL B 319 24.90 9.43 -32.80
N PHE B 320 25.99 8.75 -32.43
CA PHE B 320 26.64 8.99 -31.15
C PHE B 320 27.33 10.38 -31.08
N ASP B 321 26.91 11.32 -31.91
CA ASP B 321 27.90 12.32 -32.29
C ASP B 321 27.70 13.85 -32.27
N ARG B 322 26.57 14.51 -32.60
CA ARG B 322 25.15 14.19 -32.41
C ARG B 322 24.74 14.00 -30.93
N MET B 323 24.52 12.76 -30.50
CA MET B 323 24.17 12.48 -29.11
C MET B 323 25.10 13.21 -28.15
N LEU B 324 26.41 13.13 -28.40
CA LEU B 324 27.40 13.68 -27.48
C LEU B 324 27.38 15.21 -27.47
N LYS B 325 26.98 15.83 -28.57
CA LYS B 325 26.79 17.30 -28.54
C LYS B 325 25.36 17.66 -28.18
N GLY B 326 24.53 16.65 -27.92
CA GLY B 326 23.18 16.87 -27.41
C GLY B 326 22.24 17.43 -28.45
N GLN B 327 22.35 16.91 -29.67
CA GLN B 327 21.47 17.34 -30.74
C GLN B 327 20.52 16.23 -31.17
N ILE B 328 19.84 15.58 -30.21
CA ILE B 328 18.90 14.53 -30.60
C ILE B 328 17.49 14.79 -30.09
N ASN B 329 16.56 14.91 -31.04
CA ASN B 329 15.17 15.19 -30.72
C ASN B 329 14.29 13.97 -30.34
N GLY B 330 14.29 13.67 -29.05
CA GLY B 330 13.67 12.44 -28.59
C GLY B 330 14.60 11.26 -28.85
N ARG B 331 14.15 10.32 -29.69
CA ARG B 331 14.92 9.11 -29.82
C ARG B 331 15.23 8.70 -31.24
N VAL B 332 16.35 7.99 -31.37
CA VAL B 332 16.83 7.46 -32.65
C VAL B 332 16.68 5.94 -32.68
N VAL B 333 15.82 5.44 -33.56
CA VAL B 333 15.68 4.01 -33.78
C VAL B 333 16.60 3.65 -34.98
N LEU B 334 17.20 2.46 -34.97
CA LEU B 334 17.94 1.94 -36.13
C LEU B 334 17.08 0.94 -36.84
N THR B 335 17.02 1.09 -38.16
CA THR B 335 16.41 0.09 -39.04
C THR B 335 17.43 -0.98 -39.40
N LEU B 336 16.96 -2.23 -39.49
CA LEU B 336 17.82 -3.29 -40.05
C LEU B 336 17.36 -3.94 -41.39
N GLU B 337 16.04 -4.11 -41.62
CA GLU B 337 15.54 -4.68 -42.89
C GLU B 337 15.96 -3.87 -44.14
N MET C 1 3.10 31.30 38.61
CA MET C 1 3.61 29.93 38.27
C MET C 1 5.08 29.98 37.85
N LYS C 2 5.87 28.99 38.27
CA LYS C 2 7.29 29.03 37.91
C LYS C 2 7.65 28.30 36.63
N ALA C 3 8.70 28.77 35.96
CA ALA C 3 9.07 28.27 34.64
C ALA C 3 10.58 28.30 34.44
N ALA C 4 11.10 27.44 33.57
CA ALA C 4 12.41 27.70 33.01
C ALA C 4 12.11 28.59 31.82
N VAL C 5 12.85 29.69 31.68
CA VAL C 5 12.54 30.70 30.64
C VAL C 5 13.76 31.07 29.82
N VAL C 6 13.58 31.19 28.51
CA VAL C 6 14.66 31.60 27.65
C VAL C 6 14.49 33.07 27.35
N GLU C 7 15.36 33.90 27.94
CA GLU C 7 15.35 35.37 27.74
C GLU C 7 16.25 35.88 26.58
N GLN C 8 17.47 35.35 26.46
CA GLN C 8 18.33 35.66 25.32
C GLN C 8 18.96 34.35 24.88
N PHE C 9 19.22 34.21 23.58
CA PHE C 9 19.83 33.00 23.04
C PHE C 9 21.23 32.77 23.61
N LYS C 10 21.62 31.50 23.68
CA LYS C 10 22.97 31.08 24.12
C LYS C 10 23.31 31.49 25.58
N GLU C 11 22.32 32.08 26.25
CA GLU C 11 22.43 32.53 27.64
C GLU C 11 21.78 31.51 28.59
N PRO C 12 22.35 31.28 29.78
CA PRO C 12 21.65 30.46 30.77
C PRO C 12 20.23 30.91 30.95
N LEU C 13 19.31 29.95 31.02
CA LEU C 13 17.89 30.20 31.27
C LEU C 13 17.65 30.70 32.68
N LYS C 14 16.46 31.24 32.94
CA LYS C 14 16.19 31.77 34.26
C LYS C 14 14.96 31.07 34.87
N ILE C 15 15.19 30.24 35.90
CA ILE C 15 14.08 29.69 36.68
C ILE C 15 13.57 30.84 37.52
N LYS C 16 12.27 31.14 37.37
CA LYS C 16 11.67 32.37 37.89
C LYS C 16 10.16 32.29 37.80
N GLU C 17 9.49 33.17 38.54
CA GLU C 17 8.03 33.20 38.49
C GLU C 17 7.58 34.02 37.28
N VAL C 18 6.62 33.47 36.55
CA VAL C 18 5.98 34.16 35.41
C VAL C 18 4.44 34.04 35.52
N GLU C 19 3.77 34.58 34.52
CA GLU C 19 2.33 34.59 34.52
C GLU C 19 1.74 33.21 34.16
N LYS C 20 0.88 32.68 35.04
CA LYS C 20 0.14 31.41 34.81
C LYS C 20 -0.92 31.61 33.73
N PRO C 21 -0.77 30.93 32.56
CA PRO C 21 -1.54 31.31 31.38
C PRO C 21 -3.07 31.13 31.49
N THR C 22 -3.77 31.97 30.74
CA THR C 22 -5.22 31.99 30.72
C THR C 22 -5.69 31.11 29.56
N ILE C 23 -6.87 30.51 29.66
CA ILE C 23 -7.36 29.66 28.57
C ILE C 23 -8.66 30.14 27.88
N SER C 24 -8.72 29.96 26.56
CA SER C 24 -9.88 30.32 25.76
C SER C 24 -10.61 29.11 25.22
N TYR C 25 -11.22 29.29 24.05
CA TYR C 25 -12.01 28.28 23.38
C TYR C 25 -11.18 27.12 22.88
N GLY C 26 -11.69 25.91 23.08
CA GLY C 26 -10.98 24.69 22.67
C GLY C 26 -9.55 24.52 23.17
N GLU C 27 -9.22 25.19 24.28
CA GLU C 27 -7.91 25.07 24.89
C GLU C 27 -8.12 24.29 26.19
N VAL C 28 -7.04 23.74 26.76
CA VAL C 28 -7.08 23.20 28.13
C VAL C 28 -5.89 23.70 28.92
N LEU C 29 -6.06 23.69 30.24
CA LEU C 29 -4.97 24.06 31.13
C LEU C 29 -4.40 22.82 31.75
N VAL C 30 -3.14 22.54 31.45
CA VAL C 30 -2.49 21.32 31.90
C VAL C 30 -1.53 21.69 33.01
N ARG C 31 -1.61 20.94 34.11
CA ARG C 31 -0.64 21.03 35.20
C ARG C 31 0.47 20.00 34.93
N ILE C 32 1.62 20.54 34.53
CA ILE C 32 2.74 19.71 34.16
C ILE C 32 3.28 18.95 35.36
N LYS C 33 3.34 17.63 35.23
CA LYS C 33 3.83 16.72 36.26
C LYS C 33 5.28 16.35 35.98
N ALA C 34 5.64 16.25 34.68
CA ALA C 34 7.01 16.00 34.20
C ALA C 34 7.16 16.45 32.75
N CYS C 35 8.37 16.85 32.34
CA CYS C 35 8.62 17.20 30.94
C CYS C 35 9.93 16.62 30.46
N GLY C 36 9.91 15.96 29.30
CA GLY C 36 11.12 15.45 28.66
C GLY C 36 12.01 16.54 28.09
N VAL C 37 13.30 16.23 27.93
CA VAL C 37 14.31 17.15 27.38
C VAL C 37 15.04 16.44 26.24
N CYS C 38 15.25 17.18 25.14
CA CYS C 38 16.10 16.66 24.06
C CYS C 38 16.84 17.78 23.36
N HIS C 39 17.79 17.39 22.53
CA HIS C 39 18.58 18.32 21.73
C HIS C 39 17.74 19.41 21.13
N THR C 40 16.50 19.10 20.74
CA THR C 40 15.65 20.13 20.12
C THR C 40 15.36 21.34 21.04
N ASP C 41 15.14 21.07 22.34
CA ASP C 41 14.93 22.11 23.32
C ASP C 41 16.15 23.03 23.38
N LEU C 42 17.32 22.43 23.22
CA LEU C 42 18.59 23.15 23.31
C LEU C 42 18.87 24.00 22.08
N HIS C 43 18.51 23.52 20.92
CA HIS C 43 18.64 24.31 19.70
C HIS C 43 17.67 25.47 19.76
N ALA C 44 16.59 25.32 20.51
CA ALA C 44 15.71 26.44 20.74
C ALA C 44 16.48 27.44 21.61
N ALA C 45 17.05 26.95 22.72
CA ALA C 45 17.75 27.78 23.68
C ALA C 45 18.81 28.62 23.00
N HIS C 46 19.69 27.95 22.26
CA HIS C 46 20.74 28.63 21.51
C HIS C 46 20.24 29.45 20.31
N GLY C 47 18.95 29.33 19.98
CA GLY C 47 18.38 29.97 18.80
C GLY C 47 19.22 29.89 17.53
N ASP C 48 19.66 28.69 17.16
CA ASP C 48 20.57 28.54 16.00
C ASP C 48 19.96 27.81 14.81
N TRP C 49 18.64 27.67 14.76
CA TRP C 49 17.99 27.02 13.62
C TRP C 49 17.50 28.02 12.56
N PRO C 50 17.34 27.59 11.29
CA PRO C 50 16.84 28.53 10.28
C PRO C 50 15.70 29.41 10.81
N VAL C 51 14.57 28.81 11.19
CA VAL C 51 13.46 29.59 11.78
C VAL C 51 13.58 29.64 13.32
N LYS C 52 14.16 30.74 13.82
CA LYS C 52 14.40 30.90 15.26
C LYS C 52 13.09 31.23 15.99
N PRO C 53 12.98 30.87 17.29
CA PRO C 53 11.76 31.14 18.08
C PRO C 53 11.74 32.58 18.56
N LYS C 54 10.60 33.08 19.02
CA LYS C 54 10.61 34.46 19.55
C LYS C 54 10.60 34.56 21.08
N LEU C 55 11.51 35.37 21.60
CA LEU C 55 11.82 35.44 23.02
C LEU C 55 10.91 36.44 23.72
N PRO C 56 10.54 36.17 24.98
CA PRO C 56 10.93 35.00 25.77
C PRO C 56 10.09 33.73 25.52
N LEU C 57 10.69 32.58 25.77
CA LEU C 57 10.08 31.30 25.49
C LEU C 57 10.33 30.27 26.61
N ILE C 58 9.25 29.57 26.97
CA ILE C 58 9.34 28.43 27.84
C ILE C 58 9.39 27.18 26.94
N PRO C 59 10.50 26.44 26.97
CA PRO C 59 10.62 25.28 26.10
C PRO C 59 9.82 24.08 26.58
N GLY C 60 10.01 22.92 25.94
CA GLY C 60 9.34 21.68 26.34
C GLY C 60 8.18 21.23 25.46
N HIS C 61 8.43 20.22 24.66
CA HIS C 61 7.39 19.69 23.81
C HIS C 61 7.20 18.24 24.15
N GLU C 62 7.59 17.90 25.39
CA GLU C 62 7.51 16.56 25.92
C GLU C 62 6.90 16.61 27.29
N GLY C 63 6.06 17.61 27.50
CA GLY C 63 5.43 17.77 28.78
C GLY C 63 4.18 16.93 28.86
N VAL C 64 4.07 16.22 29.98
CA VAL C 64 2.86 15.50 30.36
C VAL C 64 2.40 15.99 31.72
N GLY C 65 1.11 15.80 32.02
CA GLY C 65 0.55 16.22 33.29
C GLY C 65 -0.94 15.98 33.31
N ILE C 66 -1.60 16.65 34.26
CA ILE C 66 -3.04 16.48 34.49
C ILE C 66 -3.76 17.69 33.95
N VAL C 67 -4.88 17.46 33.25
CA VAL C 67 -5.83 18.50 32.89
C VAL C 67 -6.54 19.15 34.09
N GLU C 68 -6.23 20.43 34.33
CA GLU C 68 -6.80 21.18 35.45
C GLU C 68 -8.10 21.92 35.13
N GLU C 69 -8.26 22.43 33.91
CA GLU C 69 -9.59 22.90 33.45
C GLU C 69 -9.77 22.83 31.94
N VAL C 70 -10.99 22.46 31.56
CA VAL C 70 -11.41 22.43 30.17
C VAL C 70 -11.84 23.82 29.73
N GLY C 71 -11.43 24.21 28.54
CA GLY C 71 -11.95 25.43 27.91
C GLY C 71 -13.39 25.25 27.46
N PRO C 72 -14.07 26.34 27.09
CA PRO C 72 -15.40 26.08 26.52
C PRO C 72 -15.23 25.43 25.18
N GLY C 73 -16.18 24.55 24.85
CA GLY C 73 -16.22 23.92 23.52
C GLY C 73 -15.72 22.49 23.52
N VAL C 74 -14.63 22.26 24.22
CA VAL C 74 -14.02 20.94 24.34
C VAL C 74 -14.84 20.04 25.22
N THR C 75 -15.14 18.85 24.68
CA THR C 75 -16.10 17.91 25.24
C THR C 75 -15.52 16.47 25.28
N HIS C 76 -14.28 16.30 24.82
CA HIS C 76 -13.65 14.99 24.68
C HIS C 76 -12.60 14.72 25.77
N LEU C 77 -12.49 15.64 26.72
CA LEU C 77 -11.51 15.59 27.80
C LEU C 77 -12.16 16.09 29.08
N LYS C 78 -11.77 15.52 30.21
CA LYS C 78 -12.32 15.91 31.49
C LYS C 78 -11.21 16.33 32.43
N VAL C 79 -11.59 17.01 33.50
CA VAL C 79 -10.66 17.45 34.51
C VAL C 79 -10.08 16.20 35.16
N GLY C 80 -8.76 16.18 35.29
CA GLY C 80 -8.05 15.03 35.86
C GLY C 80 -7.50 14.01 34.87
N ASP C 81 -7.78 14.21 33.59
CA ASP C 81 -7.24 13.37 32.50
C ASP C 81 -5.74 13.54 32.36
N ARG C 82 -5.02 12.43 32.46
CA ARG C 82 -3.55 12.45 32.36
C ARG C 82 -3.24 12.56 30.88
N VAL C 83 -2.51 13.60 30.52
CA VAL C 83 -2.44 14.03 29.09
C VAL C 83 -1.06 14.58 28.73
N GLY C 84 -0.73 14.70 27.43
CA GLY C 84 0.56 15.27 27.00
C GLY C 84 0.47 16.34 25.91
N ILE C 85 1.54 17.10 25.71
CA ILE C 85 1.51 18.15 24.72
C ILE C 85 2.71 17.99 23.80
N PRO C 86 2.46 17.40 22.64
CA PRO C 86 3.48 16.99 21.66
C PRO C 86 4.12 18.17 20.96
N TRP C 87 5.19 17.94 20.22
CA TRP C 87 5.78 18.98 19.39
C TRP C 87 4.69 19.64 18.54
N LEU C 88 3.87 18.80 17.89
CA LEU C 88 2.72 19.31 17.15
C LEU C 88 1.66 19.87 18.12
N TYR C 89 1.82 21.16 18.46
CA TYR C 89 0.92 21.87 19.37
C TYR C 89 -0.46 22.01 18.75
N SER C 90 -0.49 22.41 17.47
CA SER C 90 -1.77 22.59 16.75
C SER C 90 -1.55 22.57 15.24
N ALA C 91 -2.58 22.12 14.52
CA ALA C 91 -2.60 22.20 13.07
C ALA C 91 -3.99 22.73 12.71
N CYS C 92 -4.15 23.25 11.48
CA CYS C 92 -5.43 23.82 11.06
C CYS C 92 -6.55 22.78 11.01
N GLY C 93 -6.22 21.55 10.57
CA GLY C 93 -7.23 20.50 10.47
C GLY C 93 -8.10 20.56 9.22
N HIS C 94 -7.68 21.34 8.21
CA HIS C 94 -8.45 21.58 6.98
C HIS C 94 -7.64 21.49 5.70
N CYS C 95 -6.41 21.97 5.76
CA CYS C 95 -5.47 21.87 4.65
C CYS C 95 -5.38 20.40 4.17
N ASP C 96 -4.83 20.19 2.96
CA ASP C 96 -4.76 18.83 2.41
C ASP C 96 -3.97 17.90 3.29
N TYR C 97 -2.83 18.40 3.80
CA TYR C 97 -1.95 17.62 4.70
C TYR C 97 -2.77 17.08 5.86
N CYS C 98 -3.58 17.95 6.46
CA CYS C 98 -4.43 17.57 7.57
C CYS C 98 -5.48 16.51 7.20
N LEU C 99 -5.90 16.45 5.94
CA LEU C 99 -6.92 15.46 5.56
C LEU C 99 -6.38 14.16 4.94
N SER C 100 -5.10 14.17 4.56
CA SER C 100 -4.34 12.93 4.48
C SER C 100 -4.14 12.47 5.93
N GLY C 101 -3.03 11.82 6.21
CA GLY C 101 -2.75 11.52 7.61
C GLY C 101 -1.44 12.18 7.93
N GLN C 102 -1.40 13.50 7.74
CA GLN C 102 -0.14 14.24 7.65
C GLN C 102 -0.15 15.57 8.41
N GLU C 103 -0.99 15.68 9.43
CA GLU C 103 -1.04 16.90 10.24
C GLU C 103 0.34 17.37 10.63
N THR C 104 1.22 16.41 10.85
CA THR C 104 2.63 16.65 11.14
C THR C 104 3.31 17.69 10.21
N LEU C 105 2.77 17.90 9.02
CA LEU C 105 3.37 18.81 8.02
C LEU C 105 2.57 20.09 7.73
N CYS C 106 1.39 20.20 8.31
CA CYS C 106 0.54 21.38 8.17
C CYS C 106 1.33 22.71 8.15
N GLU C 107 1.13 23.51 7.10
CA GLU C 107 1.80 24.84 6.99
C GLU C 107 1.40 25.83 8.09
N HIS C 108 0.30 25.57 8.80
CA HIS C 108 -0.15 26.49 9.85
C HIS C 108 0.14 25.99 11.26
N GLN C 109 0.93 24.92 11.37
CA GLN C 109 1.13 24.27 12.65
C GLN C 109 1.82 25.21 13.61
N LYS C 110 1.50 25.05 14.88
CA LYS C 110 2.23 25.72 15.93
C LYS C 110 3.00 24.63 16.68
N ASN C 111 4.25 24.92 17.07
CA ASN C 111 5.08 23.96 17.82
C ASN C 111 5.31 24.21 19.34
N ALA C 112 4.94 23.23 20.15
CA ALA C 112 5.02 23.37 21.61
C ALA C 112 6.46 23.57 22.10
N GLY C 113 6.62 24.53 23.01
CA GLY C 113 7.94 24.87 23.53
C GLY C 113 8.87 25.33 22.44
N TYR C 114 8.31 25.94 21.39
CA TYR C 114 9.10 26.54 20.32
C TYR C 114 8.44 27.81 19.76
N SER C 115 7.25 27.67 19.19
CA SER C 115 6.54 28.85 18.71
C SER C 115 5.55 29.28 19.75
N VAL C 116 5.26 28.39 20.69
CA VAL C 116 4.44 28.74 21.85
C VAL C 116 5.01 28.09 23.11
N ASP C 117 4.70 28.69 24.25
CA ASP C 117 5.16 28.17 25.53
C ASP C 117 4.81 26.69 25.70
N GLY C 118 5.77 25.95 26.23
CA GLY C 118 5.69 24.50 26.35
C GLY C 118 5.65 23.97 27.75
N GLY C 119 6.45 22.94 28.00
CA GLY C 119 6.28 22.11 29.19
C GLY C 119 7.31 22.34 30.29
N TYR C 120 8.18 23.33 30.12
CA TYR C 120 9.13 23.68 31.18
C TYR C 120 8.52 24.61 32.27
N ALA C 121 7.31 24.30 32.73
CA ALA C 121 6.67 25.15 33.70
C ALA C 121 5.59 24.36 34.40
N GLU C 122 5.09 24.92 35.50
CA GLU C 122 4.13 24.24 36.35
C GLU C 122 2.79 24.05 35.65
N TYR C 123 2.48 24.97 34.76
CA TYR C 123 1.27 24.88 33.93
C TYR C 123 1.61 25.14 32.46
N CYS C 124 0.74 24.64 31.57
CA CYS C 124 0.84 24.87 30.13
C CYS C 124 -0.54 24.96 29.53
N ARG C 125 -0.73 25.96 28.67
CA ARG C 125 -1.97 26.09 27.90
C ARG C 125 -1.76 25.26 26.65
N ALA C 126 -2.79 24.50 26.26
CA ALA C 126 -2.64 23.55 25.15
C ALA C 126 -3.88 23.52 24.30
N ALA C 127 -3.72 23.17 23.01
CA ALA C 127 -4.91 23.01 22.17
C ALA C 127 -5.55 21.65 22.43
N ALA C 128 -6.73 21.65 23.00
CA ALA C 128 -7.44 20.42 23.39
C ALA C 128 -7.41 19.28 22.35
N ASP C 129 -7.72 19.60 21.11
CA ASP C 129 -7.80 18.60 20.05
C ASP C 129 -6.46 17.94 19.84
N TYR C 130 -5.40 18.62 20.28
CA TYR C 130 -4.04 18.20 19.95
C TYR C 130 -3.21 17.55 21.08
N VAL C 131 -3.73 17.60 22.30
CA VAL C 131 -3.15 16.81 23.40
C VAL C 131 -3.41 15.32 23.13
N VAL C 132 -2.47 14.46 23.54
CA VAL C 132 -2.63 13.01 23.39
C VAL C 132 -2.73 12.40 24.79
N LYS C 133 -3.71 11.52 25.00
CA LYS C 133 -3.92 10.95 26.32
C LYS C 133 -2.89 9.88 26.60
N ILE C 134 -2.45 9.80 27.86
CA ILE C 134 -1.50 8.79 28.34
C ILE C 134 -2.28 7.58 28.86
N PRO C 135 -1.89 6.35 28.46
CA PRO C 135 -2.60 5.22 29.03
C PRO C 135 -2.40 5.15 30.56
N ASP C 136 -3.45 4.74 31.27
CA ASP C 136 -3.47 4.65 32.76
C ASP C 136 -2.29 3.89 33.36
N ASN C 137 -1.83 2.89 32.62
CA ASN C 137 -0.89 1.90 33.04
C ASN C 137 0.54 2.41 32.91
N LEU C 138 0.72 3.61 32.36
CA LEU C 138 2.04 4.19 32.13
C LEU C 138 2.22 5.51 32.89
N SER C 139 3.36 5.65 33.56
CA SER C 139 3.66 6.78 34.41
C SER C 139 4.09 8.02 33.63
N PHE C 140 3.98 9.17 34.28
CA PHE C 140 4.40 10.43 33.67
C PHE C 140 5.85 10.41 33.22
N GLU C 141 6.77 9.94 34.06
CA GLU C 141 8.21 10.00 33.72
C GLU C 141 8.55 9.09 32.53
N GLU C 142 7.87 7.95 32.44
CA GLU C 142 8.08 7.01 31.37
C GLU C 142 7.49 7.52 30.08
N ALA C 143 6.28 8.03 30.17
CA ALA C 143 5.54 8.48 29.01
C ALA C 143 6.24 9.64 28.28
N ALA C 144 6.80 10.57 29.05
CA ALA C 144 7.31 11.80 28.47
C ALA C 144 8.31 11.64 27.31
N PRO C 145 9.34 10.79 27.44
CA PRO C 145 10.14 10.64 26.23
C PRO C 145 9.47 9.87 25.05
N ILE C 146 8.47 9.05 25.33
CA ILE C 146 7.66 8.46 24.25
C ILE C 146 7.05 9.56 23.35
N PHE C 147 6.86 10.76 23.88
CA PHE C 147 6.29 11.88 23.11
C PHE C 147 7.17 12.50 22.05
N CYS C 148 8.42 12.07 21.96
CA CYS C 148 9.32 12.60 20.95
C CYS C 148 10.09 11.40 20.45
N ALA C 149 11.02 10.91 21.26
CA ALA C 149 11.85 9.76 20.93
C ALA C 149 11.05 8.52 20.53
N GLY C 150 9.96 8.27 21.26
CA GLY C 150 9.06 7.17 21.00
C GLY C 150 8.44 7.28 19.62
N VAL C 151 7.53 8.24 19.47
CA VAL C 151 6.87 8.41 18.17
C VAL C 151 7.85 8.54 17.02
N THR C 152 8.93 9.30 17.20
CA THR C 152 9.79 9.66 16.08
C THR C 152 10.41 8.37 15.57
N THR C 153 10.72 7.55 16.52
CA THR C 153 11.49 6.38 16.24
C THR C 153 10.56 5.32 15.68
N TYR C 154 9.35 5.27 16.25
CA TYR C 154 8.37 4.28 15.89
C TYR C 154 7.89 4.55 14.48
N LYS C 155 7.28 5.72 14.27
CA LYS C 155 7.03 6.24 12.95
C LYS C 155 8.19 5.89 12.02
N ALA C 156 9.42 6.30 12.37
CA ALA C 156 10.51 6.09 11.43
C ALA C 156 10.50 4.63 10.98
N LEU C 157 10.49 3.71 11.94
CA LEU C 157 10.37 2.28 11.66
C LEU C 157 9.21 1.90 10.72
N LYS C 158 8.03 2.50 10.87
CA LYS C 158 6.89 2.22 9.97
C LYS C 158 7.14 2.67 8.53
N VAL C 159 7.63 3.90 8.41
CA VAL C 159 8.01 4.52 7.16
C VAL C 159 9.03 3.65 6.41
N THR C 160 9.83 2.85 7.14
CA THR C 160 10.82 2.01 6.44
C THR C 160 10.20 0.97 5.55
N GLY C 161 8.91 0.68 5.77
CA GLY C 161 8.19 -0.34 5.02
C GLY C 161 8.43 -1.78 5.49
N ALA C 162 9.61 -2.03 6.07
CA ALA C 162 10.02 -3.32 6.71
C ALA C 162 8.89 -4.11 7.41
N LYS C 163 8.73 -5.36 7.03
CA LYS C 163 7.63 -6.22 7.55
C LYS C 163 8.20 -7.31 8.47
N PRO C 164 7.40 -7.85 9.42
CA PRO C 164 7.91 -8.86 10.36
C PRO C 164 8.78 -9.88 9.66
N GLY C 165 9.97 -10.15 10.18
CA GLY C 165 10.91 -11.06 9.52
C GLY C 165 12.13 -10.33 8.94
N GLU C 166 11.91 -9.09 8.48
CA GLU C 166 12.94 -8.33 7.75
C GLU C 166 14.00 -7.69 8.67
N TRP C 167 15.06 -7.11 8.09
CA TRP C 167 16.14 -6.60 8.92
C TRP C 167 16.25 -5.10 8.86
N VAL C 168 16.37 -4.47 10.04
CA VAL C 168 16.72 -3.05 10.08
C VAL C 168 18.02 -2.80 10.81
N ALA C 169 18.73 -1.78 10.37
CA ALA C 169 19.89 -1.27 11.07
C ALA C 169 19.44 -0.01 11.75
N ILE C 170 19.62 0.07 13.06
CA ILE C 170 19.44 1.34 13.78
C ILE C 170 20.80 2.01 13.97
N TYR C 171 20.98 3.20 13.43
CA TYR C 171 22.29 3.87 13.50
C TYR C 171 22.34 4.86 14.64
N GLY C 172 23.22 4.57 15.60
CA GLY C 172 23.39 5.39 16.80
C GLY C 172 22.45 4.94 17.91
N ILE C 173 23.02 4.46 19.01
CA ILE C 173 22.21 3.95 20.11
C ILE C 173 22.10 4.95 21.26
N GLY C 174 21.70 6.18 20.93
CA GLY C 174 21.52 7.18 21.95
C GLY C 174 20.09 7.23 22.44
N GLY C 175 19.64 8.44 22.76
CA GLY C 175 18.26 8.69 23.12
C GLY C 175 17.25 8.07 22.18
N PHE C 176 17.38 8.30 20.87
CA PHE C 176 16.46 7.67 19.92
C PHE C 176 16.83 6.23 19.78
N GLY C 177 18.10 6.00 19.48
CA GLY C 177 18.62 4.69 19.13
C GLY C 177 18.10 3.56 19.99
N HIS C 178 18.22 3.70 21.30
CA HIS C 178 17.91 2.59 22.22
C HIS C 178 16.41 2.35 22.33
N VAL C 179 15.61 3.41 22.25
CA VAL C 179 14.17 3.17 22.09
C VAL C 179 13.85 2.60 20.68
N ALA C 180 14.52 3.11 19.64
CA ALA C 180 14.32 2.56 18.27
C ALA C 180 14.44 1.06 18.16
N VAL C 181 15.47 0.50 18.77
CA VAL C 181 15.67 -0.95 18.86
C VAL C 181 14.46 -1.66 19.50
N GLN C 182 13.91 -1.13 20.57
CA GLN C 182 12.82 -1.83 21.21
C GLN C 182 11.57 -1.87 20.34
N TYR C 183 11.25 -0.74 19.69
CA TYR C 183 10.10 -0.64 18.78
C TYR C 183 10.31 -1.59 17.60
N ALA C 184 11.53 -1.63 17.08
CA ALA C 184 11.84 -2.53 16.00
C ALA C 184 11.49 -4.00 16.35
N LYS C 185 11.92 -4.47 17.52
CA LYS C 185 11.70 -5.86 17.96
C LYS C 185 10.23 -6.15 18.18
N ALA C 186 9.55 -5.19 18.79
CA ALA C 186 8.14 -5.26 19.06
C ALA C 186 7.36 -5.32 17.76
N MET C 187 7.96 -4.85 16.68
CA MET C 187 7.27 -4.81 15.43
C MET C 187 7.55 -6.02 14.54
N GLY C 188 8.13 -7.09 15.07
CA GLY C 188 8.43 -8.25 14.23
C GLY C 188 9.81 -8.25 13.60
N LEU C 189 10.51 -7.12 13.63
CA LEU C 189 11.77 -6.97 12.90
C LEU C 189 12.99 -7.66 13.53
N ASN C 190 14.03 -7.85 12.73
CA ASN C 190 15.32 -8.26 13.23
C ASN C 190 16.20 -7.04 13.11
N VAL C 191 17.09 -6.85 14.10
CA VAL C 191 17.80 -5.61 14.28
C VAL C 191 19.33 -5.76 14.29
N VAL C 192 20.01 -4.90 13.51
CA VAL C 192 21.45 -4.67 13.63
C VAL C 192 21.68 -3.31 14.25
N ALA C 193 22.15 -3.30 15.49
CA ALA C 193 22.52 -2.08 16.17
C ALA C 193 23.92 -1.69 15.70
N VAL C 194 24.12 -0.41 15.40
CA VAL C 194 25.41 0.08 14.93
C VAL C 194 25.75 1.36 15.70
N ASP C 195 26.91 1.37 16.36
CA ASP C 195 27.43 2.51 17.16
C ASP C 195 28.95 2.37 17.35
N ILE C 196 29.61 3.48 17.71
CA ILE C 196 31.07 3.52 17.97
C ILE C 196 31.48 3.14 19.40
N GLY C 197 30.61 3.39 20.39
CA GLY C 197 30.86 2.90 21.75
C GLY C 197 30.42 1.45 21.89
N ASP C 198 31.37 0.55 22.22
CA ASP C 198 31.02 -0.87 22.44
C ASP C 198 30.09 -1.00 23.65
N GLU C 199 29.97 0.07 24.45
CA GLU C 199 29.07 0.08 25.58
C GLU C 199 27.61 0.16 25.12
N LYS C 200 27.35 1.06 24.19
CA LYS C 200 26.04 1.23 23.57
C LYS C 200 25.59 -0.07 22.87
N LEU C 201 26.47 -0.63 22.05
CA LEU C 201 26.25 -1.94 21.48
C LEU C 201 25.89 -3.02 22.51
N GLU C 202 26.49 -2.94 23.70
CA GLU C 202 26.19 -3.89 24.76
C GLU C 202 24.78 -3.64 25.25
N LEU C 203 24.42 -2.37 25.37
CA LEU C 203 23.08 -1.97 25.79
C LEU C 203 22.03 -2.41 24.77
N ALA C 204 22.34 -2.18 23.50
CA ALA C 204 21.48 -2.60 22.42
C ALA C 204 21.11 -4.07 22.58
N LYS C 205 22.12 -4.90 22.81
CA LYS C 205 21.94 -6.33 22.89
C LYS C 205 20.97 -6.66 24.01
N GLU C 206 21.09 -5.95 25.12
CA GLU C 206 20.18 -6.10 26.27
C GLU C 206 18.77 -5.80 25.81
N LEU C 207 18.62 -4.77 24.99
CA LEU C 207 17.32 -4.34 24.54
C LEU C 207 16.67 -5.21 23.43
N GLY C 208 17.32 -6.30 23.05
CA GLY C 208 16.79 -7.21 22.04
C GLY C 208 17.56 -7.22 20.73
N ALA C 209 18.48 -6.29 20.55
CA ALA C 209 19.22 -6.17 19.31
C ALA C 209 19.83 -7.50 18.93
N ASP C 210 19.53 -7.99 17.72
CA ASP C 210 19.94 -9.31 17.25
C ASP C 210 21.41 -9.51 16.92
N LEU C 211 22.07 -8.41 16.55
CA LEU C 211 23.44 -8.39 16.02
C LEU C 211 23.96 -6.97 16.15
N VAL C 212 25.21 -6.82 16.57
CA VAL C 212 25.80 -5.47 16.69
C VAL C 212 27.11 -5.38 15.90
N VAL C 213 27.45 -4.16 15.49
CA VAL C 213 28.74 -3.85 14.85
C VAL C 213 29.11 -2.39 15.07
N ASN C 214 30.41 -2.14 14.96
CA ASN C 214 31.02 -0.91 15.41
C ASN C 214 32.32 -0.63 14.69
N PRO C 215 32.40 0.42 13.85
CA PRO C 215 32.11 0.48 12.48
C PRO C 215 33.21 1.29 11.69
N LEU C 216 34.10 1.97 12.40
CA LEU C 216 35.41 1.52 12.88
C LEU C 216 35.58 0.11 13.43
N LYS C 217 36.27 -0.72 12.67
CA LYS C 217 36.76 -1.98 13.19
C LYS C 217 35.83 -3.12 12.83
N GLU C 218 36.01 -3.69 11.64
CA GLU C 218 35.20 -3.24 10.45
C GLU C 218 34.31 -2.02 10.64
N ASP C 219 33.74 -1.36 9.61
CA ASP C 219 32.96 -1.80 8.40
C ASP C 219 31.62 -2.51 8.58
N ALA C 220 30.62 -1.64 8.79
CA ALA C 220 29.24 -2.02 9.01
C ALA C 220 28.58 -2.61 7.77
N ALA C 221 28.52 -1.82 6.69
CA ALA C 221 27.93 -2.29 5.43
C ALA C 221 28.36 -3.74 5.10
N LYS C 222 29.66 -3.99 5.18
CA LYS C 222 30.20 -5.27 4.76
C LYS C 222 29.92 -6.36 5.81
N PHE C 223 29.96 -5.99 7.09
CA PHE C 223 29.54 -6.87 8.15
C PHE C 223 28.14 -7.33 7.81
N MET C 224 27.43 -6.49 7.09
CA MET C 224 26.02 -6.56 7.16
C MET C 224 25.25 -7.04 5.96
N LYS C 225 25.68 -6.92 4.70
CA LYS C 225 26.36 -7.98 3.98
C LYS C 225 26.15 -9.39 4.48
N GLU C 226 26.92 -9.97 5.37
CA GLU C 226 27.96 -10.84 4.96
C GLU C 226 27.41 -12.29 5.21
N LYS C 227 26.29 -12.48 5.90
CA LYS C 227 25.89 -11.94 7.21
C LYS C 227 24.35 -11.97 7.45
N VAL C 228 23.63 -10.93 7.01
CA VAL C 228 22.18 -10.99 6.80
C VAL C 228 21.81 -10.71 5.34
N GLY C 229 22.82 -10.54 4.49
CA GLY C 229 22.57 -10.26 3.08
C GLY C 229 22.24 -8.81 2.82
N GLY C 230 22.62 -7.93 3.74
CA GLY C 230 22.20 -6.52 3.65
C GLY C 230 20.82 -6.32 4.26
N VAL C 231 20.68 -5.31 5.11
CA VAL C 231 19.40 -5.06 5.76
C VAL C 231 18.37 -4.45 4.80
N HIS C 232 17.11 -4.76 5.03
CA HIS C 232 16.05 -4.18 4.23
C HIS C 232 15.98 -2.69 4.46
N ALA C 233 16.34 -2.23 5.63
CA ALA C 233 16.22 -0.80 5.88
C ALA C 233 17.18 -0.32 6.95
N ALA C 234 17.35 0.99 7.02
CA ALA C 234 18.14 1.63 8.08
C ALA C 234 17.39 2.81 8.64
N VAL C 235 17.46 3.01 9.94
CA VAL C 235 16.96 4.25 10.56
C VAL C 235 18.20 4.93 11.13
N VAL C 236 18.50 6.15 10.66
CA VAL C 236 19.73 6.86 11.06
C VAL C 236 19.45 7.96 12.10
N THR C 237 19.87 7.76 13.34
CA THR C 237 19.37 8.61 14.43
C THR C 237 20.29 9.77 14.79
N ALA C 238 21.50 9.72 14.28
CA ALA C 238 22.42 10.84 14.40
C ALA C 238 23.21 10.91 13.09
N VAL C 239 22.74 11.81 12.23
CA VAL C 239 23.24 11.89 10.85
C VAL C 239 24.56 12.71 10.78
N SER C 240 25.67 11.99 10.69
CA SER C 240 26.92 12.60 10.30
C SER C 240 27.11 12.05 8.89
N LYS C 241 27.97 12.66 8.06
CA LYS C 241 28.14 12.09 6.71
C LYS C 241 28.62 10.62 6.74
N PRO C 242 29.49 10.25 7.70
CA PRO C 242 29.90 8.84 7.76
C PRO C 242 28.80 7.83 8.16
N ALA C 243 27.88 8.25 9.03
CA ALA C 243 26.77 7.41 9.49
C ALA C 243 25.80 7.15 8.33
N PHE C 244 25.40 8.23 7.67
CA PHE C 244 24.52 8.18 6.52
C PHE C 244 25.16 7.37 5.37
N GLN C 245 26.46 7.55 5.19
CA GLN C 245 27.22 6.84 4.17
C GLN C 245 27.20 5.34 4.36
N SER C 246 27.38 4.90 5.61
CA SER C 246 27.44 3.47 5.93
C SER C 246 26.04 2.88 5.85
N ALA C 247 25.09 3.65 6.40
CA ALA C 247 23.67 3.36 6.36
C ALA C 247 23.28 3.08 4.93
N TYR C 248 23.67 3.98 4.05
CA TYR C 248 23.37 3.87 2.63
C TYR C 248 23.92 2.59 2.02
N ASN C 249 25.13 2.22 2.39
CA ASN C 249 25.82 1.09 1.76
C ASN C 249 25.41 -0.24 2.32
N SER C 250 24.87 -0.26 3.54
CA SER C 250 24.47 -1.49 4.24
C SER C 250 23.10 -2.03 3.81
N ILE C 251 22.29 -1.09 3.32
CA ILE C 251 20.95 -1.30 2.82
C ILE C 251 20.97 -2.15 1.55
N ARG C 252 20.17 -3.20 1.51
CA ARG C 252 20.08 -3.95 0.27
C ARG C 252 19.33 -3.17 -0.83
N ARG C 253 19.43 -3.63 -2.08
CA ARG C 253 18.75 -2.99 -3.20
C ARG C 253 17.24 -2.98 -2.99
N GLY C 254 16.60 -1.87 -3.35
CA GLY C 254 15.20 -1.65 -3.05
C GLY C 254 15.00 -1.04 -1.69
N GLY C 255 16.08 -0.97 -0.91
CA GLY C 255 16.03 -0.55 0.47
C GLY C 255 15.70 0.89 0.78
N ALA C 256 15.25 1.09 2.02
CA ALA C 256 14.88 2.41 2.46
C ALA C 256 15.82 2.82 3.56
N CYS C 257 16.32 4.03 3.42
CA CYS C 257 17.19 4.59 4.39
C CYS C 257 16.45 5.81 4.99
N VAL C 258 15.89 5.59 6.18
CA VAL C 258 15.09 6.60 6.84
C VAL C 258 15.99 7.49 7.72
N LEU C 259 16.01 8.79 7.38
CA LEU C 259 16.75 9.81 8.13
C LEU C 259 15.90 10.42 9.23
N VAL C 260 16.46 10.61 10.41
CA VAL C 260 15.68 11.12 11.56
C VAL C 260 16.35 12.25 12.37
N GLY C 261 17.67 12.37 12.26
CA GLY C 261 18.36 13.51 12.85
C GLY C 261 18.13 14.81 12.09
N LEU C 262 18.57 15.93 12.67
CA LEU C 262 18.42 17.24 12.05
C LEU C 262 19.73 18.05 12.02
N PRO C 263 20.79 17.51 11.40
CA PRO C 263 22.02 18.28 11.34
C PRO C 263 21.91 19.46 10.35
N PRO C 264 22.83 20.45 10.45
CA PRO C 264 22.68 21.71 9.68
C PRO C 264 23.04 21.58 8.19
N GLU C 265 24.06 20.80 7.88
CA GLU C 265 24.64 20.73 6.55
C GLU C 265 23.89 19.80 5.58
N GLU C 266 24.35 19.82 4.32
CA GLU C 266 23.88 18.92 3.28
C GLU C 266 24.81 17.73 3.16
N MET C 267 24.25 16.59 2.79
CA MET C 267 25.00 15.34 2.55
C MET C 267 24.71 14.74 1.18
N PRO C 268 25.75 14.19 0.53
CA PRO C 268 25.68 13.87 -0.87
C PRO C 268 25.41 12.41 -1.09
N ILE C 269 24.41 12.15 -1.92
CA ILE C 269 24.04 10.79 -2.25
C ILE C 269 24.57 10.54 -3.64
N PRO C 270 25.01 9.31 -3.88
CA PRO C 270 25.57 9.08 -5.20
C PRO C 270 24.41 8.80 -6.17
N ILE C 271 24.17 9.69 -7.13
CA ILE C 271 22.99 9.55 -7.98
C ILE C 271 22.96 8.21 -8.69
N PHE C 272 24.12 7.82 -9.22
CA PHE C 272 24.26 6.65 -10.04
C PHE C 272 23.81 5.36 -9.30
N ASP C 273 24.23 5.19 -8.06
CA ASP C 273 23.81 3.98 -7.34
C ASP C 273 22.36 4.09 -6.91
N THR C 274 21.96 5.29 -6.50
CA THR C 274 20.60 5.55 -6.04
C THR C 274 19.59 5.12 -7.11
N VAL C 275 19.80 5.56 -8.36
CA VAL C 275 18.94 5.13 -9.47
C VAL C 275 19.08 3.63 -9.78
N LEU C 276 20.33 3.15 -9.90
CA LEU C 276 20.62 1.78 -10.37
C LEU C 276 20.04 0.70 -9.47
N ASN C 277 20.10 0.95 -8.17
CA ASN C 277 19.75 -0.01 -7.13
C ASN C 277 18.41 0.30 -6.45
N GLY C 278 17.68 1.27 -7.00
CA GLY C 278 16.39 1.66 -6.51
C GLY C 278 16.39 2.02 -5.04
N ILE C 279 17.28 2.92 -4.62
CA ILE C 279 17.35 3.28 -3.20
C ILE C 279 16.23 4.28 -2.81
N LYS C 280 15.73 4.26 -1.57
CA LYS C 280 14.85 5.33 -1.11
C LYS C 280 15.49 6.07 0.07
N ILE C 281 15.56 7.39 -0.02
CA ILE C 281 16.06 8.19 1.09
C ILE C 281 14.86 9.02 1.57
N ILE C 282 14.56 8.92 2.87
CA ILE C 282 13.30 9.48 3.43
C ILE C 282 13.52 10.18 4.75
N GLY C 283 13.00 11.40 4.86
CA GLY C 283 12.98 12.13 6.11
C GLY C 283 11.72 11.83 6.90
N SER C 284 11.87 11.76 8.22
CA SER C 284 10.73 11.57 9.09
C SER C 284 11.03 12.18 10.44
N ILE C 285 10.05 12.91 10.97
CA ILE C 285 10.12 13.25 12.39
C ILE C 285 8.74 13.26 13.06
N VAL C 286 8.78 13.05 14.37
CA VAL C 286 7.59 12.83 15.17
C VAL C 286 6.56 12.02 14.41
N GLY C 287 5.30 12.31 14.67
CA GLY C 287 4.25 11.57 14.05
C GLY C 287 2.88 12.13 14.35
N THR C 288 1.90 11.49 13.73
CA THR C 288 0.48 11.76 13.89
C THR C 288 0.02 11.66 15.33
N ARG C 289 -1.05 12.37 15.69
CA ARG C 289 -1.69 12.07 16.95
C ARG C 289 -1.89 10.54 17.11
N LYS C 290 -2.36 9.85 16.06
CA LYS C 290 -2.53 8.38 16.10
C LYS C 290 -1.20 7.60 16.17
N ASP C 291 -0.20 8.02 15.39
CA ASP C 291 1.14 7.47 15.51
C ASP C 291 1.55 7.39 16.98
N LEU C 292 1.32 8.49 17.70
CA LEU C 292 1.71 8.63 19.09
C LEU C 292 0.90 7.73 19.99
N GLN C 293 -0.40 7.62 19.70
CA GLN C 293 -1.23 6.76 20.54
C GLN C 293 -0.75 5.32 20.49
N GLU C 294 -0.39 4.87 19.28
CA GLU C 294 0.23 3.57 19.02
C GLU C 294 1.59 3.47 19.67
N ALA C 295 2.37 4.53 19.58
CA ALA C 295 3.69 4.50 20.14
C ALA C 295 3.49 4.28 21.62
N LEU C 296 2.53 5.00 22.20
CA LEU C 296 2.28 4.99 23.64
C LEU C 296 1.82 3.64 24.16
N GLN C 297 0.97 2.99 23.39
CA GLN C 297 0.42 1.72 23.75
C GLN C 297 1.47 0.59 23.85
N PHE C 298 2.54 0.62 23.03
CA PHE C 298 3.60 -0.40 23.10
C PHE C 298 4.28 -0.31 24.46
N ALA C 299 4.45 0.93 24.93
CA ALA C 299 5.10 1.19 26.21
C ALA C 299 4.16 0.75 27.30
N ALA C 300 2.88 1.08 27.17
CA ALA C 300 1.95 0.59 28.17
C ALA C 300 2.07 -0.94 28.36
N GLU C 301 2.24 -1.68 27.27
CA GLU C 301 2.37 -3.13 27.31
C GLU C 301 3.75 -3.61 27.73
N GLY C 302 4.63 -2.66 28.04
CA GLY C 302 5.94 -2.99 28.58
C GLY C 302 6.96 -3.45 27.55
N LYS C 303 6.63 -3.31 26.26
CA LYS C 303 7.51 -3.71 25.16
C LYS C 303 8.62 -2.69 24.80
N VAL C 304 8.48 -1.43 25.24
CA VAL C 304 9.56 -0.45 25.16
C VAL C 304 9.56 0.36 26.44
N LYS C 305 10.73 0.49 27.05
CA LYS C 305 10.95 1.31 28.21
C LYS C 305 12.12 2.17 27.81
N THR C 306 12.07 3.46 28.15
CA THR C 306 13.16 4.42 27.94
C THR C 306 14.08 4.41 29.16
N ILE C 307 15.37 4.71 28.96
CA ILE C 307 16.29 4.94 30.07
C ILE C 307 16.22 6.40 30.50
N ILE C 308 15.47 6.67 31.55
CA ILE C 308 15.27 8.05 32.02
C ILE C 308 16.17 8.43 33.24
N GLU C 309 16.64 9.68 33.28
CA GLU C 309 17.22 10.26 34.50
C GLU C 309 16.41 11.47 34.92
N VAL C 310 15.93 11.51 36.15
CA VAL C 310 15.04 12.60 36.61
C VAL C 310 15.77 13.73 37.37
N GLN C 311 15.72 14.94 36.84
CA GLN C 311 16.27 16.15 37.50
C GLN C 311 15.15 17.16 37.75
N PRO C 312 15.24 17.99 38.81
CA PRO C 312 14.22 19.03 39.00
C PRO C 312 14.42 20.17 38.04
N LEU C 313 13.36 20.92 37.77
CA LEU C 313 13.44 22.06 36.87
C LEU C 313 14.71 22.90 37.09
N GLU C 314 15.05 23.19 38.35
CA GLU C 314 16.20 24.05 38.71
C GLU C 314 17.54 23.64 38.08
N LYS C 315 17.65 22.37 37.70
CA LYS C 315 18.89 21.83 37.16
C LYS C 315 18.98 21.87 35.62
N ILE C 316 17.99 22.49 34.99
CA ILE C 316 17.91 22.48 33.52
C ILE C 316 19.22 22.87 32.83
N ASN C 317 19.79 24.01 33.19
CA ASN C 317 21.08 24.46 32.64
C ASN C 317 22.25 23.49 32.82
N GLU C 318 22.25 22.77 33.93
CA GLU C 318 23.30 21.80 34.26
C GLU C 318 23.18 20.67 33.29
N VAL C 319 21.93 20.37 32.95
CA VAL C 319 21.58 19.31 32.03
C VAL C 319 21.90 19.72 30.60
N PHE C 320 21.77 21.01 30.26
CA PHE C 320 22.22 21.44 28.92
C PHE C 320 23.74 21.37 28.73
N ASP C 321 24.50 21.61 29.80
CA ASP C 321 25.97 21.47 29.77
C ASP C 321 26.35 20.01 29.46
N ARG C 322 25.75 19.09 30.21
CA ARG C 322 26.03 17.68 30.02
C ARG C 322 25.55 17.21 28.65
N MET C 323 24.54 17.89 28.12
CA MET C 323 24.09 17.64 26.75
C MET C 323 25.17 18.06 25.72
N LEU C 324 25.60 19.32 25.77
CA LEU C 324 26.63 19.84 24.85
C LEU C 324 27.86 18.94 24.91
N LYS C 325 28.32 18.66 26.13
CA LYS C 325 29.49 17.77 26.41
C LYS C 325 29.27 16.31 25.98
N GLY C 326 28.03 15.98 25.60
CA GLY C 326 27.64 14.64 25.13
C GLY C 326 27.57 13.54 26.17
N GLN C 327 27.13 13.87 27.37
CA GLN C 327 27.23 12.94 28.49
C GLN C 327 25.92 12.30 28.93
N ILE C 328 24.80 12.64 28.28
CA ILE C 328 23.53 12.09 28.72
C ILE C 328 23.25 10.75 28.05
N ASN C 329 23.23 9.68 28.84
CA ASN C 329 22.95 8.37 28.27
C ASN C 329 21.47 8.06 28.39
N GLY C 330 20.81 7.91 27.25
CA GLY C 330 19.35 7.87 27.23
C GLY C 330 18.73 9.27 27.33
N ARG C 331 17.79 9.43 28.24
CA ARG C 331 17.01 10.65 28.28
C ARG C 331 16.86 11.23 29.65
N VAL C 332 16.87 12.55 29.74
CA VAL C 332 16.59 13.26 30.98
C VAL C 332 15.14 13.75 30.98
N VAL C 333 14.41 13.46 32.06
CA VAL C 333 13.05 13.98 32.26
C VAL C 333 13.06 14.97 33.43
N LEU C 334 12.55 16.18 33.24
CA LEU C 334 12.44 17.17 34.31
C LEU C 334 11.24 16.87 35.15
N THR C 335 11.41 16.91 36.47
CA THR C 335 10.28 16.88 37.40
C THR C 335 9.90 18.28 37.86
N LEU C 336 8.61 18.45 38.21
CA LEU C 336 8.05 19.77 38.55
C LEU C 336 7.28 19.87 39.86
N GLU C 337 6.87 18.70 40.40
CA GLU C 337 6.28 18.62 41.75
C GLU C 337 7.37 18.61 42.85
N MET D 1 -38.70 30.28 8.06
CA MET D 1 -38.13 29.56 6.87
C MET D 1 -38.99 28.36 6.46
N LYS D 2 -39.04 28.03 5.17
CA LYS D 2 -39.84 26.88 4.75
C LYS D 2 -39.00 25.65 4.52
N ALA D 3 -39.66 24.49 4.55
CA ALA D 3 -38.97 23.22 4.46
C ALA D 3 -39.92 22.16 3.93
N ALA D 4 -39.38 21.11 3.31
CA ALA D 4 -40.15 19.88 3.16
C ALA D 4 -39.91 19.16 4.46
N VAL D 5 -40.97 18.58 5.03
CA VAL D 5 -40.89 18.02 6.38
C VAL D 5 -41.52 16.65 6.45
N VAL D 6 -40.81 15.69 7.04
CA VAL D 6 -41.34 14.35 7.25
C VAL D 6 -41.98 14.33 8.62
N GLU D 7 -43.32 14.40 8.63
CA GLU D 7 -44.12 14.41 9.84
C GLU D 7 -44.49 13.00 10.36
N GLN D 8 -44.96 12.11 9.48
CA GLN D 8 -45.12 10.69 9.82
C GLN D 8 -44.59 9.87 8.66
N PHE D 9 -44.15 8.64 8.93
CA PHE D 9 -43.60 7.77 7.89
C PHE D 9 -44.64 7.39 6.85
N LYS D 10 -44.19 7.17 5.62
CA LYS D 10 -45.03 6.69 4.52
C LYS D 10 -46.13 7.68 4.05
N GLU D 11 -46.31 8.73 4.84
CA GLU D 11 -47.18 9.86 4.53
C GLU D 11 -46.50 10.84 3.56
N PRO D 12 -47.29 11.54 2.71
CA PRO D 12 -46.69 12.62 1.94
C PRO D 12 -46.07 13.66 2.85
N LEU D 13 -44.90 14.16 2.46
CA LEU D 13 -44.24 15.22 3.21
C LEU D 13 -45.04 16.51 3.11
N LYS D 14 -44.96 17.35 4.13
CA LYS D 14 -45.68 18.62 4.12
C LYS D 14 -44.72 19.79 3.89
N ILE D 15 -44.88 20.50 2.77
CA ILE D 15 -44.16 21.76 2.54
C ILE D 15 -44.80 22.84 3.40
N LYS D 16 -44.04 23.38 4.35
CA LYS D 16 -44.60 24.31 5.34
C LYS D 16 -43.54 25.20 5.98
N GLU D 17 -44.00 26.23 6.69
CA GLU D 17 -43.13 27.12 7.42
C GLU D 17 -42.69 26.49 8.73
N VAL D 18 -41.41 26.60 9.07
CA VAL D 18 -40.86 26.10 10.33
C VAL D 18 -39.84 27.08 10.87
N GLU D 19 -39.30 26.77 12.04
CA GLU D 19 -38.36 27.66 12.68
C GLU D 19 -37.01 27.67 11.94
N LYS D 20 -36.53 28.87 11.60
CA LYS D 20 -35.19 29.07 10.98
C LYS D 20 -34.10 28.91 12.04
N PRO D 21 -33.33 27.78 12.00
CA PRO D 21 -32.56 27.36 13.16
C PRO D 21 -31.45 28.33 13.59
N THR D 22 -31.16 28.29 14.88
CA THR D 22 -30.22 29.20 15.47
C THR D 22 -28.88 28.47 15.61
N ILE D 23 -27.76 29.19 15.64
CA ILE D 23 -26.46 28.51 15.65
C ILE D 23 -25.56 28.76 16.86
N SER D 24 -24.93 27.70 17.36
CA SER D 24 -24.02 27.77 18.51
C SER D 24 -22.56 27.72 18.09
N TYR D 25 -21.70 27.49 19.07
CA TYR D 25 -20.26 27.43 18.91
C TYR D 25 -19.90 26.36 17.86
N GLY D 26 -19.02 26.71 16.91
CA GLY D 26 -18.52 25.75 15.89
C GLY D 26 -19.47 25.28 14.78
N GLU D 27 -20.64 25.90 14.68
CA GLU D 27 -21.61 25.61 13.63
C GLU D 27 -21.57 26.76 12.65
N VAL D 28 -22.11 26.55 11.45
CA VAL D 28 -22.41 27.66 10.54
C VAL D 28 -23.84 27.56 10.10
N LEU D 29 -24.35 28.65 9.55
CA LEU D 29 -25.69 28.65 8.98
C LEU D 29 -25.60 28.87 7.49
N VAL D 30 -26.13 27.89 6.76
CA VAL D 30 -26.05 27.84 5.30
C VAL D 30 -27.42 28.16 4.76
N ARG D 31 -27.44 29.04 3.76
CA ARG D 31 -28.65 29.27 2.98
C ARG D 31 -28.59 28.36 1.75
N ILE D 32 -29.52 27.42 1.71
CA ILE D 32 -29.48 26.34 0.75
C ILE D 32 -29.96 26.81 -0.61
N LYS D 33 -29.10 26.72 -1.61
CA LYS D 33 -29.47 27.06 -2.98
C LYS D 33 -30.07 25.90 -3.71
N ALA D 34 -29.60 24.69 -3.42
CA ALA D 34 -30.09 23.46 -4.06
C ALA D 34 -29.72 22.24 -3.23
N CYS D 35 -30.51 21.18 -3.32
CA CYS D 35 -30.22 19.93 -2.61
C CYS D 35 -30.58 18.74 -3.46
N GLY D 36 -29.62 17.83 -3.64
CA GLY D 36 -29.86 16.57 -4.36
C GLY D 36 -30.80 15.64 -3.63
N VAL D 37 -31.45 14.78 -4.39
CA VAL D 37 -32.35 13.76 -3.87
C VAL D 37 -31.81 12.40 -4.29
N CYS D 38 -31.84 11.43 -3.35
CA CYS D 38 -31.56 10.02 -3.70
C CYS D 38 -32.39 9.04 -2.87
N HIS D 39 -32.43 7.79 -3.33
CA HIS D 39 -33.16 6.73 -2.66
C HIS D 39 -33.01 6.83 -1.16
N THR D 40 -31.82 7.20 -0.68
CA THR D 40 -31.59 7.32 0.77
C THR D 40 -32.49 8.35 1.46
N ASP D 41 -32.79 9.49 0.80
CA ASP D 41 -33.76 10.46 1.31
C ASP D 41 -35.15 9.83 1.42
N LEU D 42 -35.45 8.92 0.50
CA LEU D 42 -36.76 8.25 0.45
C LEU D 42 -36.88 7.15 1.48
N HIS D 43 -35.78 6.47 1.78
CA HIS D 43 -35.80 5.46 2.81
C HIS D 43 -35.94 6.10 4.17
N ALA D 44 -35.47 7.33 4.30
CA ALA D 44 -35.73 8.09 5.51
C ALA D 44 -37.23 8.37 5.56
N ALA D 45 -37.79 8.88 4.46
CA ALA D 45 -39.20 9.26 4.39
C ALA D 45 -40.11 8.11 4.79
N HIS D 46 -39.85 6.92 4.26
CA HIS D 46 -40.67 5.74 4.55
C HIS D 46 -40.36 5.07 5.88
N GLY D 47 -39.31 5.52 6.57
CA GLY D 47 -38.86 4.93 7.83
C GLY D 47 -38.58 3.44 7.84
N ASP D 48 -38.22 2.86 6.71
CA ASP D 48 -38.09 1.39 6.63
C ASP D 48 -36.69 0.83 6.87
N TRP D 49 -35.73 1.64 7.30
CA TRP D 49 -34.37 1.14 7.58
C TRP D 49 -34.17 0.71 9.05
N PRO D 50 -33.26 -0.27 9.30
CA PRO D 50 -33.04 -0.72 10.69
C PRO D 50 -33.07 0.42 11.73
N VAL D 51 -32.11 1.35 11.70
CA VAL D 51 -32.12 2.50 12.61
C VAL D 51 -32.94 3.66 12.04
N LYS D 52 -34.21 3.74 12.43
CA LYS D 52 -35.12 4.76 11.90
C LYS D 52 -34.78 6.18 12.43
N PRO D 53 -35.14 7.24 11.69
CA PRO D 53 -34.89 8.63 12.12
C PRO D 53 -35.97 9.18 13.07
N LYS D 54 -35.66 10.16 13.91
CA LYS D 54 -36.75 10.74 14.75
C LYS D 54 -37.56 11.75 13.93
N LEU D 55 -38.88 11.67 14.03
CA LEU D 55 -39.74 12.62 13.37
C LEU D 55 -40.06 13.75 14.35
N PRO D 56 -40.29 14.99 13.86
CA PRO D 56 -40.28 15.42 12.46
C PRO D 56 -38.85 15.69 11.97
N LEU D 57 -38.63 15.44 10.68
CA LEU D 57 -37.32 15.53 10.07
C LEU D 57 -37.32 16.18 8.69
N ILE D 58 -36.31 17.03 8.46
CA ILE D 58 -36.05 17.62 7.17
C ILE D 58 -34.95 16.81 6.49
N PRO D 59 -35.30 16.03 5.45
CA PRO D 59 -34.31 15.20 4.78
C PRO D 59 -33.35 16.03 3.97
N GLY D 60 -32.38 15.38 3.31
CA GLY D 60 -31.45 16.07 2.41
C GLY D 60 -30.02 16.14 2.90
N HIS D 61 -29.15 15.38 2.25
CA HIS D 61 -27.76 15.34 2.66
C HIS D 61 -26.90 15.62 1.46
N GLU D 62 -27.48 16.35 0.51
CA GLU D 62 -26.82 16.78 -0.70
C GLU D 62 -27.10 18.26 -0.85
N GLY D 63 -27.30 18.90 0.28
CA GLY D 63 -27.59 20.30 0.28
C GLY D 63 -26.32 21.10 0.10
N VAL D 64 -26.36 22.02 -0.86
CA VAL D 64 -25.32 23.02 -1.07
C VAL D 64 -25.92 24.43 -1.02
N GLY D 65 -25.09 25.44 -0.79
CA GLY D 65 -25.54 26.82 -0.74
C GLY D 65 -24.49 27.78 -0.23
N ILE D 66 -24.94 28.97 0.18
CA ILE D 66 -24.08 30.04 0.65
C ILE D 66 -24.04 29.99 2.16
N VAL D 67 -22.85 30.12 2.72
CA VAL D 67 -22.70 30.36 4.14
C VAL D 67 -23.17 31.77 4.55
N GLU D 68 -24.23 31.82 5.36
CA GLU D 68 -24.83 33.09 5.77
C GLU D 68 -24.37 33.64 7.13
N GLU D 69 -24.04 32.78 8.10
CA GLU D 69 -23.28 33.25 9.27
C GLU D 69 -22.39 32.18 9.89
N VAL D 70 -21.21 32.64 10.33
CA VAL D 70 -20.22 31.78 10.99
C VAL D 70 -20.46 31.77 12.49
N GLY D 71 -20.60 30.58 13.07
CA GLY D 71 -20.63 30.46 14.53
C GLY D 71 -19.35 30.96 15.21
N PRO D 72 -19.43 31.22 16.54
CA PRO D 72 -18.20 31.55 17.24
C PRO D 72 -17.25 30.36 17.21
N GLY D 73 -15.96 30.63 17.07
CA GLY D 73 -14.95 29.59 17.10
C GLY D 73 -14.40 29.24 15.73
N VAL D 74 -15.28 29.14 14.74
CA VAL D 74 -14.93 28.74 13.39
C VAL D 74 -14.15 29.84 12.69
N THR D 75 -13.02 29.46 12.10
CA THR D 75 -12.01 30.40 11.57
C THR D 75 -11.57 30.03 10.13
N HIS D 76 -12.04 28.90 9.63
CA HIS D 76 -11.62 28.41 8.34
C HIS D 76 -12.65 28.69 7.24
N LEU D 77 -13.70 29.42 7.61
CA LEU D 77 -14.80 29.70 6.71
C LEU D 77 -15.23 31.15 6.89
N LYS D 78 -15.76 31.73 5.81
CA LYS D 78 -16.22 33.10 5.84
C LYS D 78 -17.61 33.13 5.22
N VAL D 79 -18.29 34.25 5.45
CA VAL D 79 -19.63 34.48 4.97
C VAL D 79 -19.59 34.60 3.46
N GLY D 80 -20.45 33.83 2.80
CA GLY D 80 -20.52 33.83 1.34
C GLY D 80 -19.66 32.76 0.69
N ASP D 81 -19.04 31.92 1.50
CA ASP D 81 -18.33 30.76 1.02
C ASP D 81 -19.34 29.75 0.51
N ARG D 82 -19.19 29.35 -0.75
CA ARG D 82 -20.10 28.36 -1.32
C ARG D 82 -19.70 26.99 -0.76
N VAL D 83 -20.63 26.29 -0.15
CA VAL D 83 -20.31 25.14 0.72
C VAL D 83 -21.39 24.03 0.65
N GLY D 84 -21.07 22.79 1.04
CA GLY D 84 -22.07 21.70 1.04
C GLY D 84 -22.22 20.96 2.38
N ILE D 85 -23.31 20.24 2.58
CA ILE D 85 -23.47 19.50 3.84
C ILE D 85 -23.65 18.02 3.58
N PRO D 86 -22.53 17.28 3.59
CA PRO D 86 -22.53 15.87 3.23
C PRO D 86 -23.31 14.99 4.20
N TRP D 87 -23.56 13.76 3.83
CA TRP D 87 -24.25 12.81 4.69
C TRP D 87 -23.55 12.74 6.05
N LEU D 88 -22.23 12.76 6.02
CA LEU D 88 -21.46 12.86 7.25
C LEU D 88 -21.57 14.28 7.80
N TYR D 89 -22.64 14.52 8.58
CA TYR D 89 -22.90 15.82 9.18
C TYR D 89 -21.77 16.15 10.14
N SER D 90 -21.33 15.14 10.91
CA SER D 90 -20.25 15.32 11.91
C SER D 90 -19.75 13.99 12.48
N ALA D 91 -18.52 14.06 13.01
CA ALA D 91 -17.85 12.94 13.66
C ALA D 91 -17.14 13.52 14.90
N CYS D 92 -16.75 12.65 15.84
CA CYS D 92 -16.11 13.10 17.06
C CYS D 92 -14.71 13.67 16.79
N GLY D 93 -14.07 13.18 15.74
CA GLY D 93 -12.72 13.62 15.39
C GLY D 93 -11.66 13.25 16.42
N HIS D 94 -11.88 12.14 17.15
CA HIS D 94 -10.99 11.66 18.21
C HIS D 94 -10.80 10.16 18.28
N CYS D 95 -11.85 9.43 17.95
CA CYS D 95 -11.80 7.98 17.94
C CYS D 95 -10.73 7.45 16.97
N ASP D 96 -10.50 6.14 16.95
CA ASP D 96 -9.49 5.59 16.04
C ASP D 96 -9.86 5.74 14.59
N TYR D 97 -11.14 5.56 14.26
CA TYR D 97 -11.59 5.72 12.86
C TYR D 97 -11.20 7.11 12.40
N CYS D 98 -11.60 8.11 13.18
CA CYS D 98 -11.32 9.51 12.89
C CYS D 98 -9.81 9.82 12.71
N LEU D 99 -8.93 9.09 13.39
CA LEU D 99 -7.49 9.38 13.28
C LEU D 99 -6.71 8.48 12.31
N SER D 100 -7.36 7.40 11.84
CA SER D 100 -7.03 6.85 10.51
C SER D 100 -7.59 7.87 9.50
N GLY D 101 -8.02 7.40 8.35
CA GLY D 101 -8.73 8.29 7.44
C GLY D 101 -10.09 7.68 7.25
N GLN D 102 -10.85 7.55 8.34
CA GLN D 102 -12.05 6.74 8.30
C GLN D 102 -13.23 7.38 8.99
N GLU D 103 -13.21 8.72 9.07
CA GLU D 103 -14.25 9.49 9.75
C GLU D 103 -15.64 9.03 9.35
N THR D 104 -15.75 8.63 8.10
CA THR D 104 -16.95 7.98 7.57
C THR D 104 -17.53 6.87 8.49
N LEU D 105 -16.74 6.32 9.41
CA LEU D 105 -17.20 5.18 10.23
C LEU D 105 -17.40 5.48 11.72
N CYS D 106 -17.00 6.69 12.11
CA CYS D 106 -17.07 7.14 13.51
C CYS D 106 -18.31 6.64 14.24
N GLU D 107 -18.12 6.00 15.40
CA GLU D 107 -19.28 5.54 16.18
C GLU D 107 -20.21 6.67 16.62
N HIS D 108 -19.73 7.91 16.70
CA HIS D 108 -20.57 9.00 17.17
C HIS D 108 -21.11 9.91 16.08
N GLN D 109 -21.00 9.48 14.83
CA GLN D 109 -21.34 10.35 13.70
C GLN D 109 -22.80 10.74 13.76
N LYS D 110 -23.07 11.94 13.30
CA LYS D 110 -24.42 12.41 13.11
C LYS D 110 -24.61 12.49 11.59
N ASN D 111 -25.76 12.01 11.08
CA ASN D 111 -26.07 12.10 9.63
C ASN D 111 -27.04 13.19 9.15
N ALA D 112 -26.61 13.98 8.16
CA ALA D 112 -27.42 15.10 7.66
C ALA D 112 -28.71 14.65 7.01
N GLY D 113 -29.80 15.36 7.26
CA GLY D 113 -31.11 14.95 6.74
C GLY D 113 -31.45 13.51 7.04
N TYR D 114 -31.07 13.05 8.24
CA TYR D 114 -31.45 11.73 8.76
C TYR D 114 -31.52 11.72 10.28
N SER D 115 -30.39 11.92 10.94
CA SER D 115 -30.45 12.04 12.38
C SER D 115 -30.62 13.51 12.72
N VAL D 116 -30.16 14.40 11.84
CA VAL D 116 -30.46 15.84 12.03
C VAL D 116 -30.97 16.46 10.73
N ASP D 117 -31.76 17.53 10.88
CA ASP D 117 -32.28 18.28 9.74
C ASP D 117 -31.21 18.62 8.70
N GLY D 118 -31.58 18.48 7.43
CA GLY D 118 -30.66 18.62 6.30
C GLY D 118 -31.07 19.60 5.22
N GLY D 119 -30.99 19.17 3.96
CA GLY D 119 -31.01 20.09 2.83
C GLY D 119 -32.34 20.51 2.24
N TYR D 120 -33.44 19.86 2.65
CA TYR D 120 -34.78 20.20 2.14
C TYR D 120 -35.43 21.46 2.77
N ALA D 121 -34.72 22.58 2.79
CA ALA D 121 -35.21 23.79 3.43
C ALA D 121 -34.34 24.95 3.05
N GLU D 122 -34.87 26.17 3.22
CA GLU D 122 -34.17 27.39 2.78
C GLU D 122 -32.84 27.58 3.51
N TYR D 123 -32.83 27.12 4.76
CA TYR D 123 -31.62 27.18 5.59
C TYR D 123 -31.35 25.81 6.21
N CYS D 124 -30.10 25.62 6.63
CA CYS D 124 -29.64 24.41 7.32
C CYS D 124 -28.51 24.79 8.23
N ARG D 125 -28.48 24.20 9.42
CA ARG D 125 -27.38 24.39 10.36
C ARG D 125 -26.46 23.21 10.19
N ALA D 126 -25.16 23.50 10.13
CA ALA D 126 -24.19 22.46 9.85
C ALA D 126 -23.01 22.58 10.76
N ALA D 127 -22.26 21.50 10.87
CA ALA D 127 -21.03 21.56 11.64
C ALA D 127 -19.91 22.08 10.75
N ALA D 128 -19.41 23.26 11.08
CA ALA D 128 -18.38 23.94 10.29
C ALA D 128 -17.17 23.08 9.89
N ASP D 129 -16.60 22.32 10.82
CA ASP D 129 -15.44 21.51 10.48
C ASP D 129 -15.83 20.49 9.41
N TYR D 130 -17.14 20.30 9.20
CA TYR D 130 -17.63 19.21 8.38
C TYR D 130 -18.27 19.56 7.02
N VAL D 131 -18.54 20.84 6.80
CA VAL D 131 -18.97 21.30 5.48
C VAL D 131 -17.80 21.25 4.48
N VAL D 132 -18.08 20.97 3.21
CA VAL D 132 -17.02 20.82 2.19
C VAL D 132 -17.18 21.93 1.15
N LYS D 133 -16.09 22.64 0.86
CA LYS D 133 -16.16 23.80 -0.02
C LYS D 133 -16.41 23.34 -1.44
N ILE D 134 -17.19 24.12 -2.18
CA ILE D 134 -17.44 23.85 -3.60
C ILE D 134 -16.47 24.68 -4.43
N PRO D 135 -15.78 24.04 -5.39
CA PRO D 135 -14.92 24.78 -6.29
C PRO D 135 -15.67 25.96 -6.99
N ASP D 136 -14.98 27.10 -7.17
CA ASP D 136 -15.56 28.32 -7.80
C ASP D 136 -16.19 28.02 -9.17
N ASN D 137 -15.55 27.11 -9.87
CA ASN D 137 -15.75 26.84 -11.27
C ASN D 137 -16.95 25.89 -11.47
N LEU D 138 -17.63 25.53 -10.39
CA LEU D 138 -18.73 24.57 -10.44
C LEU D 138 -20.00 25.14 -9.80
N SER D 139 -21.15 24.96 -10.46
CA SER D 139 -22.43 25.50 -9.98
C SER D 139 -23.08 24.63 -8.92
N PHE D 140 -24.05 25.22 -8.22
CA PHE D 140 -24.75 24.52 -7.16
C PHE D 140 -25.47 23.29 -7.66
N GLU D 141 -26.16 23.42 -8.80
CA GLU D 141 -27.01 22.32 -9.29
C GLU D 141 -26.15 21.12 -9.67
N GLU D 142 -24.97 21.39 -10.25
CA GLU D 142 -24.02 20.34 -10.60
C GLU D 142 -23.32 19.74 -9.38
N ALA D 143 -22.78 20.61 -8.54
CA ALA D 143 -22.11 20.17 -7.32
C ALA D 143 -22.90 19.10 -6.51
N ALA D 144 -24.20 19.35 -6.36
CA ALA D 144 -24.96 18.65 -5.35
C ALA D 144 -25.00 17.10 -5.47
N PRO D 145 -25.24 16.56 -6.66
CA PRO D 145 -25.10 15.12 -6.73
C PRO D 145 -23.67 14.59 -6.45
N ILE D 146 -22.63 15.37 -6.75
CA ILE D 146 -21.26 14.95 -6.41
C ILE D 146 -21.13 14.66 -4.90
N PHE D 147 -21.97 15.27 -4.06
CA PHE D 147 -21.91 15.08 -2.60
C PHE D 147 -22.37 13.73 -2.10
N CYS D 148 -22.93 12.92 -2.98
CA CYS D 148 -23.37 11.58 -2.62
C CYS D 148 -22.96 10.64 -3.73
N ALA D 149 -23.48 10.84 -4.93
CA ALA D 149 -23.23 9.95 -6.06
C ALA D 149 -21.78 9.92 -6.48
N GLY D 150 -21.18 11.10 -6.48
CA GLY D 150 -19.79 11.30 -6.88
C GLY D 150 -18.85 10.63 -5.92
N VAL D 151 -18.80 11.11 -4.68
CA VAL D 151 -17.90 10.51 -3.70
C VAL D 151 -18.15 9.01 -3.59
N THR D 152 -19.40 8.58 -3.50
CA THR D 152 -19.68 7.16 -3.20
C THR D 152 -19.08 6.32 -4.32
N THR D 153 -19.00 6.92 -5.47
CA THR D 153 -18.72 6.16 -6.64
C THR D 153 -17.24 6.28 -6.89
N TYR D 154 -16.70 7.46 -6.59
CA TYR D 154 -15.31 7.72 -6.78
C TYR D 154 -14.50 6.90 -5.78
N LYS D 155 -14.72 7.15 -4.48
CA LYS D 155 -14.22 6.29 -3.42
C LYS D 155 -14.31 4.84 -3.86
N ALA D 156 -15.53 4.39 -4.19
CA ALA D 156 -15.75 2.99 -4.53
C ALA D 156 -14.71 2.56 -5.54
N LEU D 157 -14.52 3.38 -6.58
CA LEU D 157 -13.48 3.11 -7.58
C LEU D 157 -12.06 3.03 -7.02
N LYS D 158 -11.71 3.93 -6.09
CA LYS D 158 -10.39 3.88 -5.43
C LYS D 158 -10.16 2.61 -4.61
N VAL D 159 -11.15 2.33 -3.78
CA VAL D 159 -11.22 1.13 -2.97
C VAL D 159 -11.01 -0.14 -3.83
N THR D 160 -11.44 -0.13 -5.09
CA THR D 160 -11.23 -1.34 -5.87
C THR D 160 -9.78 -1.68 -6.04
N GLY D 161 -8.89 -0.70 -5.88
CA GLY D 161 -7.44 -0.92 -6.03
C GLY D 161 -6.92 -0.81 -7.48
N ALA D 162 -7.84 -1.02 -8.43
CA ALA D 162 -7.61 -0.91 -9.89
C ALA D 162 -6.74 0.27 -10.30
N LYS D 163 -5.63 0.01 -11.00
CA LYS D 163 -4.63 1.05 -11.37
C LYS D 163 -4.73 1.34 -12.88
N PRO D 164 -4.29 2.55 -13.34
CA PRO D 164 -4.49 2.94 -14.74
C PRO D 164 -4.14 1.84 -15.73
N GLY D 165 -5.05 1.53 -16.63
CA GLY D 165 -4.80 0.49 -17.63
C GLY D 165 -5.69 -0.72 -17.38
N GLU D 166 -6.11 -0.90 -16.13
CA GLU D 166 -6.86 -2.08 -15.72
C GLU D 166 -8.34 -1.92 -16.03
N TRP D 167 -9.13 -2.98 -15.84
CA TRP D 167 -10.52 -2.93 -16.26
C TRP D 167 -11.46 -2.98 -15.08
N VAL D 168 -12.47 -2.11 -15.09
CA VAL D 168 -13.61 -2.30 -14.20
C VAL D 168 -14.95 -2.52 -14.90
N ALA D 169 -15.83 -3.27 -14.25
CA ALA D 169 -17.23 -3.39 -14.63
C ALA D 169 -18.02 -2.54 -13.72
N ILE D 170 -18.74 -1.55 -14.25
CA ILE D 170 -19.71 -0.82 -13.44
C ILE D 170 -21.07 -1.44 -13.66
N TYR D 171 -21.65 -1.97 -12.60
CA TYR D 171 -22.90 -2.69 -12.70
C TYR D 171 -24.05 -1.77 -12.37
N GLY D 172 -24.87 -1.48 -13.38
CA GLY D 172 -26.03 -0.63 -13.26
C GLY D 172 -25.71 0.81 -13.61
N ILE D 173 -26.33 1.30 -14.68
CA ILE D 173 -26.01 2.62 -15.20
C ILE D 173 -27.08 3.66 -14.83
N GLY D 174 -27.38 3.75 -13.55
CA GLY D 174 -28.35 4.74 -13.12
C GLY D 174 -27.67 5.95 -12.53
N GLY D 175 -28.29 6.47 -11.47
CA GLY D 175 -27.77 7.61 -10.73
C GLY D 175 -26.31 7.48 -10.28
N PHE D 176 -25.93 6.31 -9.76
CA PHE D 176 -24.54 6.10 -9.40
C PHE D 176 -23.81 5.71 -10.65
N GLY D 177 -24.35 4.70 -11.31
CA GLY D 177 -23.69 4.07 -12.45
C GLY D 177 -23.11 5.04 -13.46
N HIS D 178 -23.91 6.01 -13.89
CA HIS D 178 -23.49 6.90 -14.96
C HIS D 178 -22.40 7.89 -14.51
N VAL D 179 -22.41 8.28 -13.24
CA VAL D 179 -21.26 8.98 -12.71
C VAL D 179 -20.05 8.04 -12.43
N ALA D 180 -20.29 6.81 -11.97
CA ALA D 180 -19.15 5.87 -11.85
C ALA D 180 -18.30 5.72 -13.11
N VAL D 181 -18.95 5.41 -14.23
CA VAL D 181 -18.29 5.37 -15.52
C VAL D 181 -17.36 6.58 -15.75
N GLN D 182 -17.81 7.78 -15.46
CA GLN D 182 -16.99 8.92 -15.81
C GLN D 182 -15.74 9.04 -14.94
N TYR D 183 -15.90 8.75 -13.64
CA TYR D 183 -14.79 8.73 -12.67
C TYR D 183 -13.80 7.65 -13.06
N ALA D 184 -14.34 6.45 -13.35
CA ALA D 184 -13.52 5.34 -13.76
C ALA D 184 -12.55 5.74 -14.90
N LYS D 185 -13.09 6.41 -15.93
CA LYS D 185 -12.32 6.88 -17.09
C LYS D 185 -11.26 7.92 -16.74
N ALA D 186 -11.67 8.92 -15.98
CA ALA D 186 -10.79 9.97 -15.50
C ALA D 186 -9.68 9.40 -14.63
N MET D 187 -9.89 8.18 -14.14
CA MET D 187 -8.91 7.58 -13.31
C MET D 187 -7.96 6.66 -14.06
N GLY D 188 -7.94 6.73 -15.39
CA GLY D 188 -7.03 5.90 -16.17
C GLY D 188 -7.56 4.52 -16.51
N LEU D 189 -8.78 4.22 -16.08
CA LEU D 189 -9.34 2.89 -16.17
C LEU D 189 -10.07 2.57 -17.49
N ASN D 190 -10.19 1.29 -17.83
CA ASN D 190 -11.03 0.84 -18.91
C ASN D 190 -12.27 0.24 -18.30
N VAL D 191 -13.43 0.53 -18.90
CA VAL D 191 -14.72 0.32 -18.31
C VAL D 191 -15.61 -0.62 -19.15
N VAL D 192 -16.17 -1.63 -18.48
CA VAL D 192 -17.27 -2.43 -19.02
C VAL D 192 -18.55 -2.03 -18.31
N ALA D 193 -19.42 -1.33 -19.03
CA ALA D 193 -20.73 -0.94 -18.51
C ALA D 193 -21.68 -2.13 -18.68
N VAL D 194 -22.38 -2.49 -17.61
CA VAL D 194 -23.31 -3.63 -17.60
C VAL D 194 -24.65 -3.19 -17.01
N ASP D 195 -25.72 -3.37 -17.79
CA ASP D 195 -27.09 -2.98 -17.41
C ASP D 195 -28.08 -3.76 -18.30
N ILE D 196 -29.35 -3.77 -17.91
CA ILE D 196 -30.39 -4.50 -18.65
C ILE D 196 -31.05 -3.64 -19.75
N GLY D 197 -31.18 -2.34 -19.54
CA GLY D 197 -31.65 -1.46 -20.60
C GLY D 197 -30.58 -1.16 -21.64
N ASP D 198 -30.83 -1.53 -22.90
CA ASP D 198 -29.92 -1.18 -24.00
C ASP D 198 -29.74 0.33 -24.10
N GLU D 199 -30.71 1.08 -23.57
CA GLU D 199 -30.66 2.54 -23.57
C GLU D 199 -29.53 3.08 -22.68
N LYS D 200 -29.51 2.64 -21.42
CA LYS D 200 -28.46 2.95 -20.46
C LYS D 200 -27.05 2.63 -21.00
N LEU D 201 -26.93 1.45 -21.60
CA LEU D 201 -25.72 1.08 -22.31
C LEU D 201 -25.29 2.03 -23.43
N GLU D 202 -26.24 2.73 -24.05
CA GLU D 202 -25.87 3.72 -25.07
C GLU D 202 -25.35 4.94 -24.35
N LEU D 203 -26.04 5.31 -23.27
CA LEU D 203 -25.63 6.41 -22.42
C LEU D 203 -24.20 6.20 -21.86
N ALA D 204 -23.95 5.02 -21.32
CA ALA D 204 -22.63 4.63 -20.87
C ALA D 204 -21.58 4.86 -21.95
N LYS D 205 -21.91 4.53 -23.19
CA LYS D 205 -20.95 4.58 -24.25
C LYS D 205 -20.57 6.04 -24.53
N GLU D 206 -21.56 6.92 -24.49
CA GLU D 206 -21.34 8.36 -24.70
C GLU D 206 -20.45 8.87 -23.59
N LEU D 207 -20.71 8.38 -22.38
CA LEU D 207 -19.96 8.79 -21.20
C LEU D 207 -18.47 8.33 -21.10
N GLY D 208 -17.98 7.54 -22.07
CA GLY D 208 -16.59 7.13 -22.08
C GLY D 208 -16.37 5.63 -21.97
N ALA D 209 -17.43 4.89 -21.63
CA ALA D 209 -17.38 3.46 -21.41
C ALA D 209 -16.85 2.70 -22.62
N ASP D 210 -15.84 1.82 -22.46
CA ASP D 210 -15.18 1.12 -23.60
C ASP D 210 -15.94 -0.08 -24.20
N LEU D 211 -16.76 -0.77 -23.40
CA LEU D 211 -17.49 -1.99 -23.80
C LEU D 211 -18.79 -2.13 -23.00
N VAL D 212 -19.90 -2.54 -23.64
CA VAL D 212 -21.15 -2.79 -22.88
C VAL D 212 -21.67 -4.24 -23.02
N VAL D 213 -22.54 -4.65 -22.10
CA VAL D 213 -23.26 -5.92 -22.21
C VAL D 213 -24.56 -5.89 -21.41
N ASN D 214 -25.53 -6.72 -21.83
CA ASN D 214 -26.93 -6.47 -21.46
C ASN D 214 -27.73 -7.15 -20.31
N PRO D 215 -27.10 -7.79 -19.30
CA PRO D 215 -26.23 -8.89 -19.53
C PRO D 215 -27.15 -9.67 -20.44
N LEU D 216 -27.97 -10.52 -19.85
CA LEU D 216 -29.44 -10.51 -19.99
C LEU D 216 -29.83 -10.55 -21.44
N LYS D 217 -29.23 -11.53 -22.08
CA LYS D 217 -29.32 -11.79 -23.49
C LYS D 217 -27.98 -12.19 -24.07
N GLU D 218 -26.91 -11.68 -23.47
CA GLU D 218 -25.67 -12.42 -23.36
C GLU D 218 -25.50 -12.84 -21.92
N ASP D 219 -24.56 -13.75 -21.68
CA ASP D 219 -23.87 -13.80 -20.38
C ASP D 219 -22.81 -12.70 -20.20
N ALA D 220 -22.94 -11.94 -19.13
CA ALA D 220 -22.00 -10.85 -18.82
C ALA D 220 -20.62 -11.35 -18.40
N ALA D 221 -20.58 -12.24 -17.40
CA ALA D 221 -19.31 -12.83 -16.98
C ALA D 221 -18.56 -13.41 -18.19
N LYS D 222 -19.21 -14.27 -18.97
CA LYS D 222 -18.57 -14.90 -20.12
C LYS D 222 -18.21 -13.86 -21.19
N PHE D 223 -19.02 -12.80 -21.33
CA PHE D 223 -18.70 -11.72 -22.25
C PHE D 223 -17.37 -11.15 -21.81
N MET D 224 -17.28 -10.80 -20.54
CA MET D 224 -16.07 -10.21 -20.00
C MET D 224 -14.91 -11.19 -20.02
N LYS D 225 -15.15 -12.50 -20.07
CA LYS D 225 -14.03 -13.43 -20.05
C LYS D 225 -12.95 -13.00 -21.04
N GLU D 226 -13.25 -12.56 -22.25
CA GLU D 226 -13.39 -13.41 -23.41
C GLU D 226 -12.48 -12.87 -24.56
N LYS D 227 -12.37 -11.57 -24.92
CA LYS D 227 -12.86 -10.24 -24.40
C LYS D 227 -11.87 -9.32 -23.62
N VAL D 228 -11.85 -9.33 -22.30
CA VAL D 228 -10.75 -8.64 -21.59
C VAL D 228 -10.01 -9.55 -20.62
N GLY D 229 -10.33 -10.84 -20.64
CA GLY D 229 -9.74 -11.77 -19.70
C GLY D 229 -10.32 -11.70 -18.28
N GLY D 230 -11.52 -11.14 -18.13
CA GLY D 230 -12.09 -10.92 -16.79
C GLY D 230 -11.62 -9.58 -16.24
N VAL D 231 -12.50 -8.87 -15.55
CA VAL D 231 -12.16 -7.53 -15.12
C VAL D 231 -11.44 -7.50 -13.77
N HIS D 232 -10.52 -6.58 -13.59
CA HIS D 232 -9.82 -6.48 -12.32
C HIS D 232 -10.79 -6.21 -11.18
N ALA D 233 -11.88 -5.54 -11.46
CA ALA D 233 -12.80 -5.24 -10.38
C ALA D 233 -14.20 -4.88 -10.88
N ALA D 234 -15.15 -4.85 -9.96
CA ALA D 234 -16.49 -4.43 -10.25
C ALA D 234 -17.05 -3.55 -9.14
N VAL D 235 -17.70 -2.46 -9.53
CA VAL D 235 -18.41 -1.62 -8.59
C VAL D 235 -19.86 -1.93 -8.88
N VAL D 236 -20.59 -2.46 -7.88
CA VAL D 236 -21.98 -2.91 -8.07
C VAL D 236 -22.99 -1.90 -7.49
N THR D 237 -23.66 -1.13 -8.33
CA THR D 237 -24.37 0.08 -7.86
C THR D 237 -25.84 -0.13 -7.53
N ALA D 238 -26.39 -1.22 -8.03
CA ALA D 238 -27.67 -1.71 -7.53
C ALA D 238 -27.57 -3.23 -7.27
N VAL D 239 -27.31 -3.55 -6.01
CA VAL D 239 -27.05 -4.92 -5.58
C VAL D 239 -28.39 -5.72 -5.44
N SER D 240 -28.74 -6.43 -6.51
CA SER D 240 -29.73 -7.50 -6.43
C SER D 240 -28.93 -8.82 -6.49
N LYS D 241 -29.53 -9.93 -6.03
CA LYS D 241 -28.82 -11.21 -6.05
C LYS D 241 -28.13 -11.46 -7.40
N PRO D 242 -28.87 -11.33 -8.52
CA PRO D 242 -28.27 -11.62 -9.86
C PRO D 242 -27.09 -10.71 -10.25
N ALA D 243 -27.22 -9.41 -10.00
CA ALA D 243 -26.16 -8.45 -10.27
C ALA D 243 -24.88 -8.83 -9.51
N PHE D 244 -25.03 -9.16 -8.24
CA PHE D 244 -23.92 -9.63 -7.43
C PHE D 244 -23.31 -10.91 -8.02
N GLN D 245 -24.10 -11.95 -8.30
CA GLN D 245 -23.52 -13.19 -8.84
C GLN D 245 -22.80 -12.93 -10.16
N SER D 246 -23.32 -12.01 -10.95
CA SER D 246 -22.73 -11.72 -12.26
C SER D 246 -21.40 -10.99 -12.08
N ALA D 247 -21.45 -9.95 -11.25
CA ALA D 247 -20.30 -9.19 -10.85
C ALA D 247 -19.23 -10.13 -10.32
N TYR D 248 -19.59 -10.91 -9.30
CA TYR D 248 -18.69 -11.88 -8.71
C TYR D 248 -17.98 -12.76 -9.74
N ASN D 249 -18.72 -13.20 -10.76
CA ASN D 249 -18.21 -14.19 -11.73
C ASN D 249 -17.44 -13.57 -12.87
N SER D 250 -17.62 -12.25 -13.07
CA SER D 250 -16.95 -11.53 -14.15
C SER D 250 -15.50 -11.13 -13.82
N ILE D 251 -15.29 -10.80 -12.54
CA ILE D 251 -14.01 -10.48 -11.88
C ILE D 251 -12.96 -11.57 -12.08
N ARG D 252 -11.75 -11.20 -12.46
CA ARG D 252 -10.69 -12.21 -12.53
C ARG D 252 -10.19 -12.63 -11.12
N ARG D 253 -9.43 -13.72 -11.05
CA ARG D 253 -8.93 -14.19 -9.76
C ARG D 253 -8.06 -13.11 -9.16
N GLY D 254 -8.09 -12.98 -7.83
CA GLY D 254 -7.43 -11.90 -7.16
C GLY D 254 -8.28 -10.65 -7.11
N GLY D 255 -9.39 -10.68 -7.83
CA GLY D 255 -10.20 -9.50 -8.03
C GLY D 255 -10.96 -8.92 -6.86
N ALA D 256 -11.36 -7.67 -7.02
CA ALA D 256 -12.15 -6.99 -6.03
C ALA D 256 -13.56 -6.72 -6.54
N CYS D 257 -14.54 -7.05 -5.72
CA CYS D 257 -15.88 -6.79 -6.06
C CYS D 257 -16.41 -5.79 -5.03
N VAL D 258 -16.45 -4.51 -5.41
CA VAL D 258 -16.87 -3.46 -4.48
C VAL D 258 -18.38 -3.25 -4.58
N LEU D 259 -19.06 -3.45 -3.44
CA LEU D 259 -20.50 -3.23 -3.30
C LEU D 259 -20.78 -1.81 -2.85
N VAL D 260 -21.83 -1.19 -3.39
CA VAL D 260 -22.18 0.20 -3.06
C VAL D 260 -23.68 0.40 -2.71
N GLY D 261 -24.54 -0.52 -3.16
CA GLY D 261 -25.97 -0.44 -2.84
C GLY D 261 -26.28 -0.81 -1.40
N LEU D 262 -27.51 -0.53 -0.95
CA LEU D 262 -27.93 -0.85 0.41
C LEU D 262 -29.23 -1.65 0.49
N PRO D 263 -29.29 -2.82 -0.16
CA PRO D 263 -30.51 -3.60 -0.07
C PRO D 263 -30.70 -4.29 1.30
N PRO D 264 -31.95 -4.67 1.63
CA PRO D 264 -32.31 -5.21 2.95
C PRO D 264 -31.80 -6.63 3.17
N GLU D 265 -32.02 -7.49 2.20
CA GLU D 265 -31.67 -8.91 2.27
C GLU D 265 -30.15 -9.23 2.31
N GLU D 266 -29.84 -10.52 2.45
CA GLU D 266 -28.45 -11.03 2.42
C GLU D 266 -28.21 -11.78 1.13
N MET D 267 -26.99 -11.66 0.62
CA MET D 267 -26.53 -12.35 -0.61
C MET D 267 -25.46 -13.38 -0.27
N PRO D 268 -25.56 -14.57 -0.88
CA PRO D 268 -24.64 -15.62 -0.46
C PRO D 268 -23.46 -15.68 -1.39
N ILE D 269 -22.30 -15.90 -0.80
CA ILE D 269 -21.06 -16.04 -1.56
C ILE D 269 -20.59 -17.48 -1.52
N PRO D 270 -19.99 -17.94 -2.62
CA PRO D 270 -19.55 -19.32 -2.62
C PRO D 270 -18.21 -19.44 -1.88
N ILE D 271 -18.24 -19.82 -0.61
CA ILE D 271 -17.02 -19.83 0.19
C ILE D 271 -15.84 -20.47 -0.52
N PHE D 272 -16.13 -21.60 -1.15
CA PHE D 272 -15.13 -22.42 -1.80
C PHE D 272 -14.37 -21.69 -2.94
N ASP D 273 -15.06 -20.88 -3.72
CA ASP D 273 -14.38 -20.16 -4.81
C ASP D 273 -13.68 -18.92 -4.27
N THR D 274 -14.35 -18.23 -3.35
CA THR D 274 -13.82 -17.03 -2.71
C THR D 274 -12.41 -17.32 -2.15
N VAL D 275 -12.28 -18.42 -1.42
CA VAL D 275 -10.98 -18.82 -0.90
C VAL D 275 -10.06 -19.22 -2.04
N LEU D 276 -10.53 -20.08 -2.94
CA LEU D 276 -9.66 -20.72 -3.95
C LEU D 276 -9.02 -19.73 -4.90
N ASN D 277 -9.78 -18.68 -5.22
CA ASN D 277 -9.40 -17.68 -6.21
C ASN D 277 -9.05 -16.32 -5.56
N GLY D 278 -8.99 -16.29 -4.24
CA GLY D 278 -8.64 -15.07 -3.52
C GLY D 278 -9.49 -13.88 -3.95
N ILE D 279 -10.80 -14.00 -3.84
CA ILE D 279 -11.67 -12.90 -4.22
C ILE D 279 -11.81 -11.93 -3.03
N LYS D 280 -12.12 -10.66 -3.27
CA LYS D 280 -12.41 -9.74 -2.16
C LYS D 280 -13.78 -9.11 -2.34
N ILE D 281 -14.63 -9.18 -1.32
CA ILE D 281 -15.92 -8.53 -1.37
C ILE D 281 -15.83 -7.39 -0.36
N ILE D 282 -16.13 -6.17 -0.79
CA ILE D 282 -15.90 -4.98 0.04
C ILE D 282 -17.09 -4.05 0.01
N GLY D 283 -17.54 -3.60 1.17
CA GLY D 283 -18.55 -2.54 1.24
C GLY D 283 -17.91 -1.17 1.21
N SER D 284 -18.50 -0.26 0.44
CA SER D 284 -18.06 1.14 0.49
C SER D 284 -19.22 2.07 0.34
N ILE D 285 -19.34 3.01 1.27
CA ILE D 285 -20.24 4.15 1.03
C ILE D 285 -19.68 5.55 1.37
N VAL D 286 -20.23 6.53 0.66
CA VAL D 286 -19.70 7.89 0.63
C VAL D 286 -18.18 7.91 0.75
N GLY D 287 -17.65 8.87 1.51
CA GLY D 287 -16.23 9.03 1.60
C GLY D 287 -15.89 10.19 2.50
N THR D 288 -14.60 10.33 2.79
CA THR D 288 -13.99 11.40 3.57
C THR D 288 -14.31 12.78 3.08
N ARG D 289 -14.26 13.75 3.98
CA ARG D 289 -14.09 15.12 3.55
C ARG D 289 -13.07 15.23 2.39
N LYS D 290 -11.88 14.61 2.49
CA LYS D 290 -10.89 14.68 1.41
C LYS D 290 -11.29 13.90 0.16
N ASP D 291 -11.91 12.74 0.32
CA ASP D 291 -12.49 12.01 -0.81
C ASP D 291 -13.44 12.90 -1.64
N LEU D 292 -14.28 13.67 -0.96
CA LEU D 292 -15.25 14.51 -1.60
C LEU D 292 -14.56 15.67 -2.28
N GLN D 293 -13.55 16.24 -1.64
CA GLN D 293 -12.79 17.32 -2.25
C GLN D 293 -12.19 16.91 -3.59
N GLU D 294 -11.63 15.70 -3.65
CA GLU D 294 -11.15 15.09 -4.88
C GLU D 294 -12.28 14.75 -5.87
N ALA D 295 -13.37 14.21 -5.36
CA ALA D 295 -14.48 13.88 -6.23
C ALA D 295 -14.91 15.19 -6.90
N LEU D 296 -14.97 16.26 -6.11
CA LEU D 296 -15.48 17.57 -6.56
C LEU D 296 -14.60 18.23 -7.61
N GLN D 297 -13.30 18.09 -7.43
CA GLN D 297 -12.34 18.67 -8.32
C GLN D 297 -12.36 18.04 -9.73
N PHE D 298 -12.65 16.75 -9.86
CA PHE D 298 -12.78 16.13 -11.18
C PHE D 298 -13.91 16.81 -11.94
N ALA D 299 -14.99 17.10 -11.20
CA ALA D 299 -16.16 17.76 -11.77
C ALA D 299 -15.79 19.18 -12.14
N ALA D 300 -15.06 19.88 -11.30
CA ALA D 300 -14.65 21.23 -11.66
C ALA D 300 -13.93 21.24 -13.02
N GLU D 301 -13.00 20.31 -13.21
CA GLU D 301 -12.25 20.22 -14.45
C GLU D 301 -13.07 19.66 -15.63
N GLY D 302 -14.36 19.42 -15.40
CA GLY D 302 -15.25 19.00 -16.46
C GLY D 302 -15.18 17.52 -16.84
N LYS D 303 -14.44 16.72 -16.05
CA LYS D 303 -14.28 15.30 -16.36
C LYS D 303 -15.46 14.39 -15.95
N VAL D 304 -16.30 14.83 -15.01
CA VAL D 304 -17.55 14.12 -14.74
C VAL D 304 -18.65 15.15 -14.62
N LYS D 305 -19.69 14.97 -15.41
CA LYS D 305 -20.88 15.78 -15.35
C LYS D 305 -22.01 14.81 -15.00
N THR D 306 -22.85 15.19 -14.04
CA THR D 306 -24.05 14.45 -13.63
C THR D 306 -25.21 14.84 -14.53
N ILE D 307 -26.09 13.89 -14.84
CA ILE D 307 -27.32 14.22 -15.55
C ILE D 307 -28.37 14.61 -14.55
N ILE D 308 -28.66 15.90 -14.44
CA ILE D 308 -29.60 16.40 -13.42
C ILE D 308 -30.97 16.88 -13.98
N GLU D 309 -32.04 16.71 -13.20
CA GLU D 309 -33.34 17.35 -13.47
C GLU D 309 -33.71 18.25 -12.28
N VAL D 310 -34.05 19.49 -12.55
CA VAL D 310 -34.35 20.43 -11.47
C VAL D 310 -35.86 20.53 -11.18
N GLN D 311 -36.22 20.56 -9.91
CA GLN D 311 -37.62 20.71 -9.47
C GLN D 311 -37.62 21.56 -8.19
N PRO D 312 -38.67 22.38 -7.96
CA PRO D 312 -38.65 23.16 -6.70
C PRO D 312 -39.08 22.29 -5.55
N LEU D 313 -38.85 22.75 -4.33
CA LEU D 313 -39.28 21.98 -3.15
C LEU D 313 -40.69 21.38 -3.25
N GLU D 314 -41.68 22.23 -3.56
CA GLU D 314 -43.11 21.83 -3.65
C GLU D 314 -43.37 20.51 -4.41
N LYS D 315 -42.52 20.22 -5.39
CA LYS D 315 -42.64 19.03 -6.23
C LYS D 315 -41.98 17.75 -5.66
N ILE D 316 -41.58 17.76 -4.39
CA ILE D 316 -40.82 16.64 -3.80
C ILE D 316 -41.56 15.29 -3.81
N ASN D 317 -42.79 15.25 -3.28
CA ASN D 317 -43.61 14.03 -3.26
C ASN D 317 -43.87 13.46 -4.62
N GLU D 318 -43.86 14.33 -5.63
CA GLU D 318 -44.10 13.95 -7.03
C GLU D 318 -42.87 13.22 -7.53
N VAL D 319 -41.72 13.66 -7.00
CA VAL D 319 -40.44 13.08 -7.29
C VAL D 319 -40.23 11.77 -6.56
N PHE D 320 -40.63 11.65 -5.29
CA PHE D 320 -40.57 10.32 -4.64
C PHE D 320 -41.49 9.30 -5.34
N ASP D 321 -42.63 9.79 -5.85
CA ASP D 321 -43.55 8.98 -6.69
C ASP D 321 -42.83 8.46 -7.94
N ARG D 322 -42.18 9.37 -8.66
CA ARG D 322 -41.44 8.97 -9.85
C ARG D 322 -40.26 8.07 -9.49
N MET D 323 -39.72 8.26 -8.29
CA MET D 323 -38.63 7.43 -7.76
C MET D 323 -39.04 5.97 -7.53
N LEU D 324 -40.13 5.76 -6.77
CA LEU D 324 -40.66 4.40 -6.53
C LEU D 324 -40.93 3.71 -7.87
N LYS D 325 -41.68 4.38 -8.76
CA LYS D 325 -41.99 3.89 -10.13
C LYS D 325 -40.74 3.62 -10.99
N GLY D 326 -39.57 4.03 -10.49
CA GLY D 326 -38.29 3.84 -11.17
C GLY D 326 -38.08 4.63 -12.45
N GLN D 327 -38.58 5.85 -12.49
CA GLN D 327 -38.59 6.67 -13.72
C GLN D 327 -37.48 7.73 -13.80
N ILE D 328 -36.86 8.07 -12.67
CA ILE D 328 -35.85 9.12 -12.65
C ILE D 328 -34.55 8.67 -13.33
N ASN D 329 -34.25 9.22 -14.50
CA ASN D 329 -33.00 8.84 -15.18
C ASN D 329 -31.90 9.81 -14.83
N GLY D 330 -30.87 9.30 -14.15
CA GLY D 330 -29.88 10.18 -13.55
C GLY D 330 -30.35 10.70 -12.20
N ARG D 331 -30.26 11.99 -11.99
CA ARG D 331 -30.52 12.50 -10.65
C ARG D 331 -31.41 13.69 -10.69
N VAL D 332 -32.21 13.86 -9.65
CA VAL D 332 -33.02 15.05 -9.49
C VAL D 332 -32.40 15.99 -8.47
N VAL D 333 -32.38 17.28 -8.78
CA VAL D 333 -31.85 18.29 -7.87
C VAL D 333 -32.97 19.30 -7.58
N LEU D 334 -33.28 19.50 -6.29
CA LEU D 334 -34.28 20.49 -5.88
C LEU D 334 -33.73 21.89 -5.86
N THR D 335 -34.45 22.82 -6.49
CA THR D 335 -34.16 24.25 -6.38
C THR D 335 -34.92 24.88 -5.21
N LEU D 336 -34.32 25.91 -4.62
CA LEU D 336 -34.93 26.58 -3.46
C LEU D 336 -35.04 28.09 -3.57
N GLU D 337 -34.25 28.68 -4.48
CA GLU D 337 -34.34 30.14 -4.75
C GLU D 337 -35.53 30.52 -5.67
ZN ZN E . -2.35 -29.75 3.12
ZN ZN F . 0.77 -18.19 -14.74
C3 BMD G . -6.45 -26.13 -2.49
C2 BMD G . -6.00 -26.26 -1.05
C1 BMD G . -4.47 -26.46 -0.98
CA BMD G . -3.96 -27.05 0.33
OA BMD G . -4.70 -27.60 1.13
NA BMD G . -2.65 -26.93 0.56
S SO4 H . -8.25 -28.32 11.18
O1 SO4 H . -7.71 -28.62 9.84
O2 SO4 H . -8.10 -26.88 11.42
O3 SO4 H . -9.64 -28.74 11.33
O4 SO4 H . -7.54 -29.07 12.22
ZN ZN I . 18.13 2.70 -23.90
ZN ZN J . 17.40 -13.02 -8.90
C3 BMD K . 21.19 0.75 -16.68
C2 BMD K . 20.28 1.63 -17.53
C1 BMD K . 19.58 0.75 -18.56
CA BMD K . 18.87 1.54 -19.65
OA BMD K . 19.31 2.61 -20.07
NA BMD K . 17.76 0.97 -20.14
S SO4 L . 17.17 12.82 -22.92
O1 SO4 L . 17.49 11.38 -22.96
O2 SO4 L . 16.49 13.24 -24.13
O3 SO4 L . 16.30 13.08 -21.77
O4 SO4 L . 18.38 13.64 -22.87
ZN ZN M . 12.14 16.20 21.99
ZN ZN N . -3.46 21.86 8.24
C3 BMD O . 11.06 19.14 14.85
C2 BMD O . 11.98 18.35 15.76
C1 BMD O . 11.64 18.72 17.18
CA BMD O . 11.27 17.48 17.94
OA BMD O . 12.06 16.94 18.72
NA BMD O . 10.03 17.03 17.70
S SO4 P . 20.73 11.28 20.80
O1 SO4 P . 20.51 10.52 19.58
O2 SO4 P . 19.40 11.59 21.37
O3 SO4 P . 21.58 10.50 21.71
O4 SO4 P . 21.46 12.52 20.55
ZN ZN Q . -27.80 10.89 -1.43
ZN ZN R . -14.85 9.57 15.68
C3 BMD S . -26.14 5.52 4.06
C2 BMD S . -25.83 6.82 3.37
C1 BMD S . -26.46 6.86 1.99
CA BMD S . -26.11 8.19 1.34
OA BMD S . -26.78 8.61 0.40
NA BMD S . -25.07 8.84 1.86
S SO4 T . -29.69 4.33 -8.91
O1 SO4 T . -29.94 4.62 -10.31
O2 SO4 T . -29.36 5.55 -8.15
O3 SO4 T . -30.93 3.74 -8.37
O4 SO4 T . -28.57 3.39 -8.83
#